data_1H9J
# 
_entry.id   1H9J 
# 
_audit_conform.dict_name       mmcif_pdbx.dic 
_audit_conform.dict_version    5.391 
_audit_conform.dict_location   http://mmcif.pdb.org/dictionaries/ascii/mmcif_pdbx.dic 
# 
loop_
_database_2.database_id 
_database_2.database_code 
_database_2.pdbx_database_accession 
_database_2.pdbx_DOI 
PDB   1H9J         pdb_00001h9j 10.2210/pdb1h9j/pdb 
PDBE  EBI-5987     ?            ?                   
WWPDB D_1290005987 ?            ?                   
# 
loop_
_pdbx_audit_revision_history.ordinal 
_pdbx_audit_revision_history.data_content_type 
_pdbx_audit_revision_history.major_revision 
_pdbx_audit_revision_history.minor_revision 
_pdbx_audit_revision_history.revision_date 
1 'Structure model' 1 0 2001-05-11 
2 'Structure model' 1 1 2011-05-07 
3 'Structure model' 1 2 2011-07-13 
4 'Structure model' 1 3 2019-03-06 
5 'Structure model' 1 4 2024-05-08 
# 
_pdbx_audit_revision_details.ordinal             1 
_pdbx_audit_revision_details.revision_ordinal    1 
_pdbx_audit_revision_details.data_content_type   'Structure model' 
_pdbx_audit_revision_details.provider            repository 
_pdbx_audit_revision_details.type                'Initial release' 
_pdbx_audit_revision_details.description         ? 
_pdbx_audit_revision_details.details             ? 
# 
loop_
_pdbx_audit_revision_group.ordinal 
_pdbx_audit_revision_group.revision_ordinal 
_pdbx_audit_revision_group.data_content_type 
_pdbx_audit_revision_group.group 
1 2 'Structure model' 'Version format compliance' 
2 3 'Structure model' 'Version format compliance' 
3 4 'Structure model' 'Data collection'           
4 4 'Structure model' 'Experimental preparation'  
5 4 'Structure model' Other                       
6 5 'Structure model' 'Data collection'           
7 5 'Structure model' 'Database references'       
8 5 'Structure model' Other                       
# 
loop_
_pdbx_audit_revision_category.ordinal 
_pdbx_audit_revision_category.revision_ordinal 
_pdbx_audit_revision_category.data_content_type 
_pdbx_audit_revision_category.category 
1 4 'Structure model' exptl_crystal_grow   
2 4 'Structure model' pdbx_database_proc   
3 4 'Structure model' pdbx_database_status 
4 5 'Structure model' chem_comp_atom       
5 5 'Structure model' chem_comp_bond       
6 5 'Structure model' database_2           
7 5 'Structure model' pdbx_database_status 
# 
loop_
_pdbx_audit_revision_item.ordinal 
_pdbx_audit_revision_item.revision_ordinal 
_pdbx_audit_revision_item.data_content_type 
_pdbx_audit_revision_item.item 
1 4 'Structure model' '_exptl_crystal_grow.method'                  
2 4 'Structure model' '_pdbx_database_status.recvd_author_approval' 
3 5 'Structure model' '_database_2.pdbx_DOI'                        
4 5 'Structure model' '_database_2.pdbx_database_accession'         
5 5 'Structure model' '_pdbx_database_status.status_code_sf'        
# 
_pdbx_database_status.status_code                     REL 
_pdbx_database_status.entry_id                        1H9J 
_pdbx_database_status.deposit_site                    PDBE 
_pdbx_database_status.process_site                    PDBE 
_pdbx_database_status.SG_entry                        . 
_pdbx_database_status.recvd_initial_deposition_date   2001-03-13 
_pdbx_database_status.pdb_format_compatible           Y 
_pdbx_database_status.status_code_sf                  REL 
_pdbx_database_status.status_code_mr                  ? 
_pdbx_database_status.status_code_cs                  ? 
_pdbx_database_status.methods_development_category    ? 
_pdbx_database_status.status_code_nmr_data            ? 
# 
loop_
_pdbx_database_related.db_name 
_pdbx_database_related.db_id 
_pdbx_database_related.content_type 
_pdbx_database_related.details 
PDB 1ATG unspecified 'AZOTOBACTER VINELANDII PERIPLASMIC MOLYBDATE- BINDING PROTEIN' 
PDB 1H9K unspecified 
;TWO CRYSTAL STRUCTURES OF THE CYTOPLASMIC MOLYBDATE-BINDING PROTEIN MODG SUGGEST A NOVEL COOPERATIVE BINDING MECHANISM AND PROVIDE INSIGHTS INTO LIGAND-BINDING SPECIFICITY. PHOSPHATE-GROWN FORM WITH TUNGSTATE AND PHOSPHATE BOUND
;
PDB 1H9M unspecified 
;TWO CRYSTAL STRUCTURES OF THE CYTOPLASMIC MOLYBDATE-BINDING PROTEIN MODG SUGGEST A NOVEL COOPERATIVE BINDING MECHANISM AND PROVIDE INSIGHTS INTO LIGAND-BINDING SPECIFICITY. PEG-GROWN FORM WITH MOLYBDATE BOUND
;
# 
loop_
_audit_author.name 
_audit_author.pdbx_ordinal 
'Delarbre, L.'      1 
'Stevenson, C.E.M.' 2 
'White, D.J.'       3 
'Mitchenall, L.A.'  4 
'Pau, R.N.'         5 
'Lawson, D.M.'      6 
# 
_citation.id                        primary 
_citation.title                     
;Two Crystal Structures of the Cytoplasmic Molybdate-Binding Protein Modg Suggest a Novel Cooperative Binding Mechanism and Provide Insights Into Ligand-Binding Specificity
;
_citation.journal_abbrev            J.Mol.Biol. 
_citation.journal_volume            308 
_citation.page_first                1063 
_citation.page_last                 ? 
_citation.year                      2001 
_citation.journal_id_ASTM           JMOBAK 
_citation.country                   UK 
_citation.journal_id_ISSN           0022-2836 
_citation.journal_id_CSD            0070 
_citation.book_publisher            ? 
_citation.pdbx_database_id_PubMed   11352591 
_citation.pdbx_database_id_DOI      10.1006/JMBI.2001.4636 
# 
loop_
_citation_author.citation_id 
_citation_author.name 
_citation_author.ordinal 
_citation_author.identifier_ORCID 
primary 'Delarbre, L.'      1 ? 
primary 'Stevenson, C.E.M.' 2 ? 
primary 'White, D.J.'       3 ? 
primary 'Mitchenall, L.A.'  4 ? 
primary 'Pau, R.N.'         5 ? 
primary 'Lawson, D.M.'      6 ? 
# 
loop_
_entity.id 
_entity.type 
_entity.src_method 
_entity.pdbx_description 
_entity.formula_weight 
_entity.pdbx_number_of_molecules 
_entity.pdbx_ec 
_entity.pdbx_mutation 
_entity.pdbx_fragment 
_entity.details 
1 polymer     man MOLYBDENUM-BINDING-PROTEIN 14654.964 1  ? ? ? ? 
2 non-polymer syn 'MOLYBDATE ION'            159.938   2  ? ? ? ? 
3 non-polymer syn 'PHOSPHATE ION'            94.971    2  ? ? ? ? 
4 water       nat water                      18.015    77 ? ? ? ? 
# 
_entity_name_com.entity_id   1 
_entity_name_com.name        MODG 
# 
_entity_poly.entity_id                      1 
_entity_poly.type                           'polypeptide(L)' 
_entity_poly.nstd_linkage                   no 
_entity_poly.nstd_monomer                   no 
_entity_poly.pdbx_seq_one_letter_code       
;GSHMKISARNVFKGTVSALKEGAVNAEVDILLGGGDKLAAVVTLESARSLQLAAGKEVVAVVKAPWVLLMTDSSGYRLSA
RNILTGTVKTIETGAVNAEVTLALQGGTEITSMVTKEAVAELGLKPGASASAVIKASNVILGVPA
;
_entity_poly.pdbx_seq_one_letter_code_can   
;GSHMKISARNVFKGTVSALKEGAVNAEVDILLGGGDKLAAVVTLESARSLQLAAGKEVVAVVKAPWVLLMTDSSGYRLSA
RNILTGTVKTIETGAVNAEVTLALQGGTEITSMVTKEAVAELGLKPGASASAVIKASNVILGVPA
;
_entity_poly.pdbx_strand_id                 A 
_entity_poly.pdbx_target_identifier         ? 
# 
loop_
_pdbx_entity_nonpoly.entity_id 
_pdbx_entity_nonpoly.name 
_pdbx_entity_nonpoly.comp_id 
2 'MOLYBDATE ION' MOO 
3 'PHOSPHATE ION' PO4 
4 water           HOH 
# 
loop_
_entity_poly_seq.entity_id 
_entity_poly_seq.num 
_entity_poly_seq.mon_id 
_entity_poly_seq.hetero 
1 1   GLY n 
1 2   SER n 
1 3   HIS n 
1 4   MET n 
1 5   LYS n 
1 6   ILE n 
1 7   SER n 
1 8   ALA n 
1 9   ARG n 
1 10  ASN n 
1 11  VAL n 
1 12  PHE n 
1 13  LYS n 
1 14  GLY n 
1 15  THR n 
1 16  VAL n 
1 17  SER n 
1 18  ALA n 
1 19  LEU n 
1 20  LYS n 
1 21  GLU n 
1 22  GLY n 
1 23  ALA n 
1 24  VAL n 
1 25  ASN n 
1 26  ALA n 
1 27  GLU n 
1 28  VAL n 
1 29  ASP n 
1 30  ILE n 
1 31  LEU n 
1 32  LEU n 
1 33  GLY n 
1 34  GLY n 
1 35  GLY n 
1 36  ASP n 
1 37  LYS n 
1 38  LEU n 
1 39  ALA n 
1 40  ALA n 
1 41  VAL n 
1 42  VAL n 
1 43  THR n 
1 44  LEU n 
1 45  GLU n 
1 46  SER n 
1 47  ALA n 
1 48  ARG n 
1 49  SER n 
1 50  LEU n 
1 51  GLN n 
1 52  LEU n 
1 53  ALA n 
1 54  ALA n 
1 55  GLY n 
1 56  LYS n 
1 57  GLU n 
1 58  VAL n 
1 59  VAL n 
1 60  ALA n 
1 61  VAL n 
1 62  VAL n 
1 63  LYS n 
1 64  ALA n 
1 65  PRO n 
1 66  TRP n 
1 67  VAL n 
1 68  LEU n 
1 69  LEU n 
1 70  MET n 
1 71  THR n 
1 72  ASP n 
1 73  SER n 
1 74  SER n 
1 75  GLY n 
1 76  TYR n 
1 77  ARG n 
1 78  LEU n 
1 79  SER n 
1 80  ALA n 
1 81  ARG n 
1 82  ASN n 
1 83  ILE n 
1 84  LEU n 
1 85  THR n 
1 86  GLY n 
1 87  THR n 
1 88  VAL n 
1 89  LYS n 
1 90  THR n 
1 91  ILE n 
1 92  GLU n 
1 93  THR n 
1 94  GLY n 
1 95  ALA n 
1 96  VAL n 
1 97  ASN n 
1 98  ALA n 
1 99  GLU n 
1 100 VAL n 
1 101 THR n 
1 102 LEU n 
1 103 ALA n 
1 104 LEU n 
1 105 GLN n 
1 106 GLY n 
1 107 GLY n 
1 108 THR n 
1 109 GLU n 
1 110 ILE n 
1 111 THR n 
1 112 SER n 
1 113 MET n 
1 114 VAL n 
1 115 THR n 
1 116 LYS n 
1 117 GLU n 
1 118 ALA n 
1 119 VAL n 
1 120 ALA n 
1 121 GLU n 
1 122 LEU n 
1 123 GLY n 
1 124 LEU n 
1 125 LYS n 
1 126 PRO n 
1 127 GLY n 
1 128 ALA n 
1 129 SER n 
1 130 ALA n 
1 131 SER n 
1 132 ALA n 
1 133 VAL n 
1 134 ILE n 
1 135 LYS n 
1 136 ALA n 
1 137 SER n 
1 138 ASN n 
1 139 VAL n 
1 140 ILE n 
1 141 LEU n 
1 142 GLY n 
1 143 VAL n 
1 144 PRO n 
1 145 ALA n 
# 
_entity_src_gen.entity_id                          1 
_entity_src_gen.pdbx_src_id                        1 
_entity_src_gen.pdbx_alt_source_flag               sample 
_entity_src_gen.pdbx_seq_type                      ? 
_entity_src_gen.pdbx_beg_seq_num                   ? 
_entity_src_gen.pdbx_end_seq_num                   ? 
_entity_src_gen.gene_src_common_name               ? 
_entity_src_gen.gene_src_genus                     ? 
_entity_src_gen.pdbx_gene_src_gene                 MODG 
_entity_src_gen.gene_src_species                   ? 
_entity_src_gen.gene_src_strain                    E162 
_entity_src_gen.gene_src_tissue                    ? 
_entity_src_gen.gene_src_tissue_fraction           ? 
_entity_src_gen.gene_src_details                   ? 
_entity_src_gen.pdbx_gene_src_fragment             ? 
_entity_src_gen.pdbx_gene_src_scientific_name      'AZOTOBACTER VINELANDII' 
_entity_src_gen.pdbx_gene_src_ncbi_taxonomy_id     354 
_entity_src_gen.pdbx_gene_src_variant              ? 
_entity_src_gen.pdbx_gene_src_cell_line            ? 
_entity_src_gen.pdbx_gene_src_atcc                 ? 
_entity_src_gen.pdbx_gene_src_organ                ? 
_entity_src_gen.pdbx_gene_src_organelle            ? 
_entity_src_gen.pdbx_gene_src_cell                 ? 
_entity_src_gen.pdbx_gene_src_cellular_location    CYTOPLASM 
_entity_src_gen.host_org_common_name               ? 
_entity_src_gen.pdbx_host_org_scientific_name      'ESCHERICHIA COLI' 
_entity_src_gen.pdbx_host_org_ncbi_taxonomy_id     511693 
_entity_src_gen.host_org_genus                     ? 
_entity_src_gen.pdbx_host_org_gene                 MODG 
_entity_src_gen.pdbx_host_org_organ                ? 
_entity_src_gen.host_org_species                   ? 
_entity_src_gen.pdbx_host_org_tissue               ? 
_entity_src_gen.pdbx_host_org_tissue_fraction      ? 
_entity_src_gen.pdbx_host_org_strain               BL21 
_entity_src_gen.pdbx_host_org_variant              ? 
_entity_src_gen.pdbx_host_org_cell_line            ? 
_entity_src_gen.pdbx_host_org_atcc                 ? 
_entity_src_gen.pdbx_host_org_culture_collection   ? 
_entity_src_gen.pdbx_host_org_cell                 ? 
_entity_src_gen.pdbx_host_org_organelle            ? 
_entity_src_gen.pdbx_host_org_cellular_location    ? 
_entity_src_gen.pdbx_host_org_vector_type          PLASMID 
_entity_src_gen.pdbx_host_org_vector               PDJW373 
_entity_src_gen.host_org_details                   ? 
_entity_src_gen.expression_system_id               ? 
_entity_src_gen.plasmid_name                       ? 
_entity_src_gen.plasmid_details                    ? 
_entity_src_gen.pdbx_description                   ? 
# 
loop_
_chem_comp.id 
_chem_comp.type 
_chem_comp.mon_nstd_flag 
_chem_comp.name 
_chem_comp.pdbx_synonyms 
_chem_comp.formula 
_chem_comp.formula_weight 
ALA 'L-peptide linking' y ALANINE         ?         'C3 H7 N O2'     89.093  
ARG 'L-peptide linking' y ARGININE        ?         'C6 H15 N4 O2 1' 175.209 
ASN 'L-peptide linking' y ASPARAGINE      ?         'C4 H8 N2 O3'    132.118 
ASP 'L-peptide linking' y 'ASPARTIC ACID' ?         'C4 H7 N O4'     133.103 
GLN 'L-peptide linking' y GLUTAMINE       ?         'C5 H10 N2 O3'   146.144 
GLU 'L-peptide linking' y 'GLUTAMIC ACID' ?         'C5 H9 N O4'     147.129 
GLY 'peptide linking'   y GLYCINE         ?         'C2 H5 N O2'     75.067  
HIS 'L-peptide linking' y HISTIDINE       ?         'C6 H10 N3 O2 1' 156.162 
HOH non-polymer         . WATER           ?         'H2 O'           18.015  
ILE 'L-peptide linking' y ISOLEUCINE      ?         'C6 H13 N O2'    131.173 
LEU 'L-peptide linking' y LEUCINE         ?         'C6 H13 N O2'    131.173 
LYS 'L-peptide linking' y LYSINE          ?         'C6 H15 N2 O2 1' 147.195 
MET 'L-peptide linking' y METHIONINE      ?         'C5 H11 N O2 S'  149.211 
MOO non-polymer         . 'MOLYBDATE ION' MOLYBDATE 'Mo O4 -2'       159.938 
PHE 'L-peptide linking' y PHENYLALANINE   ?         'C9 H11 N O2'    165.189 
PO4 non-polymer         . 'PHOSPHATE ION' ?         'O4 P -3'        94.971  
PRO 'L-peptide linking' y PROLINE         ?         'C5 H9 N O2'     115.130 
SER 'L-peptide linking' y SERINE          ?         'C3 H7 N O3'     105.093 
THR 'L-peptide linking' y THREONINE       ?         'C4 H9 N O3'     119.119 
TRP 'L-peptide linking' y TRYPTOPHAN      ?         'C11 H12 N2 O2'  204.225 
TYR 'L-peptide linking' y TYROSINE        ?         'C9 H11 N O3'    181.189 
VAL 'L-peptide linking' y VALINE          ?         'C5 H11 N O2'    117.146 
# 
loop_
_pdbx_poly_seq_scheme.asym_id 
_pdbx_poly_seq_scheme.entity_id 
_pdbx_poly_seq_scheme.seq_id 
_pdbx_poly_seq_scheme.mon_id 
_pdbx_poly_seq_scheme.ndb_seq_num 
_pdbx_poly_seq_scheme.pdb_seq_num 
_pdbx_poly_seq_scheme.auth_seq_num 
_pdbx_poly_seq_scheme.pdb_mon_id 
_pdbx_poly_seq_scheme.auth_mon_id 
_pdbx_poly_seq_scheme.pdb_strand_id 
_pdbx_poly_seq_scheme.pdb_ins_code 
_pdbx_poly_seq_scheme.hetero 
A 1 1   GLY 1   -3  -3  GLY GLY A . n 
A 1 2   SER 2   -2  -2  SER SER A . n 
A 1 3   HIS 3   -1  -1  HIS HIS A . n 
A 1 4   MET 4   1   1   MET MET A . n 
A 1 5   LYS 5   2   2   LYS LYS A . n 
A 1 6   ILE 6   3   3   ILE ILE A . n 
A 1 7   SER 7   4   4   SER SER A . n 
A 1 8   ALA 8   5   5   ALA ALA A . n 
A 1 9   ARG 9   6   6   ARG ARG A . n 
A 1 10  ASN 10  7   7   ASN ASN A . n 
A 1 11  VAL 11  8   8   VAL VAL A . n 
A 1 12  PHE 12  9   9   PHE PHE A . n 
A 1 13  LYS 13  10  10  LYS LYS A . n 
A 1 14  GLY 14  11  11  GLY GLY A . n 
A 1 15  THR 15  12  12  THR THR A . n 
A 1 16  VAL 16  13  13  VAL VAL A . n 
A 1 17  SER 17  14  14  SER SER A . n 
A 1 18  ALA 18  15  15  ALA ALA A . n 
A 1 19  LEU 19  16  16  LEU LEU A . n 
A 1 20  LYS 20  17  17  LYS LYS A . n 
A 1 21  GLU 21  18  18  GLU GLU A . n 
A 1 22  GLY 22  19  19  GLY GLY A . n 
A 1 23  ALA 23  20  20  ALA ALA A . n 
A 1 24  VAL 24  21  21  VAL VAL A . n 
A 1 25  ASN 25  22  22  ASN ASN A . n 
A 1 26  ALA 26  23  23  ALA ALA A . n 
A 1 27  GLU 27  24  24  GLU GLU A . n 
A 1 28  VAL 28  25  25  VAL VAL A . n 
A 1 29  ASP 29  26  26  ASP ASP A . n 
A 1 30  ILE 30  27  27  ILE ILE A . n 
A 1 31  LEU 31  28  28  LEU LEU A . n 
A 1 32  LEU 32  29  29  LEU LEU A . n 
A 1 33  GLY 33  30  30  GLY GLY A . n 
A 1 34  GLY 34  31  31  GLY GLY A . n 
A 1 35  GLY 35  32  32  GLY GLY A . n 
A 1 36  ASP 36  33  33  ASP ASP A . n 
A 1 37  LYS 37  34  34  LYS LYS A . n 
A 1 38  LEU 38  35  35  LEU LEU A . n 
A 1 39  ALA 39  36  36  ALA ALA A . n 
A 1 40  ALA 40  37  37  ALA ALA A . n 
A 1 41  VAL 41  38  38  VAL VAL A . n 
A 1 42  VAL 42  39  39  VAL VAL A . n 
A 1 43  THR 43  40  40  THR THR A . n 
A 1 44  LEU 44  41  41  LEU LEU A . n 
A 1 45  GLU 45  42  42  GLU GLU A . n 
A 1 46  SER 46  43  43  SER SER A . n 
A 1 47  ALA 47  44  44  ALA ALA A . n 
A 1 48  ARG 48  45  45  ARG ARG A . n 
A 1 49  SER 49  46  46  SER SER A . n 
A 1 50  LEU 50  47  47  LEU LEU A . n 
A 1 51  GLN 51  48  48  GLN GLN A . n 
A 1 52  LEU 52  49  49  LEU LEU A . n 
A 1 53  ALA 53  50  50  ALA ALA A . n 
A 1 54  ALA 54  51  51  ALA ALA A . n 
A 1 55  GLY 55  52  52  GLY GLY A . n 
A 1 56  LYS 56  53  53  LYS LYS A . n 
A 1 57  GLU 57  54  54  GLU GLU A . n 
A 1 58  VAL 58  55  55  VAL VAL A . n 
A 1 59  VAL 59  56  56  VAL VAL A . n 
A 1 60  ALA 60  57  57  ALA ALA A . n 
A 1 61  VAL 61  58  58  VAL VAL A . n 
A 1 62  VAL 62  59  59  VAL VAL A . n 
A 1 63  LYS 63  60  60  LYS LYS A . n 
A 1 64  ALA 64  61  61  ALA ALA A . n 
A 1 65  PRO 65  62  62  PRO PRO A . n 
A 1 66  TRP 66  63  63  TRP TRP A . n 
A 1 67  VAL 67  64  64  VAL VAL A . n 
A 1 68  LEU 68  65  65  LEU LEU A . n 
A 1 69  LEU 69  66  66  LEU LEU A . n 
A 1 70  MET 70  67  67  MET MET A . n 
A 1 71  THR 71  68  68  THR THR A . n 
A 1 72  ASP 72  69  69  ASP ASP A . n 
A 1 73  SER 73  70  70  SER SER A . n 
A 1 74  SER 74  71  71  SER SER A . n 
A 1 75  GLY 75  72  72  GLY GLY A . n 
A 1 76  TYR 76  73  73  TYR TYR A . n 
A 1 77  ARG 77  74  74  ARG ARG A . n 
A 1 78  LEU 78  75  75  LEU LEU A . n 
A 1 79  SER 79  76  76  SER SER A . n 
A 1 80  ALA 80  77  77  ALA ALA A . n 
A 1 81  ARG 81  78  78  ARG ARG A . n 
A 1 82  ASN 82  79  79  ASN ASN A . n 
A 1 83  ILE 83  80  80  ILE ILE A . n 
A 1 84  LEU 84  81  81  LEU LEU A . n 
A 1 85  THR 85  82  82  THR THR A . n 
A 1 86  GLY 86  83  83  GLY GLY A . n 
A 1 87  THR 87  84  84  THR THR A . n 
A 1 88  VAL 88  85  85  VAL VAL A . n 
A 1 89  LYS 89  86  86  LYS LYS A . n 
A 1 90  THR 90  87  87  THR THR A . n 
A 1 91  ILE 91  88  88  ILE ILE A . n 
A 1 92  GLU 92  89  89  GLU GLU A . n 
A 1 93  THR 93  90  90  THR THR A . n 
A 1 94  GLY 94  91  91  GLY GLY A . n 
A 1 95  ALA 95  92  92  ALA ALA A . n 
A 1 96  VAL 96  93  93  VAL VAL A . n 
A 1 97  ASN 97  94  94  ASN ASN A . n 
A 1 98  ALA 98  95  95  ALA ALA A . n 
A 1 99  GLU 99  96  96  GLU GLU A . n 
A 1 100 VAL 100 97  97  VAL VAL A . n 
A 1 101 THR 101 98  98  THR THR A . n 
A 1 102 LEU 102 99  99  LEU LEU A . n 
A 1 103 ALA 103 100 100 ALA ALA A . n 
A 1 104 LEU 104 101 101 LEU LEU A . n 
A 1 105 GLN 105 102 102 GLN GLN A . n 
A 1 106 GLY 106 103 103 GLY GLY A . n 
A 1 107 GLY 107 104 104 GLY GLY A . n 
A 1 108 THR 108 105 105 THR THR A . n 
A 1 109 GLU 109 106 106 GLU GLU A . n 
A 1 110 ILE 110 107 107 ILE ILE A . n 
A 1 111 THR 111 108 108 THR THR A . n 
A 1 112 SER 112 109 109 SER SER A . n 
A 1 113 MET 113 110 110 MET MET A . n 
A 1 114 VAL 114 111 111 VAL VAL A . n 
A 1 115 THR 115 112 112 THR THR A . n 
A 1 116 LYS 116 113 113 LYS LYS A . n 
A 1 117 GLU 117 114 114 GLU GLU A . n 
A 1 118 ALA 118 115 115 ALA ALA A . n 
A 1 119 VAL 119 116 116 VAL VAL A . n 
A 1 120 ALA 120 117 117 ALA ALA A . n 
A 1 121 GLU 121 118 118 GLU GLU A . n 
A 1 122 LEU 122 119 119 LEU LEU A . n 
A 1 123 GLY 123 120 120 GLY GLY A . n 
A 1 124 LEU 124 121 121 LEU LEU A . n 
A 1 125 LYS 125 122 122 LYS LYS A . n 
A 1 126 PRO 126 123 123 PRO PRO A . n 
A 1 127 GLY 127 124 124 GLY GLY A . n 
A 1 128 ALA 128 125 125 ALA ALA A . n 
A 1 129 SER 129 126 126 SER SER A . n 
A 1 130 ALA 130 127 127 ALA ALA A . n 
A 1 131 SER 131 128 128 SER SER A . n 
A 1 132 ALA 132 129 129 ALA ALA A . n 
A 1 133 VAL 133 130 130 VAL VAL A . n 
A 1 134 ILE 134 131 131 ILE ILE A . n 
A 1 135 LYS 135 132 132 LYS LYS A . n 
A 1 136 ALA 136 133 133 ALA ALA A . n 
A 1 137 SER 137 134 134 SER SER A . n 
A 1 138 ASN 138 135 135 ASN ASN A . n 
A 1 139 VAL 139 136 136 VAL VAL A . n 
A 1 140 ILE 140 137 137 ILE ILE A . n 
A 1 141 LEU 141 138 138 LEU LEU A . n 
A 1 142 GLY 142 139 139 GLY GLY A . n 
A 1 143 VAL 143 140 140 VAL VAL A . n 
A 1 144 PRO 144 141 141 PRO PRO A . n 
A 1 145 ALA 145 142 142 ALA ALA A . n 
# 
loop_
_pdbx_nonpoly_scheme.asym_id 
_pdbx_nonpoly_scheme.entity_id 
_pdbx_nonpoly_scheme.mon_id 
_pdbx_nonpoly_scheme.ndb_seq_num 
_pdbx_nonpoly_scheme.pdb_seq_num 
_pdbx_nonpoly_scheme.auth_seq_num 
_pdbx_nonpoly_scheme.pdb_mon_id 
_pdbx_nonpoly_scheme.auth_mon_id 
_pdbx_nonpoly_scheme.pdb_strand_id 
_pdbx_nonpoly_scheme.pdb_ins_code 
B 2 MOO 1  1143 1143 MOO MOO A . 
C 2 MOO 1  1144 1144 MOO MOO A . 
D 3 PO4 1  1145 1145 PO4 PO4 A . 
E 3 PO4 1  1146 1146 PO4 PO4 A . 
F 4 HOH 1  2001 2001 HOH HOH A . 
F 4 HOH 2  2002 2002 HOH HOH A . 
F 4 HOH 3  2003 2003 HOH HOH A . 
F 4 HOH 4  2004 2004 HOH HOH A . 
F 4 HOH 5  2005 2005 HOH HOH A . 
F 4 HOH 6  2006 2006 HOH HOH A . 
F 4 HOH 7  2007 2007 HOH HOH A . 
F 4 HOH 8  2008 2008 HOH HOH A . 
F 4 HOH 9  2009 2009 HOH HOH A . 
F 4 HOH 10 2010 2010 HOH HOH A . 
F 4 HOH 11 2011 2011 HOH HOH A . 
F 4 HOH 12 2012 2012 HOH HOH A . 
F 4 HOH 13 2013 2013 HOH HOH A . 
F 4 HOH 14 2014 2014 HOH HOH A . 
F 4 HOH 15 2015 2015 HOH HOH A . 
F 4 HOH 16 2016 2016 HOH HOH A . 
F 4 HOH 17 2017 2017 HOH HOH A . 
F 4 HOH 18 2018 2018 HOH HOH A . 
F 4 HOH 19 2019 2019 HOH HOH A . 
F 4 HOH 20 2020 2020 HOH HOH A . 
F 4 HOH 21 2021 2021 HOH HOH A . 
F 4 HOH 22 2022 2022 HOH HOH A . 
F 4 HOH 23 2023 2023 HOH HOH A . 
F 4 HOH 24 2024 2024 HOH HOH A . 
F 4 HOH 25 2025 2025 HOH HOH A . 
F 4 HOH 26 2026 2026 HOH HOH A . 
F 4 HOH 27 2027 2027 HOH HOH A . 
F 4 HOH 28 2028 2028 HOH HOH A . 
F 4 HOH 29 2029 2029 HOH HOH A . 
F 4 HOH 30 2030 2030 HOH HOH A . 
F 4 HOH 31 2031 2031 HOH HOH A . 
F 4 HOH 32 2032 2032 HOH HOH A . 
F 4 HOH 33 2033 2033 HOH HOH A . 
F 4 HOH 34 2034 2034 HOH HOH A . 
F 4 HOH 35 2035 2035 HOH HOH A . 
F 4 HOH 36 2036 2036 HOH HOH A . 
F 4 HOH 37 2037 2037 HOH HOH A . 
F 4 HOH 38 2038 2038 HOH HOH A . 
F 4 HOH 39 2039 2039 HOH HOH A . 
F 4 HOH 40 2040 2040 HOH HOH A . 
F 4 HOH 41 2041 2041 HOH HOH A . 
F 4 HOH 42 2042 2042 HOH HOH A . 
F 4 HOH 43 2043 2043 HOH HOH A . 
F 4 HOH 44 2044 2044 HOH HOH A . 
F 4 HOH 45 2045 2045 HOH HOH A . 
F 4 HOH 46 2046 2046 HOH HOH A . 
F 4 HOH 47 2047 2047 HOH HOH A . 
F 4 HOH 48 2048 2048 HOH HOH A . 
F 4 HOH 49 2049 2049 HOH HOH A . 
F 4 HOH 50 2050 2050 HOH HOH A . 
F 4 HOH 51 2051 2051 HOH HOH A . 
F 4 HOH 52 2052 2052 HOH HOH A . 
F 4 HOH 53 2053 2053 HOH HOH A . 
F 4 HOH 54 2054 2054 HOH HOH A . 
F 4 HOH 55 2055 2055 HOH HOH A . 
F 4 HOH 56 2056 2056 HOH HOH A . 
F 4 HOH 57 2057 2057 HOH HOH A . 
F 4 HOH 58 2058 2058 HOH HOH A . 
F 4 HOH 59 2059 2059 HOH HOH A . 
F 4 HOH 60 2060 2060 HOH HOH A . 
F 4 HOH 61 2061 2061 HOH HOH A . 
F 4 HOH 62 2062 2062 HOH HOH A . 
F 4 HOH 63 2063 2063 HOH HOH A . 
F 4 HOH 64 2064 2064 HOH HOH A . 
F 4 HOH 65 2065 2065 HOH HOH A . 
F 4 HOH 66 2066 2066 HOH HOH A . 
F 4 HOH 67 2067 2067 HOH HOH A . 
F 4 HOH 68 2068 2068 HOH HOH A . 
F 4 HOH 69 2069 2069 HOH HOH A . 
F 4 HOH 70 2070 2070 HOH HOH A . 
F 4 HOH 71 2071 2071 HOH HOH A . 
F 4 HOH 72 2072 2072 HOH HOH A . 
F 4 HOH 73 2073 2073 HOH HOH A . 
F 4 HOH 74 2074 2074 HOH HOH A . 
F 4 HOH 75 2075 2075 HOH HOH A . 
F 4 HOH 76 2076 2076 HOH HOH A . 
F 4 HOH 77 2077 2077 HOH HOH A . 
# 
loop_
_pdbx_unobs_or_zero_occ_atoms.id 
_pdbx_unobs_or_zero_occ_atoms.PDB_model_num 
_pdbx_unobs_or_zero_occ_atoms.polymer_flag 
_pdbx_unobs_or_zero_occ_atoms.occupancy_flag 
_pdbx_unobs_or_zero_occ_atoms.auth_asym_id 
_pdbx_unobs_or_zero_occ_atoms.auth_comp_id 
_pdbx_unobs_or_zero_occ_atoms.auth_seq_id 
_pdbx_unobs_or_zero_occ_atoms.PDB_ins_code 
_pdbx_unobs_or_zero_occ_atoms.auth_atom_id 
_pdbx_unobs_or_zero_occ_atoms.label_alt_id 
_pdbx_unobs_or_zero_occ_atoms.label_asym_id 
_pdbx_unobs_or_zero_occ_atoms.label_comp_id 
_pdbx_unobs_or_zero_occ_atoms.label_seq_id 
_pdbx_unobs_or_zero_occ_atoms.label_atom_id 
1  1 Y 1 A LYS 10   ? CG  ? A LYS 13 CG  
2  1 Y 1 A LYS 10   ? CD  ? A LYS 13 CD  
3  1 Y 1 A LYS 10   ? CE  ? A LYS 13 CE  
4  1 Y 1 A LYS 10   ? NZ  ? A LYS 13 NZ  
5  1 Y 1 A LYS 17   ? CG  ? A LYS 20 CG  
6  1 Y 1 A LYS 17   ? CD  ? A LYS 20 CD  
7  1 Y 1 A LYS 17   ? CE  ? A LYS 20 CE  
8  1 Y 1 A LYS 17   ? NZ  ? A LYS 20 NZ  
9  1 Y 1 A LYS 34   ? CG  ? A LYS 37 CG  
10 1 Y 1 A LYS 34   ? CD  ? A LYS 37 CD  
11 1 Y 1 A LYS 34   ? CE  ? A LYS 37 CE  
12 1 Y 1 A LYS 34   ? NZ  ? A LYS 37 NZ  
13 1 Y 1 A LYS 53   ? CG  ? A LYS 56 CG  
14 1 Y 1 A LYS 53   ? CD  ? A LYS 56 CD  
15 1 Y 1 A LYS 53   ? CE  ? A LYS 56 CE  
16 1 Y 1 A LYS 53   ? NZ  ? A LYS 56 NZ  
17 1 Y 1 A ARG 78   ? CG  ? A ARG 81 CG  
18 1 Y 1 A ARG 78   ? CD  ? A ARG 81 CD  
19 1 Y 1 A ARG 78   ? NE  ? A ARG 81 NE  
20 1 Y 1 A ARG 78   ? CZ  ? A ARG 81 CZ  
21 1 Y 1 A ARG 78   ? NH1 ? A ARG 81 NH1 
22 1 Y 1 A ARG 78   ? NH2 ? A ARG 81 NH2 
23 1 N 1 A MOO 1143 ? O3  ? B MOO 1  O3  
24 1 N 1 A MOO 1143 ? O4  ? B MOO 1  O4  
# 
loop_
_software.name 
_software.classification 
_software.version 
_software.citation_id 
_software.pdbx_ordinal 
REFMAC    refinement       . ? 1 
DENZO     'data reduction' . ? 2 
SCALEPACK 'data scaling'   . ? 3 
MLPHARE   phasing          . ? 4 
# 
_cell.entry_id           1H9J 
_cell.length_a           50.685 
_cell.length_b           50.685 
_cell.length_c           79.112 
_cell.angle_alpha        90.00 
_cell.angle_beta         90.00 
_cell.angle_gamma        120.00 
_cell.Z_PDB              6 
_cell.pdbx_unique_axis   ? 
# 
_symmetry.entry_id                         1H9J 
_symmetry.space_group_name_H-M             'P 3 2 1' 
_symmetry.pdbx_full_space_group_name_H-M   ? 
_symmetry.cell_setting                     ? 
_symmetry.Int_Tables_number                150 
# 
_exptl.entry_id          1H9J 
_exptl.method            'X-RAY DIFFRACTION' 
_exptl.crystals_number   1 
# 
_exptl_crystal.id                    1 
_exptl_crystal.density_meas          ? 
_exptl_crystal.density_Matthews      1.34 
_exptl_crystal.density_percent_sol   40 
_exptl_crystal.description           ? 
# 
_exptl_crystal_grow.crystal_id      1 
_exptl_crystal_grow.method          'VAPOR DIFFUSION' 
_exptl_crystal_grow.temp            ? 
_exptl_crystal_grow.temp_details    ? 
_exptl_crystal_grow.pH              8.50 
_exptl_crystal_grow.pdbx_pH_range   ? 
_exptl_crystal_grow.pdbx_details    'VAPOUR DIFFUSION. 75% SATURATED KH2PO4 IN 100MM TRIS-HCL PH8.5 WITH 2MM NA2MOO4., pH 8.50' 
# 
_diffrn.id                     1 
_diffrn.ambient_temp           100.0 
_diffrn.ambient_temp_details   ? 
_diffrn.crystal_id             1 
# 
_diffrn_detector.diffrn_id              1 
_diffrn_detector.detector               CCD 
_diffrn_detector.type                   MARRESEARCH 
_diffrn_detector.pdbx_collection_date   1998-04-15 
_diffrn_detector.details                ? 
# 
_diffrn_radiation.diffrn_id                        1 
_diffrn_radiation.wavelength_id                    1 
_diffrn_radiation.pdbx_monochromatic_or_laue_m_l   M 
_diffrn_radiation.monochromator                    ? 
_diffrn_radiation.pdbx_diffrn_protocol             'SINGLE WAVELENGTH' 
_diffrn_radiation.pdbx_scattering_type             x-ray 
# 
_diffrn_radiation_wavelength.id           1 
_diffrn_radiation_wavelength.wavelength   0.947 
_diffrn_radiation_wavelength.wt           1.0 
# 
_diffrn_source.diffrn_id                   1 
_diffrn_source.source                      SYNCHROTRON 
_diffrn_source.type                        'ESRF BEAMLINE ID14-3' 
_diffrn_source.pdbx_synchrotron_site       ESRF 
_diffrn_source.pdbx_synchrotron_beamline   ID14-3 
_diffrn_source.pdbx_wavelength             0.947 
_diffrn_source.pdbx_wavelength_list        ? 
# 
_reflns.pdbx_diffrn_id               1 
_reflns.pdbx_ordinal                 1 
_reflns.entry_id                     1H9J 
_reflns.observed_criterion_sigma_I   -3.000 
_reflns.observed_criterion_sigma_F   ? 
_reflns.d_resolution_low             44.000 
_reflns.d_resolution_high            1.800 
_reflns.number_obs                   10144 
_reflns.number_all                   ? 
_reflns.percent_possible_obs         98.7 
_reflns.pdbx_Rmerge_I_obs            0.04500 
_reflns.pdbx_Rsym_value              ? 
_reflns.pdbx_netI_over_sigmaI        8.6000 
_reflns.B_iso_Wilson_estimate        19.3 
_reflns.pdbx_redundancy              3.800 
# 
_reflns_shell.pdbx_diffrn_id         1 
_reflns_shell.pdbx_ordinal           1 
_reflns_shell.d_res_high             1.80 
_reflns_shell.d_res_low              1.90 
_reflns_shell.percent_possible_all   98.1 
_reflns_shell.Rmerge_I_obs           0.09200 
_reflns_shell.pdbx_Rsym_value        ? 
_reflns_shell.meanI_over_sigI_obs    5.100 
_reflns_shell.pdbx_redundancy        3.00 
# 
_refine.pdbx_refine_id                           'X-RAY DIFFRACTION' 
_refine.entry_id                                 1H9J 
_refine.pdbx_diffrn_id                           1 
_refine.pdbx_TLS_residual_ADP_flag               ? 
_refine.ls_number_reflns_obs                     10144 
_refine.ls_number_reflns_all                     ? 
_refine.pdbx_ls_sigma_I                          ? 
_refine.pdbx_ls_sigma_F                          0.0 
_refine.pdbx_data_cutoff_high_absF               ? 
_refine.pdbx_data_cutoff_low_absF                ? 
_refine.pdbx_data_cutoff_high_rms_absF           ? 
_refine.ls_d_res_low                             40.0 
_refine.ls_d_res_high                            1.80 
_refine.ls_percent_reflns_obs                    98.7 
_refine.ls_R_factor_obs                          ? 
_refine.ls_R_factor_all                          ? 
_refine.ls_R_factor_R_work                       0.200 
_refine.ls_R_factor_R_free                       0.266 
_refine.ls_R_factor_R_free_error                 ? 
_refine.ls_R_factor_R_free_error_details         ? 
_refine.ls_percent_reflns_R_free                 5.0 
_refine.ls_number_reflns_R_free                  543 
_refine.ls_number_parameters                     ? 
_refine.ls_number_restraints                     ? 
_refine.occupancy_min                            ? 
_refine.occupancy_max                            ? 
_refine.correlation_coeff_Fo_to_Fc               ? 
_refine.correlation_coeff_Fo_to_Fc_free          ? 
_refine.B_iso_mean                               22 
_refine.aniso_B[1][1]                            ? 
_refine.aniso_B[2][2]                            ? 
_refine.aniso_B[3][3]                            ? 
_refine.aniso_B[1][2]                            ? 
_refine.aniso_B[1][3]                            ? 
_refine.aniso_B[2][3]                            ? 
_refine.solvent_model_details                    ? 
_refine.solvent_model_param_ksol                 ? 
_refine.solvent_model_param_bsol                 ? 
_refine.pdbx_solvent_vdw_probe_radii             ? 
_refine.pdbx_solvent_ion_probe_radii             ? 
_refine.pdbx_solvent_shrinkage_radii             ? 
_refine.pdbx_ls_cross_valid_method               THROUGHOUT 
_refine.details                                  ? 
_refine.pdbx_starting_model                      ? 
_refine.pdbx_method_to_determine_struct          MAD 
_refine.pdbx_isotropic_thermal_model             ? 
_refine.pdbx_stereochemistry_target_values       ? 
_refine.pdbx_stereochem_target_val_spec_case     ? 
_refine.pdbx_R_Free_selection_details            RANDOM 
_refine.pdbx_overall_ESU_R                       0.158 
_refine.pdbx_overall_ESU_R_Free                  0.159 
_refine.overall_SU_ML                            ? 
_refine.pdbx_overall_phase_error                 ? 
_refine.overall_SU_B                             ? 
_refine.overall_SU_R_Cruickshank_DPI             ? 
_refine.pdbx_overall_SU_R_free_Cruickshank_DPI   ? 
_refine.pdbx_overall_SU_R_Blow_DPI               ? 
_refine.pdbx_overall_SU_R_free_Blow_DPI          ? 
# 
_refine_hist.pdbx_refine_id                   'X-RAY DIFFRACTION' 
_refine_hist.cycle_id                         LAST 
_refine_hist.pdbx_number_atoms_protein        1004 
_refine_hist.pdbx_number_atoms_nucleic_acid   0 
_refine_hist.pdbx_number_atoms_ligand         18 
_refine_hist.number_atoms_solvent             77 
_refine_hist.number_atoms_total               1099 
_refine_hist.d_res_high                       1.80 
_refine_hist.d_res_low                        40.0 
# 
loop_
_refine_ls_restr.type 
_refine_ls_restr.dev_ideal 
_refine_ls_restr.dev_ideal_target 
_refine_ls_restr.weight 
_refine_ls_restr.number 
_refine_ls_restr.pdbx_refine_id 
_refine_ls_restr.pdbx_restraint_function 
p_bond_d            0.013  0.020 ? ? 'X-RAY DIFFRACTION' ? 
p_angle_d           0.034  0.040 ? ? 'X-RAY DIFFRACTION' ? 
p_angle_deg         ?      ?     ? ? 'X-RAY DIFFRACTION' ? 
p_planar_d          0.037  0.050 ? ? 'X-RAY DIFFRACTION' ? 
p_hb_or_metal_coord ?      ?     ? ? 'X-RAY DIFFRACTION' ? 
p_mcbond_it         3.023  3.000 ? ? 'X-RAY DIFFRACTION' ? 
p_mcangle_it        3.754  5.000 ? ? 'X-RAY DIFFRACTION' ? 
p_scbond_it         5.173  6.000 ? ? 'X-RAY DIFFRACTION' ? 
p_scangle_it        6.732  8.000 ? ? 'X-RAY DIFFRACTION' ? 
p_plane_restr       0.0225 0.03  ? ? 'X-RAY DIFFRACTION' ? 
p_chiral_restr      0.128  0.150 ? ? 'X-RAY DIFFRACTION' ? 
p_singtor_nbd       0.175  0.300 ? ? 'X-RAY DIFFRACTION' ? 
p_multtor_nbd       0.257  0.300 ? ? 'X-RAY DIFFRACTION' ? 
p_xhyhbond_nbd      ?      ?     ? ? 'X-RAY DIFFRACTION' ? 
p_xyhbond_nbd       0.163  0.300 ? ? 'X-RAY DIFFRACTION' ? 
p_planar_tor        3.8    7.0   ? ? 'X-RAY DIFFRACTION' ? 
p_staggered_tor     12.8   15.0  ? ? 'X-RAY DIFFRACTION' ? 
p_orthonormal_tor   ?      ?     ? ? 'X-RAY DIFFRACTION' ? 
p_transverse_tor    44.8   20.0  ? ? 'X-RAY DIFFRACTION' ? 
p_special_tor       ?      ?     ? ? 'X-RAY DIFFRACTION' ? 
# 
_struct.entry_id                  1H9J 
_struct.title                     
;Two crystal structures of the cytoplasmic molybdate-binding protein ModG suggest a novel cooperative binding mechanism and provide insights into ligand-binding specificity. Phosphate-grown form with molybdate and phosphate bound
;
_struct.pdbx_model_details        ? 
_struct.pdbx_CASP_flag            ? 
_struct.pdbx_model_type_details   ? 
# 
_struct_keywords.entry_id        1H9J 
_struct_keywords.pdbx_keywords   'BINDING PROTEIN' 
_struct_keywords.text            'BINDING PROTEIN, MOLYBDATE HOMEOSTASIS' 
# 
loop_
_struct_asym.id 
_struct_asym.pdbx_blank_PDB_chainid_flag 
_struct_asym.pdbx_modified 
_struct_asym.entity_id 
_struct_asym.details 
A N N 1 ? 
B N N 2 ? 
C N N 2 ? 
D N N 3 ? 
E N N 3 ? 
F N N 4 ? 
# 
loop_
_struct_ref.id 
_struct_ref.db_name 
_struct_ref.db_code 
_struct_ref.entity_id 
_struct_ref.pdbx_seq_one_letter_code 
_struct_ref.pdbx_align_begin 
_struct_ref.pdbx_db_accession 
_struct_ref.pdbx_db_isoform 
1 PDB 1H9J   1 ? ? 1H9J   ? 
2 UNP Q44529 1 ? ? Q44529 ? 
# 
loop_
_struct_ref_seq.align_id 
_struct_ref_seq.ref_id 
_struct_ref_seq.pdbx_PDB_id_code 
_struct_ref_seq.pdbx_strand_id 
_struct_ref_seq.seq_align_beg 
_struct_ref_seq.pdbx_seq_align_beg_ins_code 
_struct_ref_seq.seq_align_end 
_struct_ref_seq.pdbx_seq_align_end_ins_code 
_struct_ref_seq.pdbx_db_accession 
_struct_ref_seq.db_align_beg 
_struct_ref_seq.pdbx_db_align_beg_ins_code 
_struct_ref_seq.db_align_end 
_struct_ref_seq.pdbx_db_align_end_ins_code 
_struct_ref_seq.pdbx_auth_seq_align_beg 
_struct_ref_seq.pdbx_auth_seq_align_end 
1 1 1H9J A 1 ? 3   ? 1H9J   -3 ? -1  ? -3 -1  
2 2 1H9J A 4 ? 145 ? Q44529 1  ? 142 ? 1  142 
# 
_pdbx_struct_assembly.id                   1 
_pdbx_struct_assembly.details              author_and_software_defined_assembly 
_pdbx_struct_assembly.method_details       PQS 
_pdbx_struct_assembly.oligomeric_details   trimeric 
_pdbx_struct_assembly.oligomeric_count     3 
# 
_pdbx_struct_assembly_gen.assembly_id       1 
_pdbx_struct_assembly_gen.oper_expression   1,2,3 
_pdbx_struct_assembly_gen.asym_id_list      A,B,C,D,E,F 
# 
loop_
_pdbx_struct_oper_list.id 
_pdbx_struct_oper_list.type 
_pdbx_struct_oper_list.name 
_pdbx_struct_oper_list.symmetry_operation 
_pdbx_struct_oper_list.matrix[1][1] 
_pdbx_struct_oper_list.matrix[1][2] 
_pdbx_struct_oper_list.matrix[1][3] 
_pdbx_struct_oper_list.vector[1] 
_pdbx_struct_oper_list.matrix[2][1] 
_pdbx_struct_oper_list.matrix[2][2] 
_pdbx_struct_oper_list.matrix[2][3] 
_pdbx_struct_oper_list.vector[2] 
_pdbx_struct_oper_list.matrix[3][1] 
_pdbx_struct_oper_list.matrix[3][2] 
_pdbx_struct_oper_list.matrix[3][3] 
_pdbx_struct_oper_list.vector[3] 
1 'identity operation'         1_555 x,y,z         1.0000000000 0.0000000000 0.0000000000  0.0000000000  0.0000000000 1.0000000000  0.0000000000  0.0000000000  0.0000000000  0.0000000000  1.0000000000  0.0000000000  
2 'crystal symmetry operation' 2_655 -y+1,x-y,z    0.8518636422 0.4139616828 -0.3208801337 1.9663358186  0.4753387660 -0.3537472154 0.8055532044  -3.4844366260 0.2199577063  -0.8387482535 -0.4981164268 21.9745482178 
3 'crystal symmetry operation' 3_665 -x+y+1,-x+1,z 0.8518636422 0.4753387660 0.2199577063  -4.8522334087 0.4139616828 -0.3537472154 -0.8387482535 16.3845165008 -0.3208801337 0.8055532044  -0.4981164268 14.3837406290 
# 
_struct_biol.id   1 
# 
loop_
_struct_conf.conf_type_id 
_struct_conf.id 
_struct_conf.pdbx_PDB_helix_id 
_struct_conf.beg_label_comp_id 
_struct_conf.beg_label_asym_id 
_struct_conf.beg_label_seq_id 
_struct_conf.pdbx_beg_PDB_ins_code 
_struct_conf.end_label_comp_id 
_struct_conf.end_label_asym_id 
_struct_conf.end_label_seq_id 
_struct_conf.pdbx_end_PDB_ins_code 
_struct_conf.beg_auth_comp_id 
_struct_conf.beg_auth_asym_id 
_struct_conf.beg_auth_seq_id 
_struct_conf.end_auth_comp_id 
_struct_conf.end_auth_asym_id 
_struct_conf.end_auth_seq_id 
_struct_conf.pdbx_PDB_helix_class 
_struct_conf.details 
_struct_conf.pdbx_PDB_helix_length 
HELX_P HELX_P1 1 LEU A 44  ? LEU A 50  ? LEU A 41  LEU A 47  1 ? 7 
HELX_P HELX_P2 2 LYS A 63  ? VAL A 67  ? LYS A 60  VAL A 64  5 ? 5 
HELX_P HELX_P3 3 LYS A 116 ? GLY A 123 ? LYS A 113 GLY A 120 1 ? 8 
HELX_P HELX_P4 4 LYS A 135 ? VAL A 139 ? LYS A 132 VAL A 136 5 ? 5 
# 
_struct_conf_type.id          HELX_P 
_struct_conf_type.criteria    ? 
_struct_conf_type.reference   ? 
# 
loop_
_struct_sheet.id 
_struct_sheet.type 
_struct_sheet.number_strands 
_struct_sheet.details 
AA ? 5 ? 
AB ? 5 ? 
# 
loop_
_struct_sheet_order.sheet_id 
_struct_sheet_order.range_id_1 
_struct_sheet_order.range_id_2 
_struct_sheet_order.offset 
_struct_sheet_order.sense 
AA 1 2 ? anti-parallel 
AA 2 3 ? anti-parallel 
AA 3 4 ? anti-parallel 
AA 4 5 ? anti-parallel 
AB 1 2 ? anti-parallel 
AB 2 3 ? anti-parallel 
AB 3 4 ? anti-parallel 
AB 4 5 ? anti-parallel 
# 
loop_
_struct_sheet_range.sheet_id 
_struct_sheet_range.id 
_struct_sheet_range.beg_label_comp_id 
_struct_sheet_range.beg_label_asym_id 
_struct_sheet_range.beg_label_seq_id 
_struct_sheet_range.pdbx_beg_PDB_ins_code 
_struct_sheet_range.end_label_comp_id 
_struct_sheet_range.end_label_asym_id 
_struct_sheet_range.end_label_seq_id 
_struct_sheet_range.pdbx_end_PDB_ins_code 
_struct_sheet_range.beg_auth_comp_id 
_struct_sheet_range.beg_auth_asym_id 
_struct_sheet_range.beg_auth_seq_id 
_struct_sheet_range.end_auth_comp_id 
_struct_sheet_range.end_auth_asym_id 
_struct_sheet_range.end_auth_seq_id 
AA 1 LYS A 37  ? THR A 43  ? LYS A 34  THR A 40  
AA 2 ASN A 25  ? LEU A 32  ? ASN A 22  LEU A 29  
AA 3 ASN A 10  ? GLU A 21  ? ASN A 7   GLU A 18  
AA 4 GLU A 57  ? VAL A 62  ? GLU A 54  VAL A 59  
AA 5 ILE A 140 ? GLY A 142 ? ILE A 137 GLY A 139 
AB 1 LEU A 68  ? MET A 70  ? LEU A 65  MET A 67  
AB 2 SER A 129 ? ILE A 134 ? SER A 126 ILE A 131 
AB 3 ASN A 82  ? THR A 93  ? ASN A 79  THR A 90  
AB 4 ASN A 97  ? LEU A 104 ? ASN A 94  LEU A 101 
AB 5 GLU A 109 ? THR A 115 ? GLU A 106 THR A 112 
# 
loop_
_pdbx_struct_sheet_hbond.sheet_id 
_pdbx_struct_sheet_hbond.range_id_1 
_pdbx_struct_sheet_hbond.range_id_2 
_pdbx_struct_sheet_hbond.range_1_label_atom_id 
_pdbx_struct_sheet_hbond.range_1_label_comp_id 
_pdbx_struct_sheet_hbond.range_1_label_asym_id 
_pdbx_struct_sheet_hbond.range_1_label_seq_id 
_pdbx_struct_sheet_hbond.range_1_PDB_ins_code 
_pdbx_struct_sheet_hbond.range_1_auth_atom_id 
_pdbx_struct_sheet_hbond.range_1_auth_comp_id 
_pdbx_struct_sheet_hbond.range_1_auth_asym_id 
_pdbx_struct_sheet_hbond.range_1_auth_seq_id 
_pdbx_struct_sheet_hbond.range_2_label_atom_id 
_pdbx_struct_sheet_hbond.range_2_label_comp_id 
_pdbx_struct_sheet_hbond.range_2_label_asym_id 
_pdbx_struct_sheet_hbond.range_2_label_seq_id 
_pdbx_struct_sheet_hbond.range_2_PDB_ins_code 
_pdbx_struct_sheet_hbond.range_2_auth_atom_id 
_pdbx_struct_sheet_hbond.range_2_auth_comp_id 
_pdbx_struct_sheet_hbond.range_2_auth_asym_id 
_pdbx_struct_sheet_hbond.range_2_auth_seq_id 
AA 1 2 N VAL A 42  ? N VAL A 39  O ALA A 26  ? O ALA A 23  
AA 2 3 N LEU A 31  ? N LEU A 28  O THR A 15  ? O THR A 12  
AA 3 4 N GLY A 14  ? N GLY A 11  O VAL A 58  ? O VAL A 55  
AA 4 5 N VAL A 61  ? N VAL A 58  O ILE A 140 ? O ILE A 137 
AB 1 2 N MET A 70  ? N MET A 67  O SER A 131 ? O SER A 128 
AB 2 3 N ILE A 134 ? N ILE A 131 O ASN A 82  ? O ASN A 79  
AB 3 4 N GLU A 92  ? N GLU A 89  O GLU A 99  ? O GLU A 96  
AB 4 5 N LEU A 102 ? N LEU A 99  O ILE A 110 ? O ILE A 107 
# 
loop_
_struct_site.id 
_struct_site.pdbx_evidence_code 
_struct_site.pdbx_auth_asym_id 
_struct_site.pdbx_auth_comp_id 
_struct_site.pdbx_auth_seq_id 
_struct_site.pdbx_auth_ins_code 
_struct_site.pdbx_num_residues 
_struct_site.details 
AC1 Software ? ? ? ? 11 'BINDING SITE FOR RESIDUE PO4 A1145' 
AC2 Software ? ? ? ? 7  'BINDING SITE FOR RESIDUE PO4 A1146' 
AC3 Software ? ? ? ? 3  'BINDING SITE FOR RESIDUE MOO A1143' 
AC4 Software ? ? ? ? 9  'BINDING SITE FOR RESIDUE MOO A1144' 
# 
loop_
_struct_site_gen.id 
_struct_site_gen.site_id 
_struct_site_gen.pdbx_num_res 
_struct_site_gen.label_comp_id 
_struct_site_gen.label_asym_id 
_struct_site_gen.label_seq_id 
_struct_site_gen.pdbx_auth_ins_code 
_struct_site_gen.auth_comp_id 
_struct_site_gen.auth_asym_id 
_struct_site_gen.auth_seq_id 
_struct_site_gen.label_atom_id 
_struct_site_gen.label_alt_id 
_struct_site_gen.symmetry 
_struct_site_gen.details 
1  AC1 11 SER A 79  ? SER A 76   . ? 1_555 ? 
2  AC1 11 ALA A 80  ? ALA A 77   . ? 1_555 ? 
3  AC1 11 ARG A 81  ? ARG A 78   . ? 1_555 ? 
4  AC1 11 LYS A 135 ? LYS A 132  . ? 1_555 ? 
5  AC1 11 ALA A 136 ? ALA A 133  . ? 1_555 ? 
6  AC1 11 SER A 137 ? SER A 134  . ? 1_555 ? 
7  AC1 11 PO4 E .   ? PO4 A 1146 . ? 1_555 ? 
8  AC1 11 HOH F .   ? HOH A 2036 . ? 1_555 ? 
9  AC1 11 HOH F .   ? HOH A 2037 . ? 1_555 ? 
10 AC1 11 HOH F .   ? HOH A 2076 . ? 1_555 ? 
11 AC1 11 HOH F .   ? HOH A 2077 . ? 1_555 ? 
12 AC2 7  ASN A 25  ? ASN A 22   . ? 1_555 ? 
13 AC2 7  VAL A 41  ? VAL A 38   . ? 1_555 ? 
14 AC2 7  VAL A 42  ? VAL A 39   . ? 1_555 ? 
15 AC2 7  THR A 43  ? THR A 40   . ? 1_555 ? 
16 AC2 7  LYS A 135 ? LYS A 132  . ? 1_555 ? 
17 AC2 7  SER A 137 ? SER A 134  . ? 1_555 ? 
18 AC2 7  PO4 D .   ? PO4 A 1145 . ? 1_555 ? 
19 AC3 3  ALA A 95  ? ALA A 92   . ? 1_555 ? 
20 AC3 3  VAL A 96  ? VAL A 93   . ? 1_555 ? 
21 AC3 3  ASN A 97  ? ASN A 94   . ? 1_555 ? 
22 AC4 9  SER A 7   ? SER A 4    . ? 1_555 ? 
23 AC4 9  ALA A 8   ? ALA A 5    . ? 1_555 ? 
24 AC4 9  ARG A 9   ? ARG A 6    . ? 1_555 ? 
25 AC4 9  LYS A 63  ? LYS A 60   . ? 1_555 ? 
26 AC4 9  ALA A 64  ? ALA A 61   . ? 1_555 ? 
27 AC4 9  PRO A 65  ? PRO A 62   . ? 1_555 ? 
28 AC4 9  THR A 115 ? THR A 112  . ? 1_555 ? 
29 AC4 9  ALA A 118 ? ALA A 115  . ? 1_555 ? 
30 AC4 9  HOH F .   ? HOH A 2075 . ? 1_555 ? 
# 
_pdbx_validate_symm_contact.id                1 
_pdbx_validate_symm_contact.PDB_model_num     1 
_pdbx_validate_symm_contact.auth_atom_id_1    MO 
_pdbx_validate_symm_contact.auth_asym_id_1    A 
_pdbx_validate_symm_contact.auth_comp_id_1    MOO 
_pdbx_validate_symm_contact.auth_seq_id_1     1143 
_pdbx_validate_symm_contact.PDB_ins_code_1    ? 
_pdbx_validate_symm_contact.label_alt_id_1    ? 
_pdbx_validate_symm_contact.site_symmetry_1   1_555 
_pdbx_validate_symm_contact.auth_atom_id_2    O2 
_pdbx_validate_symm_contact.auth_asym_id_2    A 
_pdbx_validate_symm_contact.auth_comp_id_2    MOO 
_pdbx_validate_symm_contact.auth_seq_id_2     1143 
_pdbx_validate_symm_contact.PDB_ins_code_2    ? 
_pdbx_validate_symm_contact.label_alt_id_2    ? 
_pdbx_validate_symm_contact.site_symmetry_2   3_665 
_pdbx_validate_symm_contact.dist              1.79 
# 
loop_
_pdbx_validate_rmsd_bond.id 
_pdbx_validate_rmsd_bond.PDB_model_num 
_pdbx_validate_rmsd_bond.auth_atom_id_1 
_pdbx_validate_rmsd_bond.auth_asym_id_1 
_pdbx_validate_rmsd_bond.auth_comp_id_1 
_pdbx_validate_rmsd_bond.auth_seq_id_1 
_pdbx_validate_rmsd_bond.PDB_ins_code_1 
_pdbx_validate_rmsd_bond.label_alt_id_1 
_pdbx_validate_rmsd_bond.auth_atom_id_2 
_pdbx_validate_rmsd_bond.auth_asym_id_2 
_pdbx_validate_rmsd_bond.auth_comp_id_2 
_pdbx_validate_rmsd_bond.auth_seq_id_2 
_pdbx_validate_rmsd_bond.PDB_ins_code_2 
_pdbx_validate_rmsd_bond.label_alt_id_2 
_pdbx_validate_rmsd_bond.bond_value 
_pdbx_validate_rmsd_bond.bond_target_value 
_pdbx_validate_rmsd_bond.bond_deviation 
_pdbx_validate_rmsd_bond.bond_standard_deviation 
_pdbx_validate_rmsd_bond.linker_flag 
1 1 CB A THR 12 ? ? OG1 A THR 12 ? C 1.188 1.428 -0.240 0.020 N 
2 1 CB A THR 12 ? ? CG2 A THR 12 ? C 1.231 1.519 -0.288 0.033 N 
# 
loop_
_pdbx_validate_rmsd_angle.id 
_pdbx_validate_rmsd_angle.PDB_model_num 
_pdbx_validate_rmsd_angle.auth_atom_id_1 
_pdbx_validate_rmsd_angle.auth_asym_id_1 
_pdbx_validate_rmsd_angle.auth_comp_id_1 
_pdbx_validate_rmsd_angle.auth_seq_id_1 
_pdbx_validate_rmsd_angle.PDB_ins_code_1 
_pdbx_validate_rmsd_angle.label_alt_id_1 
_pdbx_validate_rmsd_angle.auth_atom_id_2 
_pdbx_validate_rmsd_angle.auth_asym_id_2 
_pdbx_validate_rmsd_angle.auth_comp_id_2 
_pdbx_validate_rmsd_angle.auth_seq_id_2 
_pdbx_validate_rmsd_angle.PDB_ins_code_2 
_pdbx_validate_rmsd_angle.label_alt_id_2 
_pdbx_validate_rmsd_angle.auth_atom_id_3 
_pdbx_validate_rmsd_angle.auth_asym_id_3 
_pdbx_validate_rmsd_angle.auth_comp_id_3 
_pdbx_validate_rmsd_angle.auth_seq_id_3 
_pdbx_validate_rmsd_angle.PDB_ins_code_3 
_pdbx_validate_rmsd_angle.label_alt_id_3 
_pdbx_validate_rmsd_angle.angle_value 
_pdbx_validate_rmsd_angle.angle_target_value 
_pdbx_validate_rmsd_angle.angle_deviation 
_pdbx_validate_rmsd_angle.angle_standard_deviation 
_pdbx_validate_rmsd_angle.linker_flag 
1 1 NE  A ARG 6   ? ? CZ A ARG 6   ? ? NH2 A ARG 6   ? ? 124.05 120.30 3.75   0.50 N 
2 1 OG1 A THR 12  ? C CB A THR 12  ? ? CG2 A THR 12  ? C 89.67  110.00 -20.33 2.30 N 
3 1 CG1 A VAL 93  ? ? CB A VAL 93  ? ? CG2 A VAL 93  ? ? 100.94 110.90 -9.96  1.60 N 
4 1 N   A LYS 122 ? ? CA A LYS 122 ? ? CB  A LYS 122 ? ? 99.12  110.60 -11.48 1.80 N 
# 
_pdbx_validate_torsion.id              1 
_pdbx_validate_torsion.PDB_model_num   1 
_pdbx_validate_torsion.auth_comp_id    LYS 
_pdbx_validate_torsion.auth_asym_id    A 
_pdbx_validate_torsion.auth_seq_id     122 
_pdbx_validate_torsion.PDB_ins_code    ? 
_pdbx_validate_torsion.label_alt_id    ? 
_pdbx_validate_torsion.phi             -172.25 
_pdbx_validate_torsion.psi             148.79 
# 
loop_
_pdbx_validate_main_chain_plane.id 
_pdbx_validate_main_chain_plane.PDB_model_num 
_pdbx_validate_main_chain_plane.auth_comp_id 
_pdbx_validate_main_chain_plane.auth_asym_id 
_pdbx_validate_main_chain_plane.auth_seq_id 
_pdbx_validate_main_chain_plane.PDB_ins_code 
_pdbx_validate_main_chain_plane.label_alt_id 
_pdbx_validate_main_chain_plane.improper_torsion_angle 
1 1 HIS A -1 ? ? -24.17 
2 1 ASN A 7  ? ? 11.35  
3 1 THR A 68 ? ? 14.32  
4 1 THR A 87 ? ? 10.66  
# 
loop_
_pdbx_struct_special_symmetry.id 
_pdbx_struct_special_symmetry.PDB_model_num 
_pdbx_struct_special_symmetry.auth_asym_id 
_pdbx_struct_special_symmetry.auth_comp_id 
_pdbx_struct_special_symmetry.auth_seq_id 
_pdbx_struct_special_symmetry.PDB_ins_code 
_pdbx_struct_special_symmetry.label_asym_id 
_pdbx_struct_special_symmetry.label_comp_id 
_pdbx_struct_special_symmetry.label_seq_id 
1 1 A MOO 1143 ? B MOO . 
2 1 A MOO 1143 ? B MOO . 
# 
loop_
_chem_comp_atom.comp_id 
_chem_comp_atom.atom_id 
_chem_comp_atom.type_symbol 
_chem_comp_atom.pdbx_aromatic_flag 
_chem_comp_atom.pdbx_stereo_config 
_chem_comp_atom.pdbx_ordinal 
ALA N    N  N N 1   
ALA CA   C  N S 2   
ALA C    C  N N 3   
ALA O    O  N N 4   
ALA CB   C  N N 5   
ALA OXT  O  N N 6   
ALA H    H  N N 7   
ALA H2   H  N N 8   
ALA HA   H  N N 9   
ALA HB1  H  N N 10  
ALA HB2  H  N N 11  
ALA HB3  H  N N 12  
ALA HXT  H  N N 13  
ARG N    N  N N 14  
ARG CA   C  N S 15  
ARG C    C  N N 16  
ARG O    O  N N 17  
ARG CB   C  N N 18  
ARG CG   C  N N 19  
ARG CD   C  N N 20  
ARG NE   N  N N 21  
ARG CZ   C  N N 22  
ARG NH1  N  N N 23  
ARG NH2  N  N N 24  
ARG OXT  O  N N 25  
ARG H    H  N N 26  
ARG H2   H  N N 27  
ARG HA   H  N N 28  
ARG HB2  H  N N 29  
ARG HB3  H  N N 30  
ARG HG2  H  N N 31  
ARG HG3  H  N N 32  
ARG HD2  H  N N 33  
ARG HD3  H  N N 34  
ARG HE   H  N N 35  
ARG HH11 H  N N 36  
ARG HH12 H  N N 37  
ARG HH21 H  N N 38  
ARG HH22 H  N N 39  
ARG HXT  H  N N 40  
ASN N    N  N N 41  
ASN CA   C  N S 42  
ASN C    C  N N 43  
ASN O    O  N N 44  
ASN CB   C  N N 45  
ASN CG   C  N N 46  
ASN OD1  O  N N 47  
ASN ND2  N  N N 48  
ASN OXT  O  N N 49  
ASN H    H  N N 50  
ASN H2   H  N N 51  
ASN HA   H  N N 52  
ASN HB2  H  N N 53  
ASN HB3  H  N N 54  
ASN HD21 H  N N 55  
ASN HD22 H  N N 56  
ASN HXT  H  N N 57  
ASP N    N  N N 58  
ASP CA   C  N S 59  
ASP C    C  N N 60  
ASP O    O  N N 61  
ASP CB   C  N N 62  
ASP CG   C  N N 63  
ASP OD1  O  N N 64  
ASP OD2  O  N N 65  
ASP OXT  O  N N 66  
ASP H    H  N N 67  
ASP H2   H  N N 68  
ASP HA   H  N N 69  
ASP HB2  H  N N 70  
ASP HB3  H  N N 71  
ASP HD2  H  N N 72  
ASP HXT  H  N N 73  
GLN N    N  N N 74  
GLN CA   C  N S 75  
GLN C    C  N N 76  
GLN O    O  N N 77  
GLN CB   C  N N 78  
GLN CG   C  N N 79  
GLN CD   C  N N 80  
GLN OE1  O  N N 81  
GLN NE2  N  N N 82  
GLN OXT  O  N N 83  
GLN H    H  N N 84  
GLN H2   H  N N 85  
GLN HA   H  N N 86  
GLN HB2  H  N N 87  
GLN HB3  H  N N 88  
GLN HG2  H  N N 89  
GLN HG3  H  N N 90  
GLN HE21 H  N N 91  
GLN HE22 H  N N 92  
GLN HXT  H  N N 93  
GLU N    N  N N 94  
GLU CA   C  N S 95  
GLU C    C  N N 96  
GLU O    O  N N 97  
GLU CB   C  N N 98  
GLU CG   C  N N 99  
GLU CD   C  N N 100 
GLU OE1  O  N N 101 
GLU OE2  O  N N 102 
GLU OXT  O  N N 103 
GLU H    H  N N 104 
GLU H2   H  N N 105 
GLU HA   H  N N 106 
GLU HB2  H  N N 107 
GLU HB3  H  N N 108 
GLU HG2  H  N N 109 
GLU HG3  H  N N 110 
GLU HE2  H  N N 111 
GLU HXT  H  N N 112 
GLY N    N  N N 113 
GLY CA   C  N N 114 
GLY C    C  N N 115 
GLY O    O  N N 116 
GLY OXT  O  N N 117 
GLY H    H  N N 118 
GLY H2   H  N N 119 
GLY HA2  H  N N 120 
GLY HA3  H  N N 121 
GLY HXT  H  N N 122 
HIS N    N  N N 123 
HIS CA   C  N S 124 
HIS C    C  N N 125 
HIS O    O  N N 126 
HIS CB   C  N N 127 
HIS CG   C  Y N 128 
HIS ND1  N  Y N 129 
HIS CD2  C  Y N 130 
HIS CE1  C  Y N 131 
HIS NE2  N  Y N 132 
HIS OXT  O  N N 133 
HIS H    H  N N 134 
HIS H2   H  N N 135 
HIS HA   H  N N 136 
HIS HB2  H  N N 137 
HIS HB3  H  N N 138 
HIS HD1  H  N N 139 
HIS HD2  H  N N 140 
HIS HE1  H  N N 141 
HIS HE2  H  N N 142 
HIS HXT  H  N N 143 
HOH O    O  N N 144 
HOH H1   H  N N 145 
HOH H2   H  N N 146 
ILE N    N  N N 147 
ILE CA   C  N S 148 
ILE C    C  N N 149 
ILE O    O  N N 150 
ILE CB   C  N S 151 
ILE CG1  C  N N 152 
ILE CG2  C  N N 153 
ILE CD1  C  N N 154 
ILE OXT  O  N N 155 
ILE H    H  N N 156 
ILE H2   H  N N 157 
ILE HA   H  N N 158 
ILE HB   H  N N 159 
ILE HG12 H  N N 160 
ILE HG13 H  N N 161 
ILE HG21 H  N N 162 
ILE HG22 H  N N 163 
ILE HG23 H  N N 164 
ILE HD11 H  N N 165 
ILE HD12 H  N N 166 
ILE HD13 H  N N 167 
ILE HXT  H  N N 168 
LEU N    N  N N 169 
LEU CA   C  N S 170 
LEU C    C  N N 171 
LEU O    O  N N 172 
LEU CB   C  N N 173 
LEU CG   C  N N 174 
LEU CD1  C  N N 175 
LEU CD2  C  N N 176 
LEU OXT  O  N N 177 
LEU H    H  N N 178 
LEU H2   H  N N 179 
LEU HA   H  N N 180 
LEU HB2  H  N N 181 
LEU HB3  H  N N 182 
LEU HG   H  N N 183 
LEU HD11 H  N N 184 
LEU HD12 H  N N 185 
LEU HD13 H  N N 186 
LEU HD21 H  N N 187 
LEU HD22 H  N N 188 
LEU HD23 H  N N 189 
LEU HXT  H  N N 190 
LYS N    N  N N 191 
LYS CA   C  N S 192 
LYS C    C  N N 193 
LYS O    O  N N 194 
LYS CB   C  N N 195 
LYS CG   C  N N 196 
LYS CD   C  N N 197 
LYS CE   C  N N 198 
LYS NZ   N  N N 199 
LYS OXT  O  N N 200 
LYS H    H  N N 201 
LYS H2   H  N N 202 
LYS HA   H  N N 203 
LYS HB2  H  N N 204 
LYS HB3  H  N N 205 
LYS HG2  H  N N 206 
LYS HG3  H  N N 207 
LYS HD2  H  N N 208 
LYS HD3  H  N N 209 
LYS HE2  H  N N 210 
LYS HE3  H  N N 211 
LYS HZ1  H  N N 212 
LYS HZ2  H  N N 213 
LYS HZ3  H  N N 214 
LYS HXT  H  N N 215 
MET N    N  N N 216 
MET CA   C  N S 217 
MET C    C  N N 218 
MET O    O  N N 219 
MET CB   C  N N 220 
MET CG   C  N N 221 
MET SD   S  N N 222 
MET CE   C  N N 223 
MET OXT  O  N N 224 
MET H    H  N N 225 
MET H2   H  N N 226 
MET HA   H  N N 227 
MET HB2  H  N N 228 
MET HB3  H  N N 229 
MET HG2  H  N N 230 
MET HG3  H  N N 231 
MET HE1  H  N N 232 
MET HE2  H  N N 233 
MET HE3  H  N N 234 
MET HXT  H  N N 235 
MOO MO   MO N N 236 
MOO O1   O  N N 237 
MOO O2   O  N N 238 
MOO O3   O  N N 239 
MOO O4   O  N N 240 
PHE N    N  N N 241 
PHE CA   C  N S 242 
PHE C    C  N N 243 
PHE O    O  N N 244 
PHE CB   C  N N 245 
PHE CG   C  Y N 246 
PHE CD1  C  Y N 247 
PHE CD2  C  Y N 248 
PHE CE1  C  Y N 249 
PHE CE2  C  Y N 250 
PHE CZ   C  Y N 251 
PHE OXT  O  N N 252 
PHE H    H  N N 253 
PHE H2   H  N N 254 
PHE HA   H  N N 255 
PHE HB2  H  N N 256 
PHE HB3  H  N N 257 
PHE HD1  H  N N 258 
PHE HD2  H  N N 259 
PHE HE1  H  N N 260 
PHE HE2  H  N N 261 
PHE HZ   H  N N 262 
PHE HXT  H  N N 263 
PO4 P    P  N N 264 
PO4 O1   O  N N 265 
PO4 O2   O  N N 266 
PO4 O3   O  N N 267 
PO4 O4   O  N N 268 
PRO N    N  N N 269 
PRO CA   C  N S 270 
PRO C    C  N N 271 
PRO O    O  N N 272 
PRO CB   C  N N 273 
PRO CG   C  N N 274 
PRO CD   C  N N 275 
PRO OXT  O  N N 276 
PRO H    H  N N 277 
PRO HA   H  N N 278 
PRO HB2  H  N N 279 
PRO HB3  H  N N 280 
PRO HG2  H  N N 281 
PRO HG3  H  N N 282 
PRO HD2  H  N N 283 
PRO HD3  H  N N 284 
PRO HXT  H  N N 285 
SER N    N  N N 286 
SER CA   C  N S 287 
SER C    C  N N 288 
SER O    O  N N 289 
SER CB   C  N N 290 
SER OG   O  N N 291 
SER OXT  O  N N 292 
SER H    H  N N 293 
SER H2   H  N N 294 
SER HA   H  N N 295 
SER HB2  H  N N 296 
SER HB3  H  N N 297 
SER HG   H  N N 298 
SER HXT  H  N N 299 
THR N    N  N N 300 
THR CA   C  N S 301 
THR C    C  N N 302 
THR O    O  N N 303 
THR CB   C  N R 304 
THR OG1  O  N N 305 
THR CG2  C  N N 306 
THR OXT  O  N N 307 
THR H    H  N N 308 
THR H2   H  N N 309 
THR HA   H  N N 310 
THR HB   H  N N 311 
THR HG1  H  N N 312 
THR HG21 H  N N 313 
THR HG22 H  N N 314 
THR HG23 H  N N 315 
THR HXT  H  N N 316 
TRP N    N  N N 317 
TRP CA   C  N S 318 
TRP C    C  N N 319 
TRP O    O  N N 320 
TRP CB   C  N N 321 
TRP CG   C  Y N 322 
TRP CD1  C  Y N 323 
TRP CD2  C  Y N 324 
TRP NE1  N  Y N 325 
TRP CE2  C  Y N 326 
TRP CE3  C  Y N 327 
TRP CZ2  C  Y N 328 
TRP CZ3  C  Y N 329 
TRP CH2  C  Y N 330 
TRP OXT  O  N N 331 
TRP H    H  N N 332 
TRP H2   H  N N 333 
TRP HA   H  N N 334 
TRP HB2  H  N N 335 
TRP HB3  H  N N 336 
TRP HD1  H  N N 337 
TRP HE1  H  N N 338 
TRP HE3  H  N N 339 
TRP HZ2  H  N N 340 
TRP HZ3  H  N N 341 
TRP HH2  H  N N 342 
TRP HXT  H  N N 343 
TYR N    N  N N 344 
TYR CA   C  N S 345 
TYR C    C  N N 346 
TYR O    O  N N 347 
TYR CB   C  N N 348 
TYR CG   C  Y N 349 
TYR CD1  C  Y N 350 
TYR CD2  C  Y N 351 
TYR CE1  C  Y N 352 
TYR CE2  C  Y N 353 
TYR CZ   C  Y N 354 
TYR OH   O  N N 355 
TYR OXT  O  N N 356 
TYR H    H  N N 357 
TYR H2   H  N N 358 
TYR HA   H  N N 359 
TYR HB2  H  N N 360 
TYR HB3  H  N N 361 
TYR HD1  H  N N 362 
TYR HD2  H  N N 363 
TYR HE1  H  N N 364 
TYR HE2  H  N N 365 
TYR HH   H  N N 366 
TYR HXT  H  N N 367 
VAL N    N  N N 368 
VAL CA   C  N S 369 
VAL C    C  N N 370 
VAL O    O  N N 371 
VAL CB   C  N N 372 
VAL CG1  C  N N 373 
VAL CG2  C  N N 374 
VAL OXT  O  N N 375 
VAL H    H  N N 376 
VAL H2   H  N N 377 
VAL HA   H  N N 378 
VAL HB   H  N N 379 
VAL HG11 H  N N 380 
VAL HG12 H  N N 381 
VAL HG13 H  N N 382 
VAL HG21 H  N N 383 
VAL HG22 H  N N 384 
VAL HG23 H  N N 385 
VAL HXT  H  N N 386 
# 
loop_
_chem_comp_bond.comp_id 
_chem_comp_bond.atom_id_1 
_chem_comp_bond.atom_id_2 
_chem_comp_bond.value_order 
_chem_comp_bond.pdbx_aromatic_flag 
_chem_comp_bond.pdbx_stereo_config 
_chem_comp_bond.pdbx_ordinal 
ALA N   CA   sing N N 1   
ALA N   H    sing N N 2   
ALA N   H2   sing N N 3   
ALA CA  C    sing N N 4   
ALA CA  CB   sing N N 5   
ALA CA  HA   sing N N 6   
ALA C   O    doub N N 7   
ALA C   OXT  sing N N 8   
ALA CB  HB1  sing N N 9   
ALA CB  HB2  sing N N 10  
ALA CB  HB3  sing N N 11  
ALA OXT HXT  sing N N 12  
ARG N   CA   sing N N 13  
ARG N   H    sing N N 14  
ARG N   H2   sing N N 15  
ARG CA  C    sing N N 16  
ARG CA  CB   sing N N 17  
ARG CA  HA   sing N N 18  
ARG C   O    doub N N 19  
ARG C   OXT  sing N N 20  
ARG CB  CG   sing N N 21  
ARG CB  HB2  sing N N 22  
ARG CB  HB3  sing N N 23  
ARG CG  CD   sing N N 24  
ARG CG  HG2  sing N N 25  
ARG CG  HG3  sing N N 26  
ARG CD  NE   sing N N 27  
ARG CD  HD2  sing N N 28  
ARG CD  HD3  sing N N 29  
ARG NE  CZ   sing N N 30  
ARG NE  HE   sing N N 31  
ARG CZ  NH1  sing N N 32  
ARG CZ  NH2  doub N N 33  
ARG NH1 HH11 sing N N 34  
ARG NH1 HH12 sing N N 35  
ARG NH2 HH21 sing N N 36  
ARG NH2 HH22 sing N N 37  
ARG OXT HXT  sing N N 38  
ASN N   CA   sing N N 39  
ASN N   H    sing N N 40  
ASN N   H2   sing N N 41  
ASN CA  C    sing N N 42  
ASN CA  CB   sing N N 43  
ASN CA  HA   sing N N 44  
ASN C   O    doub N N 45  
ASN C   OXT  sing N N 46  
ASN CB  CG   sing N N 47  
ASN CB  HB2  sing N N 48  
ASN CB  HB3  sing N N 49  
ASN CG  OD1  doub N N 50  
ASN CG  ND2  sing N N 51  
ASN ND2 HD21 sing N N 52  
ASN ND2 HD22 sing N N 53  
ASN OXT HXT  sing N N 54  
ASP N   CA   sing N N 55  
ASP N   H    sing N N 56  
ASP N   H2   sing N N 57  
ASP CA  C    sing N N 58  
ASP CA  CB   sing N N 59  
ASP CA  HA   sing N N 60  
ASP C   O    doub N N 61  
ASP C   OXT  sing N N 62  
ASP CB  CG   sing N N 63  
ASP CB  HB2  sing N N 64  
ASP CB  HB3  sing N N 65  
ASP CG  OD1  doub N N 66  
ASP CG  OD2  sing N N 67  
ASP OD2 HD2  sing N N 68  
ASP OXT HXT  sing N N 69  
GLN N   CA   sing N N 70  
GLN N   H    sing N N 71  
GLN N   H2   sing N N 72  
GLN CA  C    sing N N 73  
GLN CA  CB   sing N N 74  
GLN CA  HA   sing N N 75  
GLN C   O    doub N N 76  
GLN C   OXT  sing N N 77  
GLN CB  CG   sing N N 78  
GLN CB  HB2  sing N N 79  
GLN CB  HB3  sing N N 80  
GLN CG  CD   sing N N 81  
GLN CG  HG2  sing N N 82  
GLN CG  HG3  sing N N 83  
GLN CD  OE1  doub N N 84  
GLN CD  NE2  sing N N 85  
GLN NE2 HE21 sing N N 86  
GLN NE2 HE22 sing N N 87  
GLN OXT HXT  sing N N 88  
GLU N   CA   sing N N 89  
GLU N   H    sing N N 90  
GLU N   H2   sing N N 91  
GLU CA  C    sing N N 92  
GLU CA  CB   sing N N 93  
GLU CA  HA   sing N N 94  
GLU C   O    doub N N 95  
GLU C   OXT  sing N N 96  
GLU CB  CG   sing N N 97  
GLU CB  HB2  sing N N 98  
GLU CB  HB3  sing N N 99  
GLU CG  CD   sing N N 100 
GLU CG  HG2  sing N N 101 
GLU CG  HG3  sing N N 102 
GLU CD  OE1  doub N N 103 
GLU CD  OE2  sing N N 104 
GLU OE2 HE2  sing N N 105 
GLU OXT HXT  sing N N 106 
GLY N   CA   sing N N 107 
GLY N   H    sing N N 108 
GLY N   H2   sing N N 109 
GLY CA  C    sing N N 110 
GLY CA  HA2  sing N N 111 
GLY CA  HA3  sing N N 112 
GLY C   O    doub N N 113 
GLY C   OXT  sing N N 114 
GLY OXT HXT  sing N N 115 
HIS N   CA   sing N N 116 
HIS N   H    sing N N 117 
HIS N   H2   sing N N 118 
HIS CA  C    sing N N 119 
HIS CA  CB   sing N N 120 
HIS CA  HA   sing N N 121 
HIS C   O    doub N N 122 
HIS C   OXT  sing N N 123 
HIS CB  CG   sing N N 124 
HIS CB  HB2  sing N N 125 
HIS CB  HB3  sing N N 126 
HIS CG  ND1  sing Y N 127 
HIS CG  CD2  doub Y N 128 
HIS ND1 CE1  doub Y N 129 
HIS ND1 HD1  sing N N 130 
HIS CD2 NE2  sing Y N 131 
HIS CD2 HD2  sing N N 132 
HIS CE1 NE2  sing Y N 133 
HIS CE1 HE1  sing N N 134 
HIS NE2 HE2  sing N N 135 
HIS OXT HXT  sing N N 136 
HOH O   H1   sing N N 137 
HOH O   H2   sing N N 138 
ILE N   CA   sing N N 139 
ILE N   H    sing N N 140 
ILE N   H2   sing N N 141 
ILE CA  C    sing N N 142 
ILE CA  CB   sing N N 143 
ILE CA  HA   sing N N 144 
ILE C   O    doub N N 145 
ILE C   OXT  sing N N 146 
ILE CB  CG1  sing N N 147 
ILE CB  CG2  sing N N 148 
ILE CB  HB   sing N N 149 
ILE CG1 CD1  sing N N 150 
ILE CG1 HG12 sing N N 151 
ILE CG1 HG13 sing N N 152 
ILE CG2 HG21 sing N N 153 
ILE CG2 HG22 sing N N 154 
ILE CG2 HG23 sing N N 155 
ILE CD1 HD11 sing N N 156 
ILE CD1 HD12 sing N N 157 
ILE CD1 HD13 sing N N 158 
ILE OXT HXT  sing N N 159 
LEU N   CA   sing N N 160 
LEU N   H    sing N N 161 
LEU N   H2   sing N N 162 
LEU CA  C    sing N N 163 
LEU CA  CB   sing N N 164 
LEU CA  HA   sing N N 165 
LEU C   O    doub N N 166 
LEU C   OXT  sing N N 167 
LEU CB  CG   sing N N 168 
LEU CB  HB2  sing N N 169 
LEU CB  HB3  sing N N 170 
LEU CG  CD1  sing N N 171 
LEU CG  CD2  sing N N 172 
LEU CG  HG   sing N N 173 
LEU CD1 HD11 sing N N 174 
LEU CD1 HD12 sing N N 175 
LEU CD1 HD13 sing N N 176 
LEU CD2 HD21 sing N N 177 
LEU CD2 HD22 sing N N 178 
LEU CD2 HD23 sing N N 179 
LEU OXT HXT  sing N N 180 
LYS N   CA   sing N N 181 
LYS N   H    sing N N 182 
LYS N   H2   sing N N 183 
LYS CA  C    sing N N 184 
LYS CA  CB   sing N N 185 
LYS CA  HA   sing N N 186 
LYS C   O    doub N N 187 
LYS C   OXT  sing N N 188 
LYS CB  CG   sing N N 189 
LYS CB  HB2  sing N N 190 
LYS CB  HB3  sing N N 191 
LYS CG  CD   sing N N 192 
LYS CG  HG2  sing N N 193 
LYS CG  HG3  sing N N 194 
LYS CD  CE   sing N N 195 
LYS CD  HD2  sing N N 196 
LYS CD  HD3  sing N N 197 
LYS CE  NZ   sing N N 198 
LYS CE  HE2  sing N N 199 
LYS CE  HE3  sing N N 200 
LYS NZ  HZ1  sing N N 201 
LYS NZ  HZ2  sing N N 202 
LYS NZ  HZ3  sing N N 203 
LYS OXT HXT  sing N N 204 
MET N   CA   sing N N 205 
MET N   H    sing N N 206 
MET N   H2   sing N N 207 
MET CA  C    sing N N 208 
MET CA  CB   sing N N 209 
MET CA  HA   sing N N 210 
MET C   O    doub N N 211 
MET C   OXT  sing N N 212 
MET CB  CG   sing N N 213 
MET CB  HB2  sing N N 214 
MET CB  HB3  sing N N 215 
MET CG  SD   sing N N 216 
MET CG  HG2  sing N N 217 
MET CG  HG3  sing N N 218 
MET SD  CE   sing N N 219 
MET CE  HE1  sing N N 220 
MET CE  HE2  sing N N 221 
MET CE  HE3  sing N N 222 
MET OXT HXT  sing N N 223 
MOO MO  O1   doub N N 224 
MOO MO  O2   doub N N 225 
MOO MO  O3   sing N N 226 
MOO MO  O4   sing N N 227 
PHE N   CA   sing N N 228 
PHE N   H    sing N N 229 
PHE N   H2   sing N N 230 
PHE CA  C    sing N N 231 
PHE CA  CB   sing N N 232 
PHE CA  HA   sing N N 233 
PHE C   O    doub N N 234 
PHE C   OXT  sing N N 235 
PHE CB  CG   sing N N 236 
PHE CB  HB2  sing N N 237 
PHE CB  HB3  sing N N 238 
PHE CG  CD1  doub Y N 239 
PHE CG  CD2  sing Y N 240 
PHE CD1 CE1  sing Y N 241 
PHE CD1 HD1  sing N N 242 
PHE CD2 CE2  doub Y N 243 
PHE CD2 HD2  sing N N 244 
PHE CE1 CZ   doub Y N 245 
PHE CE1 HE1  sing N N 246 
PHE CE2 CZ   sing Y N 247 
PHE CE2 HE2  sing N N 248 
PHE CZ  HZ   sing N N 249 
PHE OXT HXT  sing N N 250 
PO4 P   O1   doub N N 251 
PO4 P   O2   sing N N 252 
PO4 P   O3   sing N N 253 
PO4 P   O4   sing N N 254 
PRO N   CA   sing N N 255 
PRO N   CD   sing N N 256 
PRO N   H    sing N N 257 
PRO CA  C    sing N N 258 
PRO CA  CB   sing N N 259 
PRO CA  HA   sing N N 260 
PRO C   O    doub N N 261 
PRO C   OXT  sing N N 262 
PRO CB  CG   sing N N 263 
PRO CB  HB2  sing N N 264 
PRO CB  HB3  sing N N 265 
PRO CG  CD   sing N N 266 
PRO CG  HG2  sing N N 267 
PRO CG  HG3  sing N N 268 
PRO CD  HD2  sing N N 269 
PRO CD  HD3  sing N N 270 
PRO OXT HXT  sing N N 271 
SER N   CA   sing N N 272 
SER N   H    sing N N 273 
SER N   H2   sing N N 274 
SER CA  C    sing N N 275 
SER CA  CB   sing N N 276 
SER CA  HA   sing N N 277 
SER C   O    doub N N 278 
SER C   OXT  sing N N 279 
SER CB  OG   sing N N 280 
SER CB  HB2  sing N N 281 
SER CB  HB3  sing N N 282 
SER OG  HG   sing N N 283 
SER OXT HXT  sing N N 284 
THR N   CA   sing N N 285 
THR N   H    sing N N 286 
THR N   H2   sing N N 287 
THR CA  C    sing N N 288 
THR CA  CB   sing N N 289 
THR CA  HA   sing N N 290 
THR C   O    doub N N 291 
THR C   OXT  sing N N 292 
THR CB  OG1  sing N N 293 
THR CB  CG2  sing N N 294 
THR CB  HB   sing N N 295 
THR OG1 HG1  sing N N 296 
THR CG2 HG21 sing N N 297 
THR CG2 HG22 sing N N 298 
THR CG2 HG23 sing N N 299 
THR OXT HXT  sing N N 300 
TRP N   CA   sing N N 301 
TRP N   H    sing N N 302 
TRP N   H2   sing N N 303 
TRP CA  C    sing N N 304 
TRP CA  CB   sing N N 305 
TRP CA  HA   sing N N 306 
TRP C   O    doub N N 307 
TRP C   OXT  sing N N 308 
TRP CB  CG   sing N N 309 
TRP CB  HB2  sing N N 310 
TRP CB  HB3  sing N N 311 
TRP CG  CD1  doub Y N 312 
TRP CG  CD2  sing Y N 313 
TRP CD1 NE1  sing Y N 314 
TRP CD1 HD1  sing N N 315 
TRP CD2 CE2  doub Y N 316 
TRP CD2 CE3  sing Y N 317 
TRP NE1 CE2  sing Y N 318 
TRP NE1 HE1  sing N N 319 
TRP CE2 CZ2  sing Y N 320 
TRP CE3 CZ3  doub Y N 321 
TRP CE3 HE3  sing N N 322 
TRP CZ2 CH2  doub Y N 323 
TRP CZ2 HZ2  sing N N 324 
TRP CZ3 CH2  sing Y N 325 
TRP CZ3 HZ3  sing N N 326 
TRP CH2 HH2  sing N N 327 
TRP OXT HXT  sing N N 328 
TYR N   CA   sing N N 329 
TYR N   H    sing N N 330 
TYR N   H2   sing N N 331 
TYR CA  C    sing N N 332 
TYR CA  CB   sing N N 333 
TYR CA  HA   sing N N 334 
TYR C   O    doub N N 335 
TYR C   OXT  sing N N 336 
TYR CB  CG   sing N N 337 
TYR CB  HB2  sing N N 338 
TYR CB  HB3  sing N N 339 
TYR CG  CD1  doub Y N 340 
TYR CG  CD2  sing Y N 341 
TYR CD1 CE1  sing Y N 342 
TYR CD1 HD1  sing N N 343 
TYR CD2 CE2  doub Y N 344 
TYR CD2 HD2  sing N N 345 
TYR CE1 CZ   doub Y N 346 
TYR CE1 HE1  sing N N 347 
TYR CE2 CZ   sing Y N 348 
TYR CE2 HE2  sing N N 349 
TYR CZ  OH   sing N N 350 
TYR OH  HH   sing N N 351 
TYR OXT HXT  sing N N 352 
VAL N   CA   sing N N 353 
VAL N   H    sing N N 354 
VAL N   H2   sing N N 355 
VAL CA  C    sing N N 356 
VAL CA  CB   sing N N 357 
VAL CA  HA   sing N N 358 
VAL C   O    doub N N 359 
VAL C   OXT  sing N N 360 
VAL CB  CG1  sing N N 361 
VAL CB  CG2  sing N N 362 
VAL CB  HB   sing N N 363 
VAL CG1 HG11 sing N N 364 
VAL CG1 HG12 sing N N 365 
VAL CG1 HG13 sing N N 366 
VAL CG2 HG21 sing N N 367 
VAL CG2 HG22 sing N N 368 
VAL CG2 HG23 sing N N 369 
VAL OXT HXT  sing N N 370 
# 
_atom_sites.entry_id                    1H9J 
_atom_sites.fract_transf_matrix[1][1]   0.00545061 
_atom_sites.fract_transf_matrix[1][2]   -0.01469504 
_atom_sites.fract_transf_matrix[1][3]   0.01653403 
_atom_sites.fract_transf_matrix[2][1]   -0.00129486 
_atom_sites.fract_transf_matrix[2][2]   0.00641326 
_atom_sites.fract_transf_matrix[2][3]   0.02182230 
_atom_sites.fract_transf_matrix[3][1]   -0.01199963 
_atom_sites.fract_transf_matrix[3][2]   -0.00394688 
_atom_sites.fract_transf_matrix[3][3]   0.00044791 
_atom_sites.fract_transf_vector[1]      0.534724 
_atom_sites.fract_transf_vector[2]      0.040038 
_atom_sites.fract_transf_vector[3]      0.245648 
# 
loop_
_atom_type.symbol 
C  
MO 
N  
O  
P  
S  
# 
loop_
_atom_site.group_PDB 
_atom_site.id 
_atom_site.type_symbol 
_atom_site.label_atom_id 
_atom_site.label_alt_id 
_atom_site.label_comp_id 
_atom_site.label_asym_id 
_atom_site.label_entity_id 
_atom_site.label_seq_id 
_atom_site.pdbx_PDB_ins_code 
_atom_site.Cartn_x 
_atom_site.Cartn_y 
_atom_site.Cartn_z 
_atom_site.occupancy 
_atom_site.B_iso_or_equiv 
_atom_site.pdbx_formal_charge 
_atom_site.auth_seq_id 
_atom_site.auth_comp_id 
_atom_site.auth_asym_id 
_atom_site.auth_atom_id 
_atom_site.pdbx_PDB_model_num 
ATOM   1    N  N   . GLY A 1 1   ? -4.085  21.887  -10.259 1.00 49.78 ? -3   GLY A N   1 
ATOM   2    C  CA  . GLY A 1 1   ? -2.652  21.516  -10.428 1.00 47.74 ? -3   GLY A CA  1 
ATOM   3    C  C   . GLY A 1 1   ? -2.441  20.432  -11.476 1.00 48.57 ? -3   GLY A C   1 
ATOM   4    O  O   . GLY A 1 1   ? -3.391  19.968  -12.102 1.00 49.98 ? -3   GLY A O   1 
ATOM   5    N  N   . SER A 1 2   ? -1.179  20.026  -11.644 1.00 47.73 ? -2   SER A N   1 
ATOM   6    C  CA  . SER A 1 2   ? -0.839  19.003  -12.630 1.00 44.06 ? -2   SER A CA  1 
ATOM   7    C  C   . SER A 1 2   ? -1.140  17.624  -12.034 1.00 40.75 ? -2   SER A C   1 
ATOM   8    O  O   . SER A 1 2   ? -1.398  16.654  -12.741 1.00 39.32 ? -2   SER A O   1 
ATOM   9    C  CB  . SER A 1 2   ? 0.610   19.098  -13.088 1.00 42.08 ? -2   SER A CB  1 
ATOM   10   O  OG  . SER A 1 2   ? 1.527   18.906  -12.029 1.00 43.77 ? -2   SER A OG  1 
ATOM   11   N  N   . HIS A 1 3   ? -1.025  17.613  -10.702 1.00 36.52 ? -1   HIS A N   1 
ATOM   12   C  CA  . HIS A 1 3   ? -1.324  16.384  -9.965  1.00 33.19 ? -1   HIS A CA  1 
ATOM   13   C  C   . HIS A 1 3   ? -1.777  16.754  -8.554  1.00 27.56 ? -1   HIS A C   1 
ATOM   14   O  O   . HIS A 1 3   ? -1.179  17.742  -8.028  1.00 23.40 ? -1   HIS A O   1 
ATOM   15   C  CB  . HIS A 1 3   ? -0.135  15.447  -10.057 1.00 32.03 ? -1   HIS A CB  1 
ATOM   16   C  CG  . HIS A 1 3   ? 1.178   15.989  -9.621  1.00 37.03 ? -1   HIS A CG  1 
ATOM   17   N  ND1 . HIS A 1 3   ? 1.752   17.108  -10.192 1.00 36.10 ? -1   HIS A ND1 1 
ATOM   18   C  CD2 . HIS A 1 3   ? 2.064   15.558  -8.696  1.00 38.74 ? -1   HIS A CD2 1 
ATOM   19   C  CE1 . HIS A 1 3   ? 2.920   17.354  -9.632  1.00 37.34 ? -1   HIS A CE1 1 
ATOM   20   N  NE2 . HIS A 1 3   ? 3.133   16.431  -8.722  1.00 39.06 ? -1   HIS A NE2 1 
ATOM   21   N  N   . MET A 1 4   ? -1.972  15.726  -7.696  1.00 24.77 ? 1    MET A N   1 
ATOM   22   C  CA  . MET A 1 4   ? -2.057  15.867  -6.179  1.00 19.54 ? 1    MET A CA  1 
ATOM   23   C  C   . MET A 1 4   ? -0.709  15.833  -5.477  1.00 19.24 ? 1    MET A C   1 
ATOM   24   O  O   . MET A 1 4   ? 0.043   14.930  -5.845  1.00 22.07 ? 1    MET A O   1 
ATOM   25   C  CB  . MET A 1 4   ? -3.068  14.805  -5.703  1.00 24.99 ? 1    MET A CB  1 
ATOM   26   C  CG  . MET A 1 4   ? -2.779  14.420  -4.246  1.00 35.68 ? 1    MET A CG  1 
ATOM   27   S  SD  . MET A 1 4   ? -3.940  13.222  -3.610  1.00 33.96 ? 1    MET A SD  1 
ATOM   28   C  CE  . MET A 1 4   ? -3.047  12.470  -2.280  1.00 42.96 ? 1    MET A CE  1 
ATOM   29   N  N   . LYS A 1 5   ? -0.334  16.872  -4.766  1.00 17.81 ? 2    LYS A N   1 
ATOM   30   C  CA  . LYS A 1 5   ? 0.998   16.883  -4.172  1.00 15.71 ? 2    LYS A CA  1 
ATOM   31   C  C   . LYS A 1 5   ? 0.810   16.607  -2.671  1.00 13.07 ? 2    LYS A C   1 
ATOM   32   O  O   . LYS A 1 5   ? 0.179   17.430  -1.962  1.00 12.14 ? 2    LYS A O   1 
ATOM   33   C  CB  . LYS A 1 5   ? 1.693   18.200  -4.480  1.00 25.44 ? 2    LYS A CB  1 
ATOM   34   C  CG  . LYS A 1 5   ? 1.622   18.636  -5.958  1.00 23.32 ? 2    LYS A CG  1 
ATOM   35   C  CD  . LYS A 1 5   ? 2.392   19.921  -6.193  1.00 32.12 ? 2    LYS A CD  1 
ATOM   36   C  CE  . LYS A 1 5   ? 2.594   20.215  -7.665  1.00 42.53 ? 2    LYS A CE  1 
ATOM   37   N  NZ  . LYS A 1 5   ? 1.370   20.165  -8.511  1.00 48.68 ? 2    LYS A NZ  1 
ATOM   38   N  N   . ILE A 1 6   ? 1.202   15.415  -2.272  1.00 12.01 ? 3    ILE A N   1 
ATOM   39   C  CA  . ILE A 1 6   ? 1.023   14.958  -0.875  1.00 11.92 ? 3    ILE A CA  1 
ATOM   40   C  C   . ILE A 1 6   ? 2.294   14.292  -0.386  1.00 14.06 ? 3    ILE A C   1 
ATOM   41   O  O   . ILE A 1 6   ? 3.081   13.728  -1.160  1.00 14.44 ? 3    ILE A O   1 
ATOM   42   C  CB  . ILE A 1 6   ? -0.183  14.030  -0.724  1.00 13.56 ? 3    ILE A CB  1 
ATOM   43   C  CG1 . ILE A 1 6   ? -0.585  13.854  0.723   1.00 15.18 ? 3    ILE A CG1 1 
ATOM   44   C  CG2 . ILE A 1 6   ? 0.055   12.682  -1.422  1.00 13.12 ? 3    ILE A CG2 1 
ATOM   45   C  CD1 . ILE A 1 6   ? -2.070  13.458  0.875   1.00 18.27 ? 3    ILE A CD1 1 
ATOM   46   N  N   . SER A 1 7   ? 2.558   14.378  0.933   1.00 8.89  ? 4    SER A N   1 
ATOM   47   C  CA  . SER A 1 7   ? 3.851   13.895  1.452   1.00 10.15 ? 4    SER A CA  1 
ATOM   48   C  C   . SER A 1 7   ? 4.057   12.396  1.363   1.00 15.10 ? 4    SER A C   1 
ATOM   49   O  O   . SER A 1 7   ? 5.192   11.897  1.351   1.00 14.02 ? 4    SER A O   1 
ATOM   50   C  CB  . SER A 1 7   ? 3.918   14.356  2.920   1.00 9.54  ? 4    SER A CB  1 
ATOM   51   O  OG  . SER A 1 7   ? 2.883   13.806  3.752   1.00 13.80 ? 4    SER A OG  1 
ATOM   52   N  N   . ALA A 1 8   ? 2.956   11.660  1.425   1.00 12.25 ? 5    ALA A N   1 
ATOM   53   C  CA  . ALA A 1 8   ? 3.061   10.193  1.436   1.00 14.35 ? 5    ALA A CA  1 
ATOM   54   C  C   . ALA A 1 8   ? 3.962   9.706   0.327   1.00 11.52 ? 5    ALA A C   1 
ATOM   55   O  O   . ALA A 1 8   ? 3.845   10.090  -0.841  1.00 14.06 ? 5    ALA A O   1 
ATOM   56   C  CB  . ALA A 1 8   ? 1.667   9.549   1.315   1.00 15.67 ? 5    ALA A CB  1 
ATOM   57   N  N   . ARG A 1 9   ? 4.800   8.706   0.697   1.00 12.44 ? 6    ARG A N   1 
ATOM   58   C  CA  . ARG A 1 9   ? 5.714   8.191   -0.302  1.00 14.07 ? 6    ARG A CA  1 
ATOM   59   C  C   . ARG A 1 9   ? 4.981   7.318   -1.319  1.00 13.92 ? 6    ARG A C   1 
ATOM   60   O  O   . ARG A 1 9   ? 5.583   6.978   -2.336  1.00 17.56 ? 6    ARG A O   1 
ATOM   61   C  CB  . ARG A 1 9   ? 6.908   7.444   0.286   1.00 11.25 ? 6    ARG A CB  1 
ATOM   62   C  CG  . ARG A 1 9   ? 7.881   8.287   1.104   1.00 14.81 ? 6    ARG A CG  1 
ATOM   63   C  CD  . ARG A 1 9   ? 8.415   9.484   0.348   1.00 16.42 ? 6    ARG A CD  1 
ATOM   64   N  NE  . ARG A 1 9   ? 7.536   10.592  0.102   1.00 18.41 ? 6    ARG A NE  1 
ATOM   65   C  CZ  . ARG A 1 9   ? 7.617   11.468  -0.901  1.00 16.62 ? 6    ARG A CZ  1 
ATOM   66   N  NH1 . ARG A 1 9   ? 8.640   11.332  -1.787  1.00 29.66 ? 6    ARG A NH1 1 
ATOM   67   N  NH2 . ARG A 1 9   ? 6.785   12.451  -1.078  1.00 21.42 ? 6    ARG A NH2 1 
ATOM   68   N  N   . ASN A 1 10  ? 3.828   6.777   -0.994  1.00 10.94 ? 7    ASN A N   1 
ATOM   69   C  CA  . ASN A 1 10  ? 3.141   5.880   -1.878  1.00 11.79 ? 7    ASN A CA  1 
ATOM   70   C  C   . ASN A 1 10  ? 1.728   6.408   -2.212  1.00 12.03 ? 7    ASN A C   1 
ATOM   71   O  O   . ASN A 1 10  ? 0.975   6.787   -1.329  1.00 11.36 ? 7    ASN A O   1 
ATOM   72   C  CB  . ASN A 1 10  ? 2.847   4.535   -1.150  1.00 11.75 ? 7    ASN A CB  1 
ATOM   73   C  CG  . ASN A 1 10  ? 4.185   3.944   -0.687  1.00 11.94 ? 7    ASN A CG  1 
ATOM   74   O  OD1 . ASN A 1 10  ? 5.105   3.649   -1.450  1.00 14.44 ? 7    ASN A OD1 1 
ATOM   75   N  ND2 . ASN A 1 10  ? 4.354   3.893   0.620   1.00 12.41 ? 7    ASN A ND2 1 
ATOM   76   N  N   . VAL A 1 11  ? 1.606   6.836   -3.479  1.00 13.74 ? 8    VAL A N   1 
ATOM   77   C  CA  . VAL A 1 11  ? 0.353   7.306   -4.059  1.00 13.97 ? 8    VAL A CA  1 
ATOM   78   C  C   . VAL A 1 11  ? 0.121   6.552   -5.385  1.00 16.68 ? 8    VAL A C   1 
ATOM   79   O  O   . VAL A 1 11  ? 0.872   6.714   -6.359  1.00 18.24 ? 8    VAL A O   1 
ATOM   80   C  CB  . VAL A 1 11  ? 0.412   8.799   -4.392  1.00 16.08 ? 8    VAL A CB  1 
ATOM   81   C  CG1 . VAL A 1 11  ? -0.848  9.393   -5.017  1.00 22.69 ? 8    VAL A CG1 1 
ATOM   82   C  CG2 . VAL A 1 11  ? 0.783   9.654   -3.171  1.00 18.57 ? 8    VAL A CG2 1 
ATOM   83   N  N   . PHE A 1 12  ? -0.825  5.628   -5.333  1.00 18.34 ? 9    PHE A N   1 
ATOM   84   C  CA  . PHE A 1 12  ? -1.090  4.739   -6.470  1.00 18.92 ? 9    PHE A CA  1 
ATOM   85   C  C   . PHE A 1 12  ? -2.403  5.109   -7.146  1.00 23.56 ? 9    PHE A C   1 
ATOM   86   O  O   . PHE A 1 12  ? -3.402  5.384   -6.469  1.00 22.65 ? 9    PHE A O   1 
ATOM   87   C  CB  . PHE A 1 12  ? -1.235  3.289   -5.999  1.00 19.12 ? 9    PHE A CB  1 
ATOM   88   C  CG  . PHE A 1 12  ? -0.038  2.793   -5.228  1.00 23.88 ? 9    PHE A CG  1 
ATOM   89   C  CD1 . PHE A 1 12  ? -0.140  2.485   -3.882  1.00 21.42 ? 9    PHE A CD1 1 
ATOM   90   C  CD2 . PHE A 1 12  ? 1.158   2.642   -5.900  1.00 27.11 ? 9    PHE A CD2 1 
ATOM   91   C  CE1 . PHE A 1 12  ? 0.972   2.009   -3.208  1.00 21.27 ? 9    PHE A CE1 1 
ATOM   92   C  CE2 . PHE A 1 12  ? 2.294   2.204   -5.226  1.00 32.63 ? 9    PHE A CE2 1 
ATOM   93   C  CZ  . PHE A 1 12  ? 2.173   1.892   -3.887  1.00 22.74 ? 9    PHE A CZ  1 
ATOM   94   N  N   . LYS A 1 13  ? -2.392  5.111   -8.463  1.00 23.55 ? 10   LYS A N   1 
ATOM   95   C  CA  . LYS A 1 13  ? -3.627  5.290   -9.227  1.00 23.73 ? 10   LYS A CA  1 
ATOM   96   C  C   . LYS A 1 13  ? -4.200  3.909   -9.547  1.00 22.70 ? 10   LYS A C   1 
ATOM   97   O  O   . LYS A 1 13  ? -3.427  2.984   -9.844  1.00 19.85 ? 10   LYS A O   1 
ATOM   98   C  CB  . LYS A 1 13  ? -3.351  6.038   -10.537 1.00 31.81 ? 10   LYS A CB  1 
ATOM   99   N  N   . GLY A 1 14  ? -5.520  3.740   -9.505  1.00 18.20 ? 11   GLY A N   1 
ATOM   100  C  CA  . GLY A 1 14  ? -6.027  2.396   -9.838  1.00 16.95 ? 11   GLY A CA  1 
ATOM   101  C  C   . GLY A 1 14  ? -7.520  2.498   -10.134 1.00 19.82 ? 11   GLY A C   1 
ATOM   102  O  O   . GLY A 1 14  ? -8.069  3.576   -10.140 1.00 18.54 ? 11   GLY A O   1 
ATOM   103  N  N   . THR A 1 15  ? -8.092  1.338   -10.391 1.00 20.71 ? 12   THR A N   1 
ATOM   104  C  CA  . THR A 1 15  ? -9.529  1.256   -10.675 1.00 20.33 ? 12   THR A CA  1 
ATOM   105  C  C   . THR A 1 15  ? -10.115 0.324   -9.637  1.00 15.33 ? 12   THR A C   1 
ATOM   106  O  O   . THR A 1 15  ? -9.565  -0.736  -9.310  1.00 18.43 ? 12   THR A O   1 
ATOM   107  C  CB  . THR A 1 15  ? -9.800  0.765   -12.106 1.00 22.76 ? 12   THR A CB  1 
ATOM   108  O  OG1 A THR A 1 15  ? -11.207 0.794   -12.384 0.33 23.02 ? 12   THR A OG1 1 
ATOM   109  O  OG1 B THR A 1 15  ? -9.062  1.548   -13.050 0.33 21.26 ? 12   THR A OG1 1 
ATOM   110  O  OG1 C THR A 1 15  ? -9.123  -0.207  -12.194 0.33 23.37 ? 12   THR A OG1 1 
ATOM   111  C  CG2 A THR A 1 15  ? -9.276  -0.645  -12.321 0.33 24.63 ? 12   THR A CG2 1 
ATOM   112  C  CG2 B THR A 1 15  ? -11.281 0.876   -12.441 0.33 22.01 ? 12   THR A CG2 1 
ATOM   113  C  CG2 C THR A 1 15  ? -9.158  1.288   -13.017 0.33 14.58 ? 12   THR A CG2 1 
ATOM   114  N  N   . VAL A 1 16  ? -11.285 0.689   -9.106  1.00 15.32 ? 13   VAL A N   1 
ATOM   115  C  CA  . VAL A 1 16  ? -11.944 -0.174  -8.129  1.00 17.01 ? 13   VAL A CA  1 
ATOM   116  C  C   . VAL A 1 16  ? -12.399 -1.485  -8.762  1.00 20.48 ? 13   VAL A C   1 
ATOM   117  O  O   . VAL A 1 16  ? -13.150 -1.476  -9.743  1.00 18.73 ? 13   VAL A O   1 
ATOM   118  C  CB  . VAL A 1 16  ? -13.131 0.558   -7.478  1.00 14.54 ? 13   VAL A CB  1 
ATOM   119  C  CG1 . VAL A 1 16  ? -13.844 -0.319  -6.461  1.00 13.52 ? 13   VAL A CG1 1 
ATOM   120  C  CG2 . VAL A 1 16  ? -12.582 1.817   -6.763  1.00 19.76 ? 13   VAL A CG2 1 
ATOM   121  N  N   . SER A 1 17  ? -11.939 -2.626  -8.236  1.00 18.54 ? 14   SER A N   1 
ATOM   122  C  CA  . SER A 1 17  ? -12.402 -3.898  -8.836  1.00 20.88 ? 14   SER A CA  1 
ATOM   123  C  C   . SER A 1 17  ? -13.553 -4.472  -8.050  1.00 21.46 ? 14   SER A C   1 
ATOM   124  O  O   . SER A 1 17  ? -14.375 -5.262  -8.567  1.00 19.22 ? 14   SER A O   1 
ATOM   125  C  CB  . SER A 1 17  ? -11.161 -4.798  -8.959  1.00 22.11 ? 14   SER A CB  1 
ATOM   126  O  OG  . SER A 1 17  ? -10.683 -5.088  -7.650  1.00 26.72 ? 14   SER A OG  1 
ATOM   127  N  N   . ALA A 1 18  ? -13.706 -4.061  -6.791  1.00 18.60 ? 15   ALA A N   1 
ATOM   128  C  CA  . ALA A 1 18  ? -14.790 -4.408  -5.945  1.00 20.73 ? 15   ALA A CA  1 
ATOM   129  C  C   . ALA A 1 18  ? -15.062 -3.400  -4.833  1.00 19.31 ? 15   ALA A C   1 
ATOM   130  O  O   . ALA A 1 18  ? -14.152 -2.752  -4.339  1.00 18.02 ? 15   ALA A O   1 
ATOM   131  C  CB  . ALA A 1 18  ? -14.576 -5.803  -5.347  1.00 26.65 ? 15   ALA A CB  1 
ATOM   132  N  N   . LEU A 1 19  ? -16.361 -3.285  -4.527  1.00 16.59 ? 16   LEU A N   1 
ATOM   133  C  CA  . LEU A 1 19  ? -16.720 -2.407  -3.397  1.00 17.31 ? 16   LEU A CA  1 
ATOM   134  C  C   . LEU A 1 19  ? -17.571 -3.266  -2.485  1.00 20.48 ? 16   LEU A C   1 
ATOM   135  O  O   . LEU A 1 19  ? -18.620 -3.758  -2.919  1.00 23.51 ? 16   LEU A O   1 
ATOM   136  C  CB  . LEU A 1 19  ? -17.465 -1.132  -3.800  1.00 17.71 ? 16   LEU A CB  1 
ATOM   137  C  CG  . LEU A 1 19  ? -18.156 -0.380  -2.635  1.00 20.22 ? 16   LEU A CG  1 
ATOM   138  C  CD1 . LEU A 1 19  ? -17.116 0.377   -1.780  1.00 17.01 ? 16   LEU A CD1 1 
ATOM   139  C  CD2 . LEU A 1 19  ? -19.273 0.539   -3.119  1.00 27.74 ? 16   LEU A CD2 1 
ATOM   140  N  N   . LYS A 1 20  ? -17.140 -3.413  -1.242  1.00 15.52 ? 17   LYS A N   1 
ATOM   141  C  CA  . LYS A 1 20  ? -17.886 -4.221  -0.278  1.00 14.91 ? 17   LYS A CA  1 
ATOM   142  C  C   . LYS A 1 20  ? -18.298 -3.406  0.942   1.00 18.34 ? 17   LYS A C   1 
ATOM   143  O  O   . LYS A 1 20  ? -17.525 -3.213  1.871   1.00 17.03 ? 17   LYS A O   1 
ATOM   144  C  CB  . LYS A 1 20  ? -17.057 -5.436  0.145   1.00 21.68 ? 17   LYS A CB  1 
ATOM   145  N  N   . GLU A 1 21  ? -19.518 -2.887  0.925   1.00 16.83 ? 18   GLU A N   1 
ATOM   146  C  CA  . GLU A 1 21  ? -20.032 -2.070  2.017   1.00 17.97 ? 18   GLU A CA  1 
ATOM   147  C  C   . GLU A 1 21  ? -20.770 -2.895  3.067   1.00 22.97 ? 18   GLU A C   1 
ATOM   148  O  O   . GLU A 1 21  ? -21.719 -3.640  2.832   1.00 22.08 ? 18   GLU A O   1 
ATOM   149  C  CB  . GLU A 1 21  ? -20.998 -1.025  1.452   1.00 19.29 ? 18   GLU A CB  1 
ATOM   150  C  CG  . GLU A 1 21  ? -20.479 0.192   0.732   1.00 20.21 ? 18   GLU A CG  1 
ATOM   151  C  CD  . GLU A 1 21  ? -21.538 1.143   0.193   1.00 17.50 ? 18   GLU A CD  1 
ATOM   152  O  OE1 . GLU A 1 21  ? -22.716 1.016   0.561   1.00 20.73 ? 18   GLU A OE1 1 
ATOM   153  O  OE2 . GLU A 1 21  ? -21.179 2.047   -0.583  1.00 22.43 ? 18   GLU A OE2 1 
ATOM   154  N  N   . GLY A 1 22  ? -20.476 -2.534  4.317   1.00 23.69 ? 19   GLY A N   1 
ATOM   155  C  CA  . GLY A 1 22  ? -21.201 -3.079  5.482   1.00 21.49 ? 19   GLY A CA  1 
ATOM   156  C  C   . GLY A 1 22  ? -21.940 -1.896  6.110   1.00 25.34 ? 19   GLY A C   1 
ATOM   157  O  O   . GLY A 1 22  ? -21.913 -0.796  5.536   1.00 21.24 ? 19   GLY A O   1 
ATOM   158  N  N   . ALA A 1 23  ? -22.550 -2.057  7.284   1.00 27.11 ? 20   ALA A N   1 
ATOM   159  C  CA  . ALA A 1 23  ? -23.258 -0.957  7.907   1.00 29.38 ? 20   ALA A CA  1 
ATOM   160  C  C   . ALA A 1 23  ? -22.339 0.067   8.565   1.00 28.59 ? 20   ALA A C   1 
ATOM   161  O  O   . ALA A 1 23  ? -22.798 1.151   8.898   1.00 27.11 ? 20   ALA A O   1 
ATOM   162  C  CB  . ALA A 1 23  ? -24.179 -1.491  9.009   1.00 39.84 ? 20   ALA A CB  1 
ATOM   163  N  N   . VAL A 1 24  ? -21.068 -0.275  8.765   1.00 26.27 ? 21   VAL A N   1 
ATOM   164  C  CA  . VAL A 1 24  ? -20.150 0.635   9.427   1.00 22.29 ? 21   VAL A CA  1 
ATOM   165  C  C   . VAL A 1 24  ? -19.055 1.121   8.484   1.00 21.48 ? 21   VAL A C   1 
ATOM   166  O  O   . VAL A 1 24  ? -18.743 2.308   8.367   1.00 18.16 ? 21   VAL A O   1 
ATOM   167  C  CB  . VAL A 1 24  ? -19.511 -0.012  10.670  1.00 23.78 ? 21   VAL A CB  1 
ATOM   168  C  CG1 . VAL A 1 24  ? -18.564 0.963   11.355  1.00 24.97 ? 21   VAL A CG1 1 
ATOM   169  C  CG2 . VAL A 1 24  ? -20.585 -0.423  11.677  1.00 33.67 ? 21   VAL A CG2 1 
ATOM   170  N  N   . ASN A 1 25  ? -18.445 0.137   7.825   1.00 17.78 ? 22   ASN A N   1 
ATOM   171  C  CA  . ASN A 1 25  ? -17.315 0.407   6.941   1.00 19.51 ? 22   ASN A CA  1 
ATOM   172  C  C   . ASN A 1 25  ? -17.485 -0.259  5.567   1.00 18.59 ? 22   ASN A C   1 
ATOM   173  O  O   . ASN A 1 25  ? -18.381 -1.066  5.362   1.00 18.80 ? 22   ASN A O   1 
ATOM   174  C  CB  . ASN A 1 25  ? -15.989 -0.120  7.508   1.00 23.44 ? 22   ASN A CB  1 
ATOM   175  C  CG  . ASN A 1 25  ? -15.609 0.482   8.841   1.00 26.86 ? 22   ASN A CG  1 
ATOM   176  O  OD1 . ASN A 1 25  ? -15.752 1.683   9.071   1.00 27.89 ? 22   ASN A OD1 1 
ATOM   177  N  ND2 . ASN A 1 25  ? -15.179 -0.375  9.760   1.00 24.41 ? 22   ASN A ND2 1 
ATOM   178  N  N   . ALA A 1 26  ? -16.596 0.157   4.670   1.00 16.76 ? 23   ALA A N   1 
ATOM   179  C  CA  . ALA A 1 26  ? -16.589 -0.407  3.326   1.00 18.27 ? 23   ALA A CA  1 
ATOM   180  C  C   . ALA A 1 26  ? -15.172 -0.782  2.909   1.00 15.93 ? 23   ALA A C   1 
ATOM   181  O  O   . ALA A 1 26  ? -14.220 -0.008  3.116   1.00 18.97 ? 23   ALA A O   1 
ATOM   182  C  CB  . ALA A 1 26  ? -17.085 0.683   2.343   1.00 18.77 ? 23   ALA A CB  1 
ATOM   183  N  N   . GLU A 1 27  ? -15.004 -1.942  2.320   1.00 16.40 ? 24   GLU A N   1 
ATOM   184  C  CA  . GLU A 1 27  ? -13.790 -2.482  1.783   1.00 16.87 ? 24   GLU A CA  1 
ATOM   185  C  C   . GLU A 1 27  ? -13.799 -2.137  0.287   1.00 18.47 ? 24   GLU A C   1 
ATOM   186  O  O   . GLU A 1 27  ? -14.767 -2.291  -0.457  1.00 17.45 ? 24   GLU A O   1 
ATOM   187  C  CB  . GLU A 1 27  ? -13.558 -3.998  1.937   1.00 16.55 ? 24   GLU A CB  1 
ATOM   188  C  CG  . GLU A 1 27  ? -12.291 -4.451  1.164   1.00 28.76 ? 24   GLU A CG  1 
ATOM   189  C  CD  . GLU A 1 27  ? -11.879 -5.875  1.494   1.00 41.42 ? 24   GLU A CD  1 
ATOM   190  O  OE1 . GLU A 1 27  ? -12.008 -6.267  2.680   1.00 40.53 ? 24   GLU A OE1 1 
ATOM   191  O  OE2 . GLU A 1 27  ? -11.416 -6.672  0.633   1.00 37.33 ? 24   GLU A OE2 1 
ATOM   192  N  N   . VAL A 1 28  ? -12.672 -1.526  -0.128  1.00 14.92 ? 25   VAL A N   1 
ATOM   193  C  CA  . VAL A 1 28  ? -12.512 -1.102  -1.512  1.00 17.20 ? 25   VAL A CA  1 
ATOM   194  C  C   . VAL A 1 28  ? -11.314 -1.840  -2.087  1.00 17.92 ? 25   VAL A C   1 
ATOM   195  O  O   . VAL A 1 28  ? -10.172 -1.666  -1.600  1.00 18.80 ? 25   VAL A O   1 
ATOM   196  C  CB  . VAL A 1 28  ? -12.311 0.403   -1.629  1.00 21.43 ? 25   VAL A CB  1 
ATOM   197  C  CG1 . VAL A 1 28  ? -12.202 0.942   -3.046  1.00 20.20 ? 25   VAL A CG1 1 
ATOM   198  C  CG2 . VAL A 1 28  ? -13.433 1.154   -0.908  1.00 16.40 ? 25   VAL A CG2 1 
ATOM   199  N  N   . ASP A 1 29  ? -11.587 -2.714  -3.057  1.00 15.46 ? 26   ASP A N   1 
ATOM   200  C  CA  . ASP A 1 29  ? -10.472 -3.471  -3.648  1.00 17.90 ? 26   ASP A CA  1 
ATOM   201  C  C   . ASP A 1 29  ? -10.045 -2.772  -4.934  1.00 19.04 ? 26   ASP A C   1 
ATOM   202  O  O   . ASP A 1 29  ? -10.910 -2.352  -5.687  1.00 19.70 ? 26   ASP A O   1 
ATOM   203  C  CB  . ASP A 1 29  ? -10.826 -4.916  -3.945  1.00 26.02 ? 26   ASP A CB  1 
ATOM   204  C  CG  . ASP A 1 29  ? -11.167 -5.715  -2.708  1.00 32.05 ? 26   ASP A CG  1 
ATOM   205  O  OD1 . ASP A 1 29  ? -10.514 -5.518  -1.662  1.00 34.07 ? 26   ASP A OD1 1 
ATOM   206  O  OD2 . ASP A 1 29  ? -12.087 -6.559  -2.772  1.00 34.64 ? 26   ASP A OD2 1 
ATOM   207  N  N   . ILE A 1 30  ? -8.792  -2.373  -5.070  1.00 18.28 ? 27   ILE A N   1 
ATOM   208  C  CA  . ILE A 1 30  ? -8.261  -1.565  -6.136  1.00 20.24 ? 27   ILE A CA  1 
ATOM   209  C  C   . ILE A 1 30  ? -7.284  -2.392  -6.953  1.00 22.70 ? 27   ILE A C   1 
ATOM   210  O  O   . ILE A 1 30  ? -6.333  -3.028  -6.478  1.00 21.18 ? 27   ILE A O   1 
ATOM   211  C  CB  . ILE A 1 30  ? -7.539  -0.334  -5.535  1.00 17.60 ? 27   ILE A CB  1 
ATOM   212  C  CG1 . ILE A 1 30  ? -8.473  0.375   -4.529  1.00 25.41 ? 27   ILE A CG1 1 
ATOM   213  C  CG2 . ILE A 1 30  ? -7.108  0.630   -6.637  1.00 21.52 ? 27   ILE A CG2 1 
ATOM   214  C  CD1 . ILE A 1 30  ? -7.701  1.342   -3.633  1.00 22.41 ? 27   ILE A CD1 1 
ATOM   215  N  N   . LEU A 1 31  ? -7.437  -2.196  -8.270  1.00 21.96 ? 28   LEU A N   1 
ATOM   216  C  CA  . LEU A 1 31  ? -6.466  -2.879  -9.165  1.00 21.52 ? 28   LEU A CA  1 
ATOM   217  C  C   . LEU A 1 31  ? -5.447  -1.879  -9.624  1.00 23.58 ? 28   LEU A C   1 
ATOM   218  O  O   . LEU A 1 31  ? -5.711  -0.858  -10.283 1.00 18.66 ? 28   LEU A O   1 
ATOM   219  C  CB  . LEU A 1 31  ? -7.329  -3.521  -10.258 1.00 25.26 ? 28   LEU A CB  1 
ATOM   220  C  CG  . LEU A 1 31  ? -6.513  -4.317  -11.292 1.00 32.49 ? 28   LEU A CG  1 
ATOM   221  C  CD1 . LEU A 1 31  ? -6.134  -5.666  -10.717 1.00 28.58 ? 28   LEU A CD1 1 
ATOM   222  C  CD2 . LEU A 1 31  ? -7.429  -4.441  -12.514 1.00 35.11 ? 28   LEU A CD2 1 
ATOM   223  N  N   . LEU A 1 32  ? -4.163  -2.036  -9.197  1.00 22.05 ? 29   LEU A N   1 
ATOM   224  C  CA  . LEU A 1 32  ? -3.157  -1.045  -9.511  1.00 26.97 ? 29   LEU A CA  1 
ATOM   225  C  C   . LEU A 1 32  ? -2.566  -1.257  -10.901 1.00 29.83 ? 29   LEU A C   1 
ATOM   226  O  O   . LEU A 1 32  ? -2.630  -2.320  -11.518 1.00 29.36 ? 29   LEU A O   1 
ATOM   227  C  CB  . LEU A 1 32  ? -1.953  -1.057  -8.539  1.00 24.08 ? 29   LEU A CB  1 
ATOM   228  C  CG  . LEU A 1 32  ? -2.307  -1.041  -7.044  1.00 26.22 ? 29   LEU A CG  1 
ATOM   229  C  CD1 . LEU A 1 32  ? -1.055  -1.155  -6.171  1.00 26.49 ? 29   LEU A CD1 1 
ATOM   230  C  CD2 . LEU A 1 32  ? -2.988  0.274   -6.651  1.00 23.25 ? 29   LEU A CD2 1 
ATOM   231  N  N   . GLY A 1 33  ? -1.891  -0.209  -11.346 1.00 35.37 ? 30   GLY A N   1 
ATOM   232  C  CA  . GLY A 1 33  ? -1.135  -0.170  -12.583 1.00 39.84 ? 30   GLY A CA  1 
ATOM   233  C  C   . GLY A 1 33  ? -0.600  -1.530  -12.987 1.00 44.61 ? 30   GLY A C   1 
ATOM   234  O  O   . GLY A 1 33  ? -1.250  -2.231  -13.789 1.00 46.58 ? 30   GLY A O   1 
ATOM   235  N  N   . GLY A 1 34  ? 0.527   -1.955  -12.450 1.00 45.63 ? 31   GLY A N   1 
ATOM   236  C  CA  . GLY A 1 34  ? 1.142   -3.205  -12.787 1.00 45.53 ? 31   GLY A CA  1 
ATOM   237  C  C   . GLY A 1 34  ? 0.387   -4.495  -12.642 1.00 43.57 ? 31   GLY A C   1 
ATOM   238  O  O   . GLY A 1 34  ? 0.969   -5.519  -13.029 1.00 45.23 ? 31   GLY A O   1 
ATOM   239  N  N   . GLY A 1 35  ? -0.820  -4.528  -12.092 1.00 40.89 ? 32   GLY A N   1 
ATOM   240  C  CA  . GLY A 1 35  ? -1.557  -5.779  -11.932 1.00 37.14 ? 32   GLY A CA  1 
ATOM   241  C  C   . GLY A 1 35  ? -1.640  -6.123  -10.445 1.00 35.63 ? 32   GLY A C   1 
ATOM   242  O  O   . GLY A 1 35  ? -2.371  -6.999  -9.985  1.00 30.94 ? 32   GLY A O   1 
ATOM   243  N  N   . ASP A 1 36  ? -0.928  -5.311  -9.659  1.00 33.50 ? 33   ASP A N   1 
ATOM   244  C  CA  . ASP A 1 36  ? -0.925  -5.469  -8.207  1.00 33.76 ? 33   ASP A CA  1 
ATOM   245  C  C   . ASP A 1 36  ? -2.296  -5.110  -7.659  1.00 32.69 ? 33   ASP A C   1 
ATOM   246  O  O   . ASP A 1 36  ? -2.988  -4.298  -8.273  1.00 27.91 ? 33   ASP A O   1 
ATOM   247  C  CB  . ASP A 1 36  ? 0.194   -4.554  -7.665  1.00 34.78 ? 33   ASP A CB  1 
ATOM   248  C  CG  . ASP A 1 36  ? 1.447   -4.575  -8.519  1.00 40.81 ? 33   ASP A CG  1 
ATOM   249  O  OD1 . ASP A 1 36  ? 2.178   -5.586  -8.436  1.00 44.09 ? 33   ASP A OD1 1 
ATOM   250  O  OD2 . ASP A 1 36  ? 1.776   -3.642  -9.285  1.00 42.65 ? 33   ASP A OD2 1 
ATOM   251  N  N   . LYS A 1 37  ? -2.782  -5.753  -6.616  1.00 29.75 ? 34   LYS A N   1 
ATOM   252  C  CA  . LYS A 1 37  ? -4.036  -5.526  -5.958  1.00 30.14 ? 34   LYS A CA  1 
ATOM   253  C  C   . LYS A 1 37  ? -3.859  -4.881  -4.568  1.00 29.14 ? 34   LYS A C   1 
ATOM   254  O  O   . LYS A 1 37  ? -2.999  -5.352  -3.838  1.00 31.01 ? 34   LYS A O   1 
ATOM   255  C  CB  . LYS A 1 37  ? -4.767  -6.846  -5.696  1.00 38.24 ? 34   LYS A CB  1 
ATOM   256  N  N   . LEU A 1 38  ? -4.652  -3.895  -4.199  1.00 21.97 ? 35   LEU A N   1 
ATOM   257  C  CA  . LEU A 1 38  ? -4.504  -3.252  -2.887  1.00 17.74 ? 35   LEU A CA  1 
ATOM   258  C  C   . LEU A 1 38  ? -5.878  -3.004  -2.302  1.00 19.07 ? 35   LEU A C   1 
ATOM   259  O  O   . LEU A 1 38  ? -6.747  -2.510  -3.055  1.00 21.55 ? 35   LEU A O   1 
ATOM   260  C  CB  . LEU A 1 38  ? -3.797  -1.905  -3.063  1.00 18.79 ? 35   LEU A CB  1 
ATOM   261  C  CG  . LEU A 1 38  ? -3.547  -1.028  -1.841  1.00 18.31 ? 35   LEU A CG  1 
ATOM   262  C  CD1 . LEU A 1 38  ? -2.444  -1.633  -0.990  1.00 20.15 ? 35   LEU A CD1 1 
ATOM   263  C  CD2 . LEU A 1 38  ? -3.201  0.386   -2.260  1.00 22.37 ? 35   LEU A CD2 1 
ATOM   264  N  N   . ALA A 1 39  ? -6.146  -3.448  -1.089  1.00 15.58 ? 36   ALA A N   1 
ATOM   265  C  CA  . ALA A 1 39  ? -7.402  -3.218  -0.433  1.00 16.44 ? 36   ALA A CA  1 
ATOM   266  C  C   . ALA A 1 39  ? -7.393  -2.085  0.574   1.00 17.69 ? 36   ALA A C   1 
ATOM   267  O  O   . ALA A 1 39  ? -6.378  -1.890  1.271   1.00 15.62 ? 36   ALA A O   1 
ATOM   268  C  CB  . ALA A 1 39  ? -7.837  -4.507  0.273   1.00 19.70 ? 36   ALA A CB  1 
ATOM   269  N  N   . ALA A 1 40  ? -8.408  -1.249  0.586   1.00 13.85 ? 37   ALA A N   1 
ATOM   270  C  CA  . ALA A 1 40  ? -8.523  -0.136  1.505   1.00 14.88 ? 37   ALA A CA  1 
ATOM   271  C  C   . ALA A 1 40  ? -9.832  -0.270  2.283   1.00 18.96 ? 37   ALA A C   1 
ATOM   272  O  O   . ALA A 1 40  ? -10.782 -0.905  1.758   1.00 20.39 ? 37   ALA A O   1 
ATOM   273  C  CB  . ALA A 1 40  ? -8.517  1.173   0.719   1.00 12.80 ? 37   ALA A CB  1 
ATOM   274  N  N   . VAL A 1 41  ? -9.856  0.212   3.514   1.00 15.81 ? 38   VAL A N   1 
ATOM   275  C  CA  . VAL A 1 41  ? -11.082 0.188   4.311   1.00 16.87 ? 38   VAL A CA  1 
ATOM   276  C  C   . VAL A 1 41  ? -11.358 1.637   4.702   1.00 16.86 ? 38   VAL A C   1 
ATOM   277  O  O   . VAL A 1 41  ? -10.480 2.338   5.248   1.00 16.54 ? 38   VAL A O   1 
ATOM   278  C  CB  . VAL A 1 41  ? -11.073 -0.691  5.555   1.00 22.60 ? 38   VAL A CB  1 
ATOM   279  C  CG1 . VAL A 1 41  ? -12.248 -0.419  6.487   1.00 26.29 ? 38   VAL A CG1 1 
ATOM   280  C  CG2 . VAL A 1 41  ? -11.138 -2.181  5.193   1.00 20.89 ? 38   VAL A CG2 1 
ATOM   281  N  N   . VAL A 1 42  ? -12.547 2.108   4.332   1.00 12.51 ? 39   VAL A N   1 
ATOM   282  C  CA  . VAL A 1 42  ? -12.996 3.456   4.612   1.00 13.83 ? 39   VAL A CA  1 
ATOM   283  C  C   . VAL A 1 42  ? -14.368 3.426   5.291   1.00 17.54 ? 39   VAL A C   1 
ATOM   284  O  O   . VAL A 1 42  ? -15.012 2.387   5.338   1.00 16.94 ? 39   VAL A O   1 
ATOM   285  C  CB  . VAL A 1 42  ? -13.064 4.352   3.357   1.00 16.26 ? 39   VAL A CB  1 
ATOM   286  C  CG1 . VAL A 1 42  ? -11.721 4.520   2.687   1.00 20.30 ? 39   VAL A CG1 1 
ATOM   287  C  CG2 . VAL A 1 42  ? -14.159 3.791   2.414   1.00 17.50 ? 39   VAL A CG2 1 
ATOM   288  N  N   . THR A 1 43  ? -14.805 4.545   5.885   1.00 13.12 ? 40   THR A N   1 
ATOM   289  C  CA  . THR A 1 43  ? -16.125 4.539   6.523   1.00 16.01 ? 40   THR A CA  1 
ATOM   290  C  C   . THR A 1 43  ? -17.191 4.379   5.441   1.00 13.61 ? 40   THR A C   1 
ATOM   291  O  O   . THR A 1 43  ? -17.084 4.866   4.299   1.00 13.87 ? 40   THR A O   1 
ATOM   292  C  CB  . THR A 1 43  ? -16.472 5.843   7.279   1.00 16.05 ? 40   THR A CB  1 
ATOM   293  O  OG1 . THR A 1 43  ? -16.549 6.989   6.423   1.00 18.72 ? 40   THR A OG1 1 
ATOM   294  C  CG2 . THR A 1 43  ? -15.394 6.134   8.338   1.00 15.45 ? 40   THR A CG2 1 
ATOM   295  N  N   . LEU A 1 44  ? -18.378 3.922   5.884   1.00 16.32 ? 41   LEU A N   1 
ATOM   296  C  CA  . LEU A 1 44  ? -19.527 3.919   4.963   1.00 20.69 ? 41   LEU A CA  1 
ATOM   297  C  C   . LEU A 1 44  ? -19.857 5.298   4.422   1.00 19.69 ? 41   LEU A C   1 
ATOM   298  O  O   . LEU A 1 44  ? -20.103 5.623   3.255   1.00 18.62 ? 41   LEU A O   1 
ATOM   299  C  CB  . LEU A 1 44  ? -20.712 3.277   5.713   1.00 19.85 ? 41   LEU A CB  1 
ATOM   300  C  CG  . LEU A 1 44  ? -22.054 3.296   4.952   1.00 20.75 ? 41   LEU A CG  1 
ATOM   301  C  CD1 . LEU A 1 44  ? -21.943 2.488   3.667   1.00 21.78 ? 41   LEU A CD1 1 
ATOM   302  C  CD2 . LEU A 1 44  ? -23.143 2.742   5.864   1.00 21.56 ? 41   LEU A CD2 1 
ATOM   303  N  N   . GLU A 1 45  ? -19.790 6.262   5.367   1.00 20.51 ? 42   GLU A N   1 
ATOM   304  C  CA  . GLU A 1 45  ? -19.985 7.673   5.044   1.00 22.12 ? 42   GLU A CA  1 
ATOM   305  C  C   . GLU A 1 45  ? -19.097 8.131   3.899   1.00 21.59 ? 42   GLU A C   1 
ATOM   306  O  O   . GLU A 1 45  ? -19.606 8.795   2.977   1.00 21.34 ? 42   GLU A O   1 
ATOM   307  C  CB  . GLU A 1 45  ? -19.816 8.570   6.270   1.00 33.07 ? 42   GLU A CB  1 
ATOM   308  C  CG  . GLU A 1 45  ? -20.149 10.032  6.038   1.00 48.97 ? 42   GLU A CG  1 
ATOM   309  C  CD  . GLU A 1 45  ? -21.631 10.318  5.908   1.00 60.85 ? 42   GLU A CD  1 
ATOM   310  O  OE1 . GLU A 1 45  ? -22.444 9.387   6.062   1.00 70.13 ? 42   GLU A OE1 1 
ATOM   311  O  OE2 . GLU A 1 45  ? -21.996 11.493  5.651   1.00 70.11 ? 42   GLU A OE2 1 
ATOM   312  N  N   . SER A 1 46  ? -17.807 7.759   3.919   1.00 18.76 ? 43   SER A N   1 
ATOM   313  C  CA  . SER A 1 46  ? -16.908 8.130   2.840   1.00 18.32 ? 43   SER A CA  1 
ATOM   314  C  C   . SER A 1 46  ? -17.250 7.396   1.543   1.00 18.03 ? 43   SER A C   1 
ATOM   315  O  O   . SER A 1 46  ? -17.128 8.024   0.474   1.00 19.15 ? 43   SER A O   1 
ATOM   316  C  CB  . SER A 1 46  ? -15.446 7.824   3.197   1.00 24.50 ? 43   SER A CB  1 
ATOM   317  O  OG  . SER A 1 46  ? -15.034 8.776   4.188   1.00 26.87 ? 43   SER A OG  1 
ATOM   318  N  N   . ALA A 1 47  ? -17.636 6.126   1.686   1.00 17.40 ? 44   ALA A N   1 
ATOM   319  C  CA  . ALA A 1 47  ? -17.941 5.379   0.437   1.00 16.42 ? 44   ALA A CA  1 
ATOM   320  C  C   . ALA A 1 47  ? -19.112 6.052   -0.274  1.00 19.06 ? 44   ALA A C   1 
ATOM   321  O  O   . ALA A 1 47  ? -19.115 6.182   -1.493  1.00 21.52 ? 44   ALA A O   1 
ATOM   322  C  CB  . ALA A 1 47  ? -18.221 3.921   0.768   1.00 19.40 ? 44   ALA A CB  1 
ATOM   323  N  N   . ARG A 1 48  ? -20.091 6.509   0.501   1.00 21.03 ? 45   ARG A N   1 
ATOM   324  C  CA  A ARG A 1 48  ? -21.231 7.185   -0.114  0.50 21.55 ? 45   ARG A CA  1 
ATOM   325  C  CA  B ARG A 1 48  ? -21.234 7.205   -0.065  0.50 22.37 ? 45   ARG A CA  1 
ATOM   326  C  C   . ARG A 1 48  ? -20.835 8.564   -0.648  1.00 25.00 ? 45   ARG A C   1 
ATOM   327  O  O   . ARG A 1 48  ? -21.068 8.846   -1.812  1.00 25.69 ? 45   ARG A O   1 
ATOM   328  C  CB  A ARG A 1 48  ? -22.410 7.281   0.844   0.50 20.43 ? 45   ARG A CB  1 
ATOM   329  C  CB  B ARG A 1 48  ? -22.318 7.500   0.966   0.50 25.39 ? 45   ARG A CB  1 
ATOM   330  C  CG  A ARG A 1 48  ? -22.910 5.907   1.299   0.50 17.17 ? 45   ARG A CG  1 
ATOM   331  C  CG  B ARG A 1 48  ? -22.878 6.260   1.651   0.50 29.43 ? 45   ARG A CG  1 
ATOM   332  C  CD  A ARG A 1 48  ? -24.142 6.024   2.175   0.50 13.44 ? 45   ARG A CD  1 
ATOM   333  C  CD  B ARG A 1 48  ? -24.288 6.521   2.131   0.50 35.62 ? 45   ARG A CD  1 
ATOM   334  N  NE  A ARG A 1 48  ? -25.161 6.855   1.537   0.50 19.42 ? 45   ARG A NE  1 
ATOM   335  N  NE  B ARG A 1 48  ? -24.393 7.384   3.293   0.50 38.75 ? 45   ARG A NE  1 
ATOM   336  C  CZ  A ARG A 1 48  ? -26.294 7.245   2.085   0.50 20.67 ? 45   ARG A CZ  1 
ATOM   337  C  CZ  B ARG A 1 48  ? -24.104 7.027   4.535   0.50 42.51 ? 45   ARG A CZ  1 
ATOM   338  N  NH1 A ARG A 1 48  ? -26.648 6.891   3.321   0.50 24.13 ? 45   ARG A NH1 1 
ATOM   339  N  NH1 B ARG A 1 48  ? -23.676 5.819   4.862   0.50 45.54 ? 45   ARG A NH1 1 
ATOM   340  N  NH2 A ARG A 1 48  ? -27.110 8.019   1.377   0.50 22.08 ? 45   ARG A NH2 1 
ATOM   341  N  NH2 B ARG A 1 48  ? -24.260 7.917   5.507   0.50 46.33 ? 45   ARG A NH2 1 
ATOM   342  N  N   . SER A 1 49  ? -20.159 9.373   0.163   1.00 24.33 ? 46   SER A N   1 
ATOM   343  C  CA  A SER A 1 49  ? -19.832 10.754  -0.191  0.50 24.37 ? 46   SER A CA  1 
ATOM   344  C  CA  B SER A 1 49  ? -19.845 10.754  -0.204  0.50 23.97 ? 46   SER A CA  1 
ATOM   345  C  C   . SER A 1 49  ? -18.891 10.877  -1.377  1.00 24.91 ? 46   SER A C   1 
ATOM   346  O  O   . SER A 1 49  ? -18.952 11.850  -2.154  1.00 24.50 ? 46   SER A O   1 
ATOM   347  C  CB  A SER A 1 49  ? -19.246 11.498  1.019   0.50 25.34 ? 46   SER A CB  1 
ATOM   348  C  CB  B SER A 1 49  ? -19.315 11.521  1.017   0.50 22.92 ? 46   SER A CB  1 
ATOM   349  O  OG  A SER A 1 49  ? -17.872 11.175  1.164   0.50 26.96 ? 46   SER A OG  1 
ATOM   350  O  OG  B SER A 1 49  ? -18.896 12.818  0.617   0.50 22.21 ? 46   SER A OG  1 
ATOM   351  N  N   . LEU A 1 50  ? -17.867 10.028  -1.439  1.00 20.93 ? 47   LEU A N   1 
ATOM   352  C  CA  . LEU A 1 50  ? -16.930 9.967   -2.546  1.00 21.07 ? 47   LEU A CA  1 
ATOM   353  C  C   . LEU A 1 50  ? -17.550 9.325   -3.801  1.00 21.46 ? 47   LEU A C   1 
ATOM   354  O  O   . LEU A 1 50  ? -16.833 9.241   -4.850  1.00 20.41 ? 47   LEU A O   1 
ATOM   355  C  CB  . LEU A 1 50  ? -15.654 9.206   -2.180  1.00 21.31 ? 47   LEU A CB  1 
ATOM   356  C  CG  . LEU A 1 50  ? -14.822 9.640   -0.945  1.00 19.33 ? 47   LEU A CG  1 
ATOM   357  C  CD1 . LEU A 1 50  ? -13.594 8.800   -0.748  1.00 23.40 ? 47   LEU A CD1 1 
ATOM   358  C  CD2 . LEU A 1 50  ? -14.452 11.118  -1.090  1.00 31.37 ? 47   LEU A CD2 1 
ATOM   359  N  N   . GLN A 1 51  ? -18.776 8.772   -3.673  1.00 23.10 ? 48   GLN A N   1 
ATOM   360  C  CA  . GLN A 1 51  ? -19.462 8.162   -4.799  1.00 21.08 ? 48   GLN A CA  1 
ATOM   361  C  C   . GLN A 1 51  ? -18.701 6.970   -5.331  1.00 18.74 ? 48   GLN A C   1 
ATOM   362  O  O   . GLN A 1 51  ? -18.532 6.808   -6.545  1.00 20.41 ? 48   GLN A O   1 
ATOM   363  C  CB  . GLN A 1 51  ? -19.629 9.208   -5.918  1.00 25.33 ? 48   GLN A CB  1 
ATOM   364  C  CG  . GLN A 1 51  ? -20.639 10.268  -5.529  1.00 35.14 ? 48   GLN A CG  1 
ATOM   365  C  CD  . GLN A 1 51  ? -20.766 11.422  -6.502  1.00 45.53 ? 48   GLN A CD  1 
ATOM   366  O  OE1 . GLN A 1 51  ? -20.230 11.400  -7.611  1.00 56.63 ? 48   GLN A OE1 1 
ATOM   367  N  NE2 . GLN A 1 51  ? -21.490 12.464  -6.097  1.00 46.06 ? 48   GLN A NE2 1 
ATOM   368  N  N   . LEU A 1 52  ? -18.178 6.119   -4.426  1.00 16.71 ? 49   LEU A N   1 
ATOM   369  C  CA  . LEU A 1 52  ? -17.450 4.953   -4.843  1.00 13.17 ? 49   LEU A CA  1 
ATOM   370  C  C   . LEU A 1 52  ? -18.371 3.961   -5.578  1.00 18.25 ? 49   LEU A C   1 
ATOM   371  O  O   . LEU A 1 52  ? -19.542 3.752   -5.253  1.00 17.07 ? 49   LEU A O   1 
ATOM   372  C  CB  . LEU A 1 52  ? -16.780 4.225   -3.656  1.00 16.82 ? 49   LEU A CB  1 
ATOM   373  C  CG  . LEU A 1 52  ? -15.736 5.088   -2.925  1.00 19.66 ? 49   LEU A CG  1 
ATOM   374  C  CD1 . LEU A 1 52  ? -15.009 4.307   -1.841  1.00 19.88 ? 49   LEU A CD1 1 
ATOM   375  C  CD2 . LEU A 1 52  ? -14.758 5.671   -3.929  1.00 17.82 ? 49   LEU A CD2 1 
ATOM   376  N  N   . ALA A 1 53  ? -17.708 3.293   -6.515  1.00 19.00 ? 50   ALA A N   1 
ATOM   377  C  CA  . ALA A 1 53  ? -18.325 2.208   -7.256  1.00 20.76 ? 50   ALA A CA  1 
ATOM   378  C  C   . ALA A 1 53  ? -17.240 1.414   -7.990  1.00 18.59 ? 50   ALA A C   1 
ATOM   379  O  O   . ALA A 1 53  ? -16.191 1.955   -8.380  1.00 18.16 ? 50   ALA A O   1 
ATOM   380  C  CB  . ALA A 1 53  ? -19.328 2.675   -8.301  1.00 21.00 ? 50   ALA A CB  1 
ATOM   381  N  N   . ALA A 1 54  ? -17.585 0.122   -8.162  1.00 18.65 ? 51   ALA A N   1 
ATOM   382  C  CA  . ALA A 1 54  ? -16.651 -0.705  -8.926  1.00 18.48 ? 51   ALA A CA  1 
ATOM   383  C  C   . ALA A 1 54  ? -16.543 -0.075  -10.317 1.00 19.67 ? 51   ALA A C   1 
ATOM   384  O  O   . ALA A 1 54  ? -17.482 0.567   -10.826 1.00 15.40 ? 51   ALA A O   1 
ATOM   385  C  CB  . ALA A 1 54  ? -17.133 -2.137  -9.001  1.00 16.57 ? 51   ALA A CB  1 
ATOM   386  N  N   . GLY A 1 55  ? -15.329 -0.022  -10.853 1.00 18.43 ? 52   GLY A N   1 
ATOM   387  C  CA  . GLY A 1 55  ? -15.032 0.492   -12.171 1.00 20.20 ? 52   GLY A CA  1 
ATOM   388  C  C   . GLY A 1 55  ? -14.542 1.923   -12.193 1.00 19.39 ? 52   GLY A C   1 
ATOM   389  O  O   . GLY A 1 55  ? -14.060 2.395   -13.222 1.00 25.12 ? 52   GLY A O   1 
ATOM   390  N  N   . LYS A 1 56  ? -14.664 2.651   -11.082 1.00 17.47 ? 53   LYS A N   1 
ATOM   391  C  CA  . LYS A 1 56  ? -14.281 4.053   -11.016 1.00 19.94 ? 53   LYS A CA  1 
ATOM   392  C  C   . LYS A 1 56  ? -12.790 4.200   -10.669 1.00 18.30 ? 53   LYS A C   1 
ATOM   393  O  O   . LYS A 1 56  ? -12.241 3.314   -10.000 1.00 16.88 ? 53   LYS A O   1 
ATOM   394  C  CB  . LYS A 1 56  ? -15.045 4.835   -9.945  1.00 20.24 ? 53   LYS A CB  1 
ATOM   395  N  N   . GLU A 1 57  ? -12.211 5.312   -11.100 1.00 16.30 ? 54   GLU A N   1 
ATOM   396  C  CA  . GLU A 1 57  ? -10.795 5.516   -10.825 1.00 16.64 ? 54   GLU A CA  1 
ATOM   397  C  C   . GLU A 1 57  ? -10.608 6.188   -9.470  1.00 17.20 ? 54   GLU A C   1 
ATOM   398  O  O   . GLU A 1 57  ? -11.495 6.938   -9.049  1.00 19.95 ? 54   GLU A O   1 
ATOM   399  C  CB  . GLU A 1 57  ? -10.081 6.432   -11.833 1.00 23.96 ? 54   GLU A CB  1 
ATOM   400  C  CG  . GLU A 1 57  ? -10.326 5.951   -13.253 1.00 43.21 ? 54   GLU A CG  1 
ATOM   401  C  CD  . GLU A 1 57  ? -9.655  4.637   -13.582 1.00 50.24 ? 54   GLU A CD  1 
ATOM   402  O  OE1 . GLU A 1 57  ? -9.142  3.913   -12.709 1.00 55.13 ? 54   GLU A OE1 1 
ATOM   403  O  OE2 . GLU A 1 57  ? -9.632  4.302   -14.791 1.00 58.03 ? 54   GLU A OE2 1 
ATOM   404  N  N   . VAL A 1 58  ? -9.582  5.717   -8.756  1.00 16.56 ? 55   VAL A N   1 
ATOM   405  C  CA  . VAL A 1 58  ? -9.261  6.274   -7.439  1.00 18.34 ? 55   VAL A CA  1 
ATOM   406  C  C   . VAL A 1 58  ? -7.723  6.406   -7.290  1.00 16.96 ? 55   VAL A C   1 
ATOM   407  O  O   . VAL A 1 58  ? -6.889  5.833   -8.000  1.00 19.75 ? 55   VAL A O   1 
ATOM   408  C  CB  . VAL A 1 58  ? -9.761  5.421   -6.274  1.00 16.14 ? 55   VAL A CB  1 
ATOM   409  C  CG1 . VAL A 1 58  ? -11.288 5.294   -6.218  1.00 24.43 ? 55   VAL A CG1 1 
ATOM   410  C  CG2 . VAL A 1 58  ? -9.128  4.030   -6.341  1.00 22.05 ? 55   VAL A CG2 1 
ATOM   411  N  N   . VAL A 1 59  ? -7.325  7.155   -6.254  1.00 15.50 ? 56   VAL A N   1 
ATOM   412  C  CA  . VAL A 1 59  ? -5.913  7.168   -5.856  1.00 16.75 ? 56   VAL A CA  1 
ATOM   413  C  C   . VAL A 1 59  ? -5.825  6.537   -4.459  1.00 18.35 ? 56   VAL A C   1 
ATOM   414  O  O   . VAL A 1 59  ? -6.798  6.704   -3.743  1.00 16.12 ? 56   VAL A O   1 
ATOM   415  C  CB  . VAL A 1 59  ? -5.287  8.567   -5.879  1.00 25.99 ? 56   VAL A CB  1 
ATOM   416  C  CG1 . VAL A 1 59  ? -5.415  9.154   -7.296  1.00 28.60 ? 56   VAL A CG1 1 
ATOM   417  C  CG2 . VAL A 1 59  ? -5.865  9.533   -4.860  1.00 29.92 ? 56   VAL A CG2 1 
ATOM   418  N  N   . ALA A 1 60  ? -4.798  5.721   -4.200  1.00 15.67 ? 57   ALA A N   1 
ATOM   419  C  CA  . ALA A 1 60  ? -4.673  5.121   -2.851  1.00 13.30 ? 57   ALA A CA  1 
ATOM   420  C  C   . ALA A 1 60  ? -3.355  5.693   -2.235  1.00 14.99 ? 57   ALA A C   1 
ATOM   421  O  O   . ALA A 1 60  ? -2.390  5.761   -2.996  1.00 16.05 ? 57   ALA A O   1 
ATOM   422  C  CB  . ALA A 1 60  ? -4.621  3.613   -2.919  1.00 18.56 ? 57   ALA A CB  1 
ATOM   423  N  N   . VAL A 1 61  ? -3.456  6.193   -0.997  1.00 14.60 ? 58   VAL A N   1 
ATOM   424  C  CA  . VAL A 1 61  ? -2.322  6.909   -0.403  1.00 13.08 ? 58   VAL A CA  1 
ATOM   425  C  C   . VAL A 1 61  ? -1.870  6.242   0.889   1.00 12.61 ? 58   VAL A C   1 
ATOM   426  O  O   . VAL A 1 61  ? -2.694  5.886   1.742   1.00 12.25 ? 58   VAL A O   1 
ATOM   427  C  CB  . VAL A 1 61  ? -2.759  8.356   -0.056  1.00 13.96 ? 58   VAL A CB  1 
ATOM   428  C  CG1 . VAL A 1 61  ? -1.646  9.083   0.707   1.00 14.52 ? 58   VAL A CG1 1 
ATOM   429  C  CG2 . VAL A 1 61  ? -3.114  9.151   -1.330  1.00 11.07 ? 58   VAL A CG2 1 
ATOM   430  N  N   . VAL A 1 62  ? -0.578  5.805   0.892   1.00 12.56 ? 59   VAL A N   1 
ATOM   431  C  CA  . VAL A 1 62  ? -0.072  5.103   2.074   1.00 12.85 ? 59   VAL A CA  1 
ATOM   432  C  C   . VAL A 1 62  ? 1.236   5.737   2.575   1.00 11.43 ? 59   VAL A C   1 
ATOM   433  O  O   . VAL A 1 62  ? 2.155   5.873   1.797   1.00 12.70 ? 59   VAL A O   1 
ATOM   434  C  CB  . VAL A 1 62  ? 0.170   3.625   1.715   1.00 10.36 ? 59   VAL A CB  1 
ATOM   435  C  CG1 . VAL A 1 62  ? 0.724   2.902   2.967   1.00 17.89 ? 59   VAL A CG1 1 
ATOM   436  C  CG2 . VAL A 1 62  ? -1.127  2.939   1.336   1.00 12.98 ? 59   VAL A CG2 1 
ATOM   437  N  N   . LYS A 1 63  ? 1.234   6.257   3.818   1.00 13.06 ? 60   LYS A N   1 
ATOM   438  C  CA  . LYS A 1 63  ? 2.502   6.822   4.312   1.00 11.91 ? 60   LYS A CA  1 
ATOM   439  C  C   . LYS A 1 63  ? 3.538   5.712   4.493   1.00 14.90 ? 60   LYS A C   1 
ATOM   440  O  O   . LYS A 1 63  ? 3.284   4.615   4.961   1.00 17.32 ? 60   LYS A O   1 
ATOM   441  C  CB  . LYS A 1 63  ? 2.172   7.453   5.663   1.00 18.86 ? 60   LYS A CB  1 
ATOM   442  C  CG  . LYS A 1 63  ? 3.019   8.660   6.048   1.00 34.66 ? 60   LYS A CG  1 
ATOM   443  C  CD  . LYS A 1 63  ? 2.440   9.053   7.427   1.00 32.17 ? 60   LYS A CD  1 
ATOM   444  C  CE  . LYS A 1 63  ? 2.673   10.559  7.554   1.00 39.51 ? 60   LYS A CE  1 
ATOM   445  N  NZ  . LYS A 1 63  ? 4.141   10.758  7.759   1.00 23.04 ? 60   LYS A NZ  1 
ATOM   446  N  N   . ALA A 1 64  ? 4.807   6.101   4.265   1.00 14.27 ? 61   ALA A N   1 
ATOM   447  C  CA  . ALA A 1 64  ? 5.902   5.131   4.436   1.00 15.77 ? 61   ALA A CA  1 
ATOM   448  C  C   . ALA A 1 64  ? 5.979   4.366   5.720   1.00 11.54 ? 61   ALA A C   1 
ATOM   449  O  O   . ALA A 1 64  ? 6.160   3.133   5.741   1.00 14.84 ? 61   ALA A O   1 
ATOM   450  C  CB  . ALA A 1 64  ? 7.201   5.920   4.212   1.00 19.65 ? 61   ALA A CB  1 
ATOM   451  N  N   . PRO A 1 65  ? 5.892   4.997   6.900   1.00 13.88 ? 62   PRO A N   1 
ATOM   452  C  CA  . PRO A 1 65  ? 5.962   4.318   8.183   1.00 17.56 ? 62   PRO A CA  1 
ATOM   453  C  C   . PRO A 1 65  ? 4.820   3.379   8.422   1.00 17.87 ? 62   PRO A C   1 
ATOM   454  O  O   . PRO A 1 65  ? 4.790   2.731   9.488   1.00 22.40 ? 62   PRO A O   1 
ATOM   455  C  CB  . PRO A 1 65  ? 5.994   5.407   9.245   1.00 19.47 ? 62   PRO A CB  1 
ATOM   456  C  CG  . PRO A 1 65  ? 5.897   6.686   8.534   1.00 18.71 ? 62   PRO A CG  1 
ATOM   457  C  CD  . PRO A 1 65  ? 5.755   6.451   7.052   1.00 12.88 ? 62   PRO A CD  1 
ATOM   458  N  N   . TRP A 1 66  ? 3.758   3.398   7.643   1.00 14.82 ? 63   TRP A N   1 
ATOM   459  C  CA  . TRP A 1 66  ? 2.651   2.492   7.816   1.00 17.13 ? 63   TRP A CA  1 
ATOM   460  C  C   . TRP A 1 66  ? 2.928   1.169   7.121   1.00 18.71 ? 63   TRP A C   1 
ATOM   461  O  O   . TRP A 1 66  ? 2.089   0.273   7.233   1.00 20.97 ? 63   TRP A O   1 
ATOM   462  C  CB  . TRP A 1 66  ? 1.383   3.131   7.230   1.00 18.36 ? 63   TRP A CB  1 
ATOM   463  C  CG  . TRP A 1 66  ? 0.979   4.439   7.869   1.00 28.97 ? 63   TRP A CG  1 
ATOM   464  C  CD1 . TRP A 1 66  ? 1.519   4.978   9.006   1.00 27.69 ? 63   TRP A CD1 1 
ATOM   465  C  CD2 . TRP A 1 66  ? -0.042  5.353   7.451   1.00 32.41 ? 63   TRP A CD2 1 
ATOM   466  N  NE1 . TRP A 1 66  ? 0.915   6.166   9.311   1.00 33.86 ? 63   TRP A NE1 1 
ATOM   467  C  CE2 . TRP A 1 66  ? -0.057  6.415   8.379   1.00 27.43 ? 63   TRP A CE2 1 
ATOM   468  C  CE3 . TRP A 1 66  ? -0.946  5.373   6.371   1.00 28.26 ? 63   TRP A CE3 1 
ATOM   469  C  CZ2 . TRP A 1 66  ? -0.920  7.497   8.261   1.00 33.54 ? 63   TRP A CZ2 1 
ATOM   470  C  CZ3 . TRP A 1 66  ? -1.817  6.456   6.284   1.00 32.90 ? 63   TRP A CZ3 1 
ATOM   471  C  CH2 . TRP A 1 66  ? -1.814  7.503   7.220   1.00 26.58 ? 63   TRP A CH2 1 
ATOM   472  N  N   . VAL A 1 67  ? 3.983   0.993   6.346   1.00 15.68 ? 64   VAL A N   1 
ATOM   473  C  CA  . VAL A 1 67  ? 4.268   -0.252  5.640   1.00 12.55 ? 64   VAL A CA  1 
ATOM   474  C  C   . VAL A 1 67  ? 5.295   -1.096  6.369   1.00 14.07 ? 64   VAL A C   1 
ATOM   475  O  O   . VAL A 1 67  ? 6.430   -0.614  6.583   1.00 13.30 ? 64   VAL A O   1 
ATOM   476  C  CB  . VAL A 1 67  ? 4.837   0.067   4.216   1.00 12.51 ? 64   VAL A CB  1 
ATOM   477  C  CG1 . VAL A 1 67  ? 5.095   -1.211  3.408   1.00 18.68 ? 64   VAL A CG1 1 
ATOM   478  C  CG2 . VAL A 1 67  ? 3.853   1.025   3.539   1.00 16.24 ? 64   VAL A CG2 1 
ATOM   479  N  N   . LEU A 1 68  ? 4.884   -2.307  6.741   1.00 12.03 ? 65   LEU A N   1 
ATOM   480  C  CA  . LEU A 1 68  ? 5.838   -3.210  7.420   1.00 13.89 ? 65   LEU A CA  1 
ATOM   481  C  C   . LEU A 1 68  ? 6.489   -4.051  6.325   1.00 13.45 ? 65   LEU A C   1 
ATOM   482  O  O   . LEU A 1 68  ? 5.984   -4.110  5.193   1.00 13.58 ? 65   LEU A O   1 
ATOM   483  C  CB  . LEU A 1 68  ? 5.109   -4.187  8.336   1.00 19.10 ? 65   LEU A CB  1 
ATOM   484  C  CG  . LEU A 1 68  ? 4.696   -3.671  9.713   1.00 21.91 ? 65   LEU A CG  1 
ATOM   485  C  CD1 . LEU A 1 68  ? 3.425   -2.848  9.611   1.00 25.67 ? 65   LEU A CD1 1 
ATOM   486  C  CD2 . LEU A 1 68  ? 4.505   -4.831  10.698  1.00 28.10 ? 65   LEU A CD2 1 
ATOM   487  N  N   . LEU A 1 69  ? 7.722   -4.498  6.569   1.00 11.78 ? 66   LEU A N   1 
ATOM   488  C  CA  . LEU A 1 69  ? 8.352   -5.380  5.577   1.00 10.15 ? 66   LEU A CA  1 
ATOM   489  C  C   . LEU A 1 69  ? 8.484   -6.791  6.132   1.00 13.78 ? 66   LEU A C   1 
ATOM   490  O  O   . LEU A 1 69  ? 8.914   -6.863  7.300   1.00 14.07 ? 66   LEU A O   1 
ATOM   491  C  CB  . LEU A 1 69  ? 9.733   -4.877  5.227   1.00 12.05 ? 66   LEU A CB  1 
ATOM   492  C  CG  . LEU A 1 69  ? 9.710   -3.539  4.436   1.00 12.72 ? 66   LEU A CG  1 
ATOM   493  C  CD1 . LEU A 1 69  ? 11.155  -3.063  4.295   1.00 17.04 ? 66   LEU A CD1 1 
ATOM   494  C  CD2 . LEU A 1 69  ? 9.065   -3.806  3.093   1.00 14.67 ? 66   LEU A CD2 1 
ATOM   495  N  N   . MET A 1 70  ? 8.257   -7.885  5.412   1.00 14.86 ? 67   MET A N   1 
ATOM   496  C  CA  . MET A 1 70  ? 8.415   -9.233  5.957   1.00 12.60 ? 67   MET A CA  1 
ATOM   497  C  C   . MET A 1 70  ? 9.235   -10.043 4.948   1.00 15.16 ? 67   MET A C   1 
ATOM   498  O  O   . MET A 1 70  ? 8.979   -9.886  3.755   1.00 17.05 ? 67   MET A O   1 
ATOM   499  C  CB  . MET A 1 70  ? 7.040   -9.887  6.160   1.00 11.59 ? 67   MET A CB  1 
ATOM   500  C  CG  . MET A 1 70  ? 7.028   -11.342 6.561   1.00 15.74 ? 67   MET A CG  1 
ATOM   501  S  SD  . MET A 1 70  ? 5.392   -11.855 7.087   1.00 14.79 ? 67   MET A SD  1 
ATOM   502  C  CE  . MET A 1 70  ? 4.525   -11.827 5.533   1.00 15.75 ? 67   MET A CE  1 
ATOM   503  N  N   . THR A 1 71  ? 10.171  -10.850 5.380   1.00 12.77 ? 68   THR A N   1 
ATOM   504  C  CA  . THR A 1 71  ? 10.941  -11.714 4.487   1.00 15.56 ? 68   THR A CA  1 
ATOM   505  C  C   . THR A 1 71  ? 10.561  -13.182 4.674   1.00 23.44 ? 68   THR A C   1 
ATOM   506  O  O   . THR A 1 71  ? 11.102  -13.950 3.871   1.00 29.80 ? 68   THR A O   1 
ATOM   507  C  CB  . THR A 1 71  ? 12.459  -11.644 4.663   1.00 14.46 ? 68   THR A CB  1 
ATOM   508  O  OG1 . THR A 1 71  ? 12.815  -11.763 6.058   1.00 14.35 ? 68   THR A OG1 1 
ATOM   509  C  CG2 . THR A 1 71  ? 12.932  -10.294 4.117   1.00 13.35 ? 68   THR A CG2 1 
ATOM   510  N  N   . ASP A 1 72  ? 10.147  -13.647 5.806   1.00 18.47 ? 69   ASP A N   1 
ATOM   511  C  CA  . ASP A 1 72  ? 9.877   -15.076 6.033   1.00 21.48 ? 69   ASP A CA  1 
ATOM   512  C  C   . ASP A 1 72  ? 8.655   -15.118 6.935   1.00 22.66 ? 69   ASP A C   1 
ATOM   513  O  O   . ASP A 1 72  ? 8.729   -14.659 8.079   1.00 24.53 ? 69   ASP A O   1 
ATOM   514  C  CB  . ASP A 1 72  ? 11.059  -15.843 6.613   1.00 21.95 ? 69   ASP A CB  1 
ATOM   515  C  CG  . ASP A 1 72  ? 10.886  -17.353 6.571   1.00 31.47 ? 69   ASP A CG  1 
ATOM   516  O  OD1 . ASP A 1 72  ? 11.796  -18.091 7.011   1.00 35.32 ? 69   ASP A OD1 1 
ATOM   517  O  OD2 . ASP A 1 72  ? 9.835   -17.825 6.085   1.00 29.98 ? 69   ASP A OD2 1 
ATOM   518  N  N   . SER A 1 73  ? 7.547   -15.566 6.355   1.00 20.18 ? 70   SER A N   1 
ATOM   519  C  CA  . SER A 1 73  ? 6.302   -15.654 7.104   1.00 21.71 ? 70   SER A CA  1 
ATOM   520  C  C   . SER A 1 73  ? 6.348   -16.840 8.060   1.00 24.03 ? 70   SER A C   1 
ATOM   521  O  O   . SER A 1 73  ? 5.646   -16.928 9.055   1.00 22.12 ? 70   SER A O   1 
ATOM   522  C  CB  . SER A 1 73  ? 5.103   -15.792 6.153   1.00 25.16 ? 70   SER A CB  1 
ATOM   523  O  OG  . SER A 1 73  ? 5.189   -17.011 5.414   1.00 32.33 ? 70   SER A OG  1 
ATOM   524  N  N   . SER A 1 74  ? 7.181   -17.815 7.670   1.00 24.65 ? 71   SER A N   1 
ATOM   525  C  CA  . SER A 1 74  ? 7.371   -19.051 8.413   1.00 25.13 ? 71   SER A CA  1 
ATOM   526  C  C   . SER A 1 74  ? 6.040   -19.763 8.620   1.00 23.43 ? 71   SER A C   1 
ATOM   527  O  O   . SER A 1 74  ? 5.754   -20.105 9.782   1.00 25.22 ? 71   SER A O   1 
ATOM   528  C  CB  . SER A 1 74  ? 8.005   -18.739 9.747   1.00 33.85 ? 71   SER A CB  1 
ATOM   529  O  OG  . SER A 1 74  ? 8.557   -19.838 10.443  1.00 37.93 ? 71   SER A OG  1 
ATOM   530  N  N   . GLY A 1 75  ? 5.186   -19.739 7.601   1.00 23.87 ? 72   GLY A N   1 
ATOM   531  C  CA  . GLY A 1 75  ? 3.869   -20.359 7.744   1.00 24.94 ? 72   GLY A CA  1 
ATOM   532  C  C   . GLY A 1 75  ? 2.777   -19.520 8.366   1.00 24.21 ? 72   GLY A C   1 
ATOM   533  O  O   . GLY A 1 75  ? 1.577   -19.844 8.281   1.00 23.59 ? 72   GLY A O   1 
ATOM   534  N  N   . TYR A 1 76  ? 3.117   -18.422 9.033   1.00 24.06 ? 73   TYR A N   1 
ATOM   535  C  CA  . TYR A 1 76  ? 2.099   -17.587 9.655   1.00 22.94 ? 73   TYR A CA  1 
ATOM   536  C  C   . TYR A 1 76  ? 1.206   -16.894 8.626   1.00 22.83 ? 73   TYR A C   1 
ATOM   537  O  O   . TYR A 1 76  ? 1.631   -16.500 7.541   1.00 23.30 ? 73   TYR A O   1 
ATOM   538  C  CB  . TYR A 1 76  ? 2.700   -16.515 10.561  1.00 22.01 ? 73   TYR A CB  1 
ATOM   539  C  CG  . TYR A 1 76  ? 3.167   -17.052 11.901  1.00 25.01 ? 73   TYR A CG  1 
ATOM   540  C  CD1 . TYR A 1 76  ? 4.421   -17.648 12.016  1.00 25.71 ? 73   TYR A CD1 1 
ATOM   541  C  CD2 . TYR A 1 76  ? 2.408   -16.936 13.032  1.00 24.64 ? 73   TYR A CD2 1 
ATOM   542  C  CE1 . TYR A 1 76  ? 4.854   -18.117 13.240  1.00 25.87 ? 73   TYR A CE1 1 
ATOM   543  C  CE2 . TYR A 1 76  ? 2.784   -17.446 14.262  1.00 25.14 ? 73   TYR A CE2 1 
ATOM   544  C  CZ  . TYR A 1 76  ? 4.049   -18.030 14.350  1.00 27.12 ? 73   TYR A CZ  1 
ATOM   545  O  OH  . TYR A 1 76  ? 4.494   -18.505 15.568  1.00 29.51 ? 73   TYR A OH  1 
ATOM   546  N  N   . ARG A 1 77  ? -0.044  -16.722 9.048   1.00 17.75 ? 74   ARG A N   1 
ATOM   547  C  CA  . ARG A 1 77  ? -1.052  -16.012 8.271   1.00 19.05 ? 74   ARG A CA  1 
ATOM   548  C  C   . ARG A 1 77  ? -1.331  -14.745 9.080   1.00 16.43 ? 74   ARG A C   1 
ATOM   549  O  O   . ARG A 1 77  ? -1.471  -14.902 10.304  1.00 16.43 ? 74   ARG A O   1 
ATOM   550  C  CB  . ARG A 1 77  ? -2.328  -16.849 8.138   1.00 23.58 ? 74   ARG A CB  1 
ATOM   551  C  CG  . ARG A 1 77  ? -2.225  -18.152 7.357   1.00 35.11 ? 74   ARG A CG  1 
ATOM   552  C  CD  . ARG A 1 77  ? -3.533  -18.965 7.413   1.00 35.74 ? 74   ARG A CD  1 
ATOM   553  N  NE  . ARG A 1 77  ? -3.799  -19.543 8.725   1.00 40.94 ? 74   ARG A NE  1 
ATOM   554  C  CZ  . ARG A 1 77  ? -4.971  -19.990 9.174   1.00 49.22 ? 74   ARG A CZ  1 
ATOM   555  N  NH1 . ARG A 1 77  ? -6.063  -19.929 8.412   1.00 50.52 ? 74   ARG A NH1 1 
ATOM   556  N  NH2 . ARG A 1 77  ? -5.118  -20.497 10.393  1.00 45.50 ? 74   ARG A NH2 1 
ATOM   557  N  N   . LEU A 1 78  ? -1.403  -13.576 8.457   1.00 15.93 ? 75   LEU A N   1 
ATOM   558  C  CA  . LEU A 1 78  ? -1.597  -12.373 9.282   1.00 15.07 ? 75   LEU A CA  1 
ATOM   559  C  C   . LEU A 1 78  ? -2.978  -11.745 9.099   1.00 12.95 ? 75   LEU A C   1 
ATOM   560  O  O   . LEU A 1 78  ? -3.642  -12.003 8.092   1.00 16.33 ? 75   LEU A O   1 
ATOM   561  C  CB  . LEU A 1 78  ? -0.561  -11.282 8.917   1.00 16.68 ? 75   LEU A CB  1 
ATOM   562  C  CG  . LEU A 1 78  ? 0.901   -11.730 8.881   1.00 17.80 ? 75   LEU A CG  1 
ATOM   563  C  CD1 . LEU A 1 78  ? 1.838   -10.688 8.249   1.00 21.95 ? 75   LEU A CD1 1 
ATOM   564  C  CD2 . LEU A 1 78  ? 1.387   -12.165 10.257  1.00 17.37 ? 75   LEU A CD2 1 
ATOM   565  N  N   . SER A 1 79  ? -3.381  -10.884 10.042  1.00 12.67 ? 76   SER A N   1 
ATOM   566  C  CA  . SER A 1 79  ? -4.664  -10.207 9.944   1.00 14.84 ? 76   SER A CA  1 
ATOM   567  C  C   . SER A 1 79  ? -4.633  -9.027  8.966   1.00 14.66 ? 76   SER A C   1 
ATOM   568  O  O   . SER A 1 79  ? -5.721  -8.683  8.478   1.00 18.02 ? 76   SER A O   1 
ATOM   569  C  CB  . SER A 1 79  ? -5.111  -9.653  11.295  1.00 13.02 ? 76   SER A CB  1 
ATOM   570  O  OG  . SER A 1 79  ? -4.166  -8.739  11.806  1.00 14.12 ? 76   SER A OG  1 
ATOM   571  N  N   . ALA A 1 80  ? -3.459  -8.425  8.723   1.00 13.45 ? 77   ALA A N   1 
ATOM   572  C  CA  . ALA A 1 80  ? -3.457  -7.388  7.672   1.00 13.81 ? 77   ALA A CA  1 
ATOM   573  C  C   . ALA A 1 80  ? -3.848  -7.900  6.296   1.00 12.96 ? 77   ALA A C   1 
ATOM   574  O  O   . ALA A 1 80  ? -3.323  -8.923  5.857   1.00 16.98 ? 77   ALA A O   1 
ATOM   575  C  CB  . ALA A 1 80  ? -1.985  -6.905  7.512   1.00 16.47 ? 77   ALA A CB  1 
ATOM   576  N  N   . ARG A 1 81  ? -4.688  -7.160  5.596   1.00 14.53 ? 78   ARG A N   1 
ATOM   577  C  CA  . ARG A 1 81  ? -5.207  -7.617  4.308   1.00 13.80 ? 78   ARG A CA  1 
ATOM   578  C  C   . ARG A 1 81  ? -4.233  -7.587  3.142   1.00 18.66 ? 78   ARG A C   1 
ATOM   579  O  O   . ARG A 1 81  ? -4.379  -8.437  2.248   1.00 21.37 ? 78   ARG A O   1 
ATOM   580  C  CB  . ARG A 1 81  ? -6.411  -6.713  3.971   1.00 22.91 ? 78   ARG A CB  1 
ATOM   581  N  N   . ASN A 1 82  ? -3.260  -6.678  3.106   1.00 13.03 ? 79   ASN A N   1 
ATOM   582  C  CA  . ASN A 1 82  ? -2.365  -6.485  1.996   1.00 16.41 ? 79   ASN A CA  1 
ATOM   583  C  C   . ASN A 1 82  ? -0.950  -7.014  2.279   1.00 14.32 ? 79   ASN A C   1 
ATOM   584  O  O   . ASN A 1 82  ? -0.365  -6.547  3.246   1.00 14.09 ? 79   ASN A O   1 
ATOM   585  C  CB  . ASN A 1 82  ? -2.190  -4.978  1.652   1.00 14.96 ? 79   ASN A CB  1 
ATOM   586  C  CG  . ASN A 1 82  ? -3.540  -4.366  1.355   1.00 15.30 ? 79   ASN A CG  1 
ATOM   587  O  OD1 . ASN A 1 82  ? -4.159  -4.844  0.363   1.00 17.42 ? 79   ASN A OD1 1 
ATOM   588  N  ND2 . ASN A 1 82  ? -4.075  -3.433  2.155   1.00 14.17 ? 79   ASN A ND2 1 
ATOM   589  N  N   . ILE A 1 83  ? -0.567  -8.039  1.536   1.00 15.20 ? 80   ILE A N   1 
ATOM   590  C  CA  . ILE A 1 83  ? 0.743   -8.677  1.590   1.00 16.14 ? 80   ILE A CA  1 
ATOM   591  C  C   . ILE A 1 83  ? 1.279   -8.680  0.159   1.00 18.83 ? 80   ILE A C   1 
ATOM   592  O  O   . ILE A 1 83  ? 0.934   -9.592  -0.613  1.00 19.94 ? 80   ILE A O   1 
ATOM   593  C  CB  . ILE A 1 83  ? 0.757   -10.072 2.223   1.00 17.52 ? 80   ILE A CB  1 
ATOM   594  C  CG1 . ILE A 1 83  ? 0.226   -9.984  3.660   1.00 22.47 ? 80   ILE A CG1 1 
ATOM   595  C  CG2 . ILE A 1 83  ? 2.183   -10.634 2.257   1.00 16.81 ? 80   ILE A CG2 1 
ATOM   596  C  CD1 . ILE A 1 83  ? -0.011  -11.326 4.324   1.00 28.09 ? 80   ILE A CD1 1 
ATOM   597  N  N   . LEU A 1 84  ? 2.134   -7.711  -0.191  1.00 15.81 ? 81   LEU A N   1 
ATOM   598  C  CA  . LEU A 1 84  ? 2.545   -7.515  -1.586  1.00 17.95 ? 81   LEU A CA  1 
ATOM   599  C  C   . LEU A 1 84  ? 3.993   -7.953  -1.750  1.00 17.98 ? 81   LEU A C   1 
ATOM   600  O  O   . LEU A 1 84  ? 4.840   -7.315  -1.129  1.00 16.72 ? 81   LEU A O   1 
ATOM   601  C  CB  . LEU A 1 84  ? 2.421   -6.068  -2.052  1.00 17.53 ? 81   LEU A CB  1 
ATOM   602  C  CG  . LEU A 1 84  ? 1.077   -5.384  -1.731  1.00 26.22 ? 81   LEU A CG  1 
ATOM   603  C  CD1 . LEU A 1 84  ? 1.030   -3.984  -2.318  1.00 31.31 ? 81   LEU A CD1 1 
ATOM   604  C  CD2 . LEU A 1 84  ? -0.097  -6.179  -2.296  1.00 27.29 ? 81   LEU A CD2 1 
ATOM   605  N  N   . THR A 1 85  ? 4.161   -8.971  -2.616  1.00 14.45 ? 82   THR A N   1 
ATOM   606  C  CA  . THR A 1 85  ? 5.557   -9.450  -2.710  1.00 15.17 ? 82   THR A CA  1 
ATOM   607  C  C   . THR A 1 85  ? 6.372   -8.764  -3.766  1.00 17.05 ? 82   THR A C   1 
ATOM   608  O  O   . THR A 1 85  ? 5.860   -8.431  -4.849  1.00 18.54 ? 82   THR A O   1 
ATOM   609  C  CB  . THR A 1 85  ? 5.525   -10.965 -2.971  1.00 21.76 ? 82   THR A CB  1 
ATOM   610  O  OG1 . THR A 1 85  ? 4.775   -11.187 -4.180  1.00 25.63 ? 82   THR A OG1 1 
ATOM   611  C  CG2 . THR A 1 85  ? 4.898   -11.645 -1.772  1.00 21.39 ? 82   THR A CG2 1 
ATOM   612  N  N   . GLY A 1 86  ? 7.645   -8.501  -3.452  1.00 14.82 ? 83   GLY A N   1 
ATOM   613  C  CA  . GLY A 1 86  ? 8.455   -7.777  -4.431  1.00 15.68 ? 83   GLY A CA  1 
ATOM   614  C  C   . GLY A 1 86  ? 9.940   -8.015  -4.134  1.00 16.19 ? 83   GLY A C   1 
ATOM   615  O  O   . GLY A 1 86  ? 10.315  -8.992  -3.466  1.00 14.18 ? 83   GLY A O   1 
ATOM   616  N  N   . THR A 1 87  ? 10.759  -7.250  -4.858  1.00 12.84 ? 84   THR A N   1 
ATOM   617  C  CA  . THR A 1 87  ? 12.201  -7.333  -4.674  1.00 11.94 ? 84   THR A CA  1 
ATOM   618  C  C   . THR A 1 87  ? 12.745  -5.979  -4.256  1.00 13.43 ? 84   THR A C   1 
ATOM   619  O  O   . THR A 1 87  ? 12.262  -4.962  -4.737  1.00 12.69 ? 84   THR A O   1 
ATOM   620  C  CB  . THR A 1 87  ? 12.932  -7.815  -5.956  1.00 21.37 ? 84   THR A CB  1 
ATOM   621  O  OG1 . THR A 1 87  ? 12.589  -6.952  -7.033  1.00 28.58 ? 84   THR A OG1 1 
ATOM   622  C  CG2 . THR A 1 87  ? 12.493  -9.220  -6.341  1.00 24.70 ? 84   THR A CG2 1 
ATOM   623  N  N   . VAL A 1 88  ? 13.749  -5.978  -3.394  1.00 14.38 ? 85   VAL A N   1 
ATOM   624  C  CA  . VAL A 1 88  ? 14.331  -4.703  -2.947  1.00 11.90 ? 85   VAL A CA  1 
ATOM   625  C  C   . VAL A 1 88  ? 15.040  -4.004  -4.097  1.00 11.64 ? 85   VAL A C   1 
ATOM   626  O  O   . VAL A 1 88  ? 15.944  -4.609  -4.681  1.00 10.78 ? 85   VAL A O   1 
ATOM   627  C  CB  . VAL A 1 88  ? 15.335  -4.975  -1.822  1.00 10.08 ? 85   VAL A CB  1 
ATOM   628  C  CG1 . VAL A 1 88  ? 16.176  -3.757  -1.410  1.00 13.59 ? 85   VAL A CG1 1 
ATOM   629  C  CG2 . VAL A 1 88  ? 14.556  -5.477  -0.599  1.00 10.54 ? 85   VAL A CG2 1 
ATOM   630  N  N   . LYS A 1 89  ? 14.713  -2.726  -4.302  1.00 11.39 ? 86   LYS A N   1 
ATOM   631  C  CA  . LYS A 1 89  ? 15.357  -1.918  -5.327  1.00 11.09 ? 86   LYS A CA  1 
ATOM   632  C  C   . LYS A 1 89  ? 16.316  -0.870  -4.747  1.00 13.54 ? 86   LYS A C   1 
ATOM   633  O  O   . LYS A 1 89  ? 17.433  -0.647  -5.220  1.00 14.37 ? 86   LYS A O   1 
ATOM   634  C  CB  . LYS A 1 89  ? 14.260  -1.185  -6.111  1.00 14.45 ? 86   LYS A CB  1 
ATOM   635  C  CG  . LYS A 1 89  ? 14.821  -0.180  -7.126  1.00 23.17 ? 86   LYS A CG  1 
ATOM   636  C  CD  . LYS A 1 89  ? 13.641  0.403   -7.910  1.00 33.30 ? 86   LYS A CD  1 
ATOM   637  C  CE  . LYS A 1 89  ? 14.135  1.089   -9.182  1.00 34.36 ? 86   LYS A CE  1 
ATOM   638  N  NZ  . LYS A 1 89  ? 13.284  2.275   -9.479  1.00 44.04 ? 86   LYS A NZ  1 
ATOM   639  N  N   . THR A 1 90  ? 15.884  -0.118  -3.713  1.00 12.26 ? 87   THR A N   1 
ATOM   640  C  CA  . THR A 1 90  ? 16.672  0.931   -3.084  1.00 11.84 ? 87   THR A CA  1 
ATOM   641  C  C   . THR A 1 90  ? 16.542  0.972   -1.543  1.00 12.33 ? 87   THR A C   1 
ATOM   642  O  O   . THR A 1 90  ? 15.526  0.515   -1.016  1.00 11.01 ? 87   THR A O   1 
ATOM   643  C  CB  . THR A 1 90  ? 16.198  2.342   -3.582  1.00 16.35 ? 87   THR A CB  1 
ATOM   644  O  OG1 . THR A 1 90  ? 16.213  2.298   -5.033  1.00 15.83 ? 87   THR A OG1 1 
ATOM   645  C  CG2 . THR A 1 90  ? 17.089  3.449   -3.083  1.00 16.38 ? 87   THR A CG2 1 
ATOM   646  N  N   . ILE A 1 91  ? 17.620  1.124   -0.808  1.00 12.69 ? 88   ILE A N   1 
ATOM   647  C  CA  . ILE A 1 91  ? 17.699  1.409   0.610   1.00 9.98  ? 88   ILE A CA  1 
ATOM   648  C  C   . ILE A 1 91  ? 18.569  2.643   0.844   1.00 8.83  ? 88   ILE A C   1 
ATOM   649  O  O   . ILE A 1 91  ? 19.671  2.815   0.332   1.00 10.18 ? 88   ILE A O   1 
ATOM   650  C  CB  . ILE A 1 91  ? 18.344  0.236   1.395   1.00 14.67 ? 88   ILE A CB  1 
ATOM   651  C  CG1 . ILE A 1 91  ? 17.871  -1.142  0.954   1.00 14.15 ? 88   ILE A CG1 1 
ATOM   652  C  CG2 . ILE A 1 91  ? 18.111  0.470   2.890   1.00 15.20 ? 88   ILE A CG2 1 
ATOM   653  C  CD1 . ILE A 1 91  ? 18.615  -2.371  1.468   1.00 15.42 ? 88   ILE A CD1 1 
ATOM   654  N  N   . GLU A 1 92  ? 18.040  3.633   1.596   1.00 10.68 ? 89   GLU A N   1 
ATOM   655  C  CA  . GLU A 1 92  ? 18.815  4.827   1.944   1.00 12.69 ? 89   GLU A CA  1 
ATOM   656  C  C   . GLU A 1 92  ? 18.755  4.804   3.462   1.00 9.61  ? 89   GLU A C   1 
ATOM   657  O  O   . GLU A 1 92  ? 17.668  4.990   4.012   1.00 13.41 ? 89   GLU A O   1 
ATOM   658  C  CB  . GLU A 1 92  ? 18.437  6.147   1.354   1.00 25.86 ? 89   GLU A CB  1 
ATOM   659  C  CG  . GLU A 1 92  ? 18.626  7.463   2.043   1.00 18.08 ? 89   GLU A CG  1 
ATOM   660  C  CD  . GLU A 1 92  ? 17.561  8.494   1.708   1.00 28.60 ? 89   GLU A CD  1 
ATOM   661  O  OE1 . GLU A 1 92  ? 16.383  8.099   1.529   1.00 28.74 ? 89   GLU A OE1 1 
ATOM   662  O  OE2 . GLU A 1 92  ? 17.844  9.710   1.611   1.00 29.30 ? 89   GLU A OE2 1 
ATOM   663  N  N   . THR A 1 93  ? 19.902  4.705   4.091   1.00 9.59  ? 90   THR A N   1 
ATOM   664  C  CA  . THR A 1 93  ? 19.950  4.683   5.568   1.00 10.63 ? 90   THR A CA  1 
ATOM   665  C  C   . THR A 1 93  ? 20.069  6.056   6.158   1.00 12.19 ? 90   THR A C   1 
ATOM   666  O  O   . THR A 1 93  ? 20.864  6.893   5.664   1.00 13.12 ? 90   THR A O   1 
ATOM   667  C  CB  . THR A 1 93  ? 21.221  3.830   5.892   1.00 14.33 ? 90   THR A CB  1 
ATOM   668  O  OG1 . THR A 1 93  ? 21.022  2.583   5.182   1.00 16.91 ? 90   THR A OG1 1 
ATOM   669  C  CG2 . THR A 1 93  ? 21.269  3.543   7.379   1.00 14.09 ? 90   THR A CG2 1 
ATOM   670  N  N   . GLY A 1 94  ? 19.305  6.267   7.239   1.00 9.67  ? 91   GLY A N   1 
ATOM   671  C  CA  . GLY A 1 94  ? 19.283  7.521   7.997   1.00 12.52 ? 91   GLY A CA  1 
ATOM   672  C  C   . GLY A 1 94  ? 20.054  7.257   9.305   1.00 15.53 ? 91   GLY A C   1 
ATOM   673  O  O   . GLY A 1 94  ? 21.155  6.660   9.251   1.00 16.28 ? 91   GLY A O   1 
ATOM   674  N  N   . ALA A 1 95  ? 19.599  7.826   10.427  1.00 8.92  ? 92   ALA A N   1 
ATOM   675  C  CA  . ALA A 1 95  ? 20.319  7.712   11.701  1.00 11.45 ? 92   ALA A CA  1 
ATOM   676  C  C   . ALA A 1 95  ? 19.773  6.543   12.548  1.00 15.76 ? 92   ALA A C   1 
ATOM   677  O  O   . ALA A 1 95  ? 20.590  5.680   12.852  1.00 15.87 ? 92   ALA A O   1 
ATOM   678  C  CB  . ALA A 1 95  ? 20.207  8.980   12.561  1.00 12.84 ? 92   ALA A CB  1 
ATOM   679  N  N   . VAL A 1 96  ? 18.491  6.541   12.748  1.00 9.14  ? 93   VAL A N   1 
ATOM   680  C  CA  . VAL A 1 96  ? 17.771  5.442   13.328  1.00 11.20 ? 93   VAL A CA  1 
ATOM   681  C  C   . VAL A 1 96  ? 16.897  4.735   12.287  1.00 12.91 ? 93   VAL A C   1 
ATOM   682  O  O   . VAL A 1 96  ? 16.613  3.525   12.370  1.00 14.09 ? 93   VAL A O   1 
ATOM   683  C  CB  . VAL A 1 96  ? 16.852  5.657   14.526  1.00 15.87 ? 93   VAL A CB  1 
ATOM   684  C  CG1 . VAL A 1 96  ? 17.748  5.893   15.696  1.00 19.60 ? 93   VAL A CG1 1 
ATOM   685  C  CG2 . VAL A 1 96  ? 16.027  6.926   14.535  1.00 11.38 ? 93   VAL A CG2 1 
ATOM   686  N  N   . ASN A 1 97  ? 16.378  5.519   11.362  1.00 8.15  ? 94   ASN A N   1 
ATOM   687  C  CA  . ASN A 1 97  ? 15.495  4.905   10.327  1.00 11.62 ? 94   ASN A CA  1 
ATOM   688  C  C   . ASN A 1 97  ? 16.219  4.774   8.986   1.00 13.04 ? 94   ASN A C   1 
ATOM   689  O  O   . ASN A 1 97  ? 17.189  5.435   8.633   1.00 14.58 ? 94   ASN A O   1 
ATOM   690  C  CB  . ASN A 1 97  ? 14.274  5.797   10.183  1.00 12.00 ? 94   ASN A CB  1 
ATOM   691  C  CG  . ASN A 1 97  ? 13.343  5.679   11.353  1.00 20.11 ? 94   ASN A CG  1 
ATOM   692  O  OD1 . ASN A 1 97  ? 12.948  4.542   11.649  1.00 17.86 ? 94   ASN A OD1 1 
ATOM   693  N  ND2 . ASN A 1 97  ? 12.968  6.766   12.030  1.00 10.16 ? 94   ASN A ND2 1 
ATOM   694  N  N   . ALA A 1 98  ? 15.474  4.051   8.126   1.00 9.57  ? 95   ALA A N   1 
ATOM   695  C  CA  . ALA A 1 98  ? 15.868  3.851   6.726   1.00 9.35  ? 95   ALA A CA  1 
ATOM   696  C  C   . ALA A 1 98  ? 14.646  3.766   5.812   1.00 9.47  ? 95   ALA A C   1 
ATOM   697  O  O   . ALA A 1 98  ? 13.632  3.157   6.198   1.00 11.66 ? 95   ALA A O   1 
ATOM   698  C  CB  . ALA A 1 98  ? 16.573  2.503   6.579   1.00 10.53 ? 95   ALA A CB  1 
ATOM   699  N  N   . GLU A 1 99  ? 14.823  4.146   4.558   1.00 8.85  ? 96   GLU A N   1 
ATOM   700  C  CA  . GLU A 1 99  ? 13.768  4.088   3.559   1.00 9.24  ? 96   GLU A CA  1 
ATOM   701  C  C   . GLU A 1 99  ? 14.029  2.924   2.605   1.00 14.15 ? 96   GLU A C   1 
ATOM   702  O  O   . GLU A 1 99  ? 15.132  2.906   2.065   1.00 12.89 ? 96   GLU A O   1 
ATOM   703  C  CB  . GLU A 1 99  ? 13.769  5.390   2.688   1.00 10.31 ? 96   GLU A CB  1 
ATOM   704  C  CG  . GLU A 1 99  ? 13.340  6.622   3.470   1.00 20.47 ? 96   GLU A CG  1 
ATOM   705  C  CD  . GLU A 1 99  ? 13.317  7.837   2.540   1.00 18.85 ? 96   GLU A CD  1 
ATOM   706  O  OE1 . GLU A 1 99  ? 13.109  7.699   1.314   1.00 23.31 ? 96   GLU A OE1 1 
ATOM   707  O  OE2 . GLU A 1 99  ? 13.572  8.948   3.072   1.00 21.03 ? 96   GLU A OE2 1 
ATOM   708  N  N   . VAL A 1 100 ? 13.142  1.949   2.509   1.00 9.25  ? 97   VAL A N   1 
ATOM   709  C  CA  . VAL A 1 100 ? 13.345  0.818   1.602   1.00 9.30  ? 97   VAL A CA  1 
ATOM   710  C  C   . VAL A 1 100 ? 12.289  0.897   0.508   1.00 13.23 ? 97   VAL A C   1 
ATOM   711  O  O   . VAL A 1 100 ? 11.093  0.899   0.823   1.00 11.72 ? 97   VAL A O   1 
ATOM   712  C  CB  . VAL A 1 100 ? 13.187  -0.486  2.381   1.00 10.97 ? 97   VAL A CB  1 
ATOM   713  C  CG1 . VAL A 1 100 ? 13.414  -1.728  1.552   1.00 8.98  ? 97   VAL A CG1 1 
ATOM   714  C  CG2 . VAL A 1 100 ? 14.185  -0.533  3.548   1.00 12.00 ? 97   VAL A CG2 1 
ATOM   715  N  N   . THR A 1 101 ? 12.681  0.793   -0.742  1.00 10.49 ? 98   THR A N   1 
ATOM   716  C  CA  . THR A 1 101 ? 11.769  0.733   -1.883  1.00 11.28 ? 98   THR A CA  1 
ATOM   717  C  C   . THR A 1 101 ? 11.780  -0.651  -2.513  1.00 11.02 ? 98   THR A C   1 
ATOM   718  O  O   . THR A 1 101 ? 12.862  -1.162  -2.809  1.00 14.58 ? 98   THR A O   1 
ATOM   719  C  CB  . THR A 1 101 ? 12.211  1.782   -2.946  1.00 9.89  ? 98   THR A CB  1 
ATOM   720  O  OG1 . THR A 1 101 ? 11.965  3.044   -2.305  1.00 15.90 ? 98   THR A OG1 1 
ATOM   721  C  CG2 . THR A 1 101 ? 11.151  1.746   -4.056  1.00 14.78 ? 98   THR A CG2 1 
ATOM   722  N  N   . LEU A 1 102 ? 10.579  -1.232  -2.689  1.00 12.86 ? 99   LEU A N   1 
ATOM   723  C  CA  . LEU A 1 102 ? 10.516  -2.553  -3.297  1.00 12.69 ? 99   LEU A CA  1 
ATOM   724  C  C   . LEU A 1 102 ? 9.903   -2.398  -4.699  1.00 15.52 ? 99   LEU A C   1 
ATOM   725  O  O   . LEU A 1 102 ? 8.987   -1.594  -4.863  1.00 18.32 ? 99   LEU A O   1 
ATOM   726  C  CB  . LEU A 1 102 ? 9.558   -3.460  -2.530  1.00 14.85 ? 99   LEU A CB  1 
ATOM   727  C  CG  . LEU A 1 102 ? 9.777   -3.714  -1.060  1.00 18.75 ? 99   LEU A CG  1 
ATOM   728  C  CD1 . LEU A 1 102 ? 8.654   -4.653  -0.574  1.00 23.50 ? 99   LEU A CD1 1 
ATOM   729  C  CD2 . LEU A 1 102 ? 11.163  -4.321  -0.844  1.00 16.70 ? 99   LEU A CD2 1 
ATOM   730  N  N   . ALA A 1 103 ? 10.293  -3.247  -5.628  1.00 16.68 ? 100  ALA A N   1 
ATOM   731  C  CA  . ALA A 1 103 ? 9.644   -3.213  -6.951  1.00 20.17 ? 100  ALA A CA  1 
ATOM   732  C  C   . ALA A 1 103 ? 8.658   -4.377  -6.921  1.00 18.06 ? 100  ALA A C   1 
ATOM   733  O  O   . ALA A 1 103 ? 9.091   -5.504  -6.600  1.00 15.38 ? 100  ALA A O   1 
ATOM   734  C  CB  . ALA A 1 103 ? 10.594  -3.405  -8.106  1.00 17.43 ? 100  ALA A CB  1 
ATOM   735  N  N   . LEU A 1 104 ? 7.395   -4.144  -7.251  1.00 19.34 ? 101  LEU A N   1 
ATOM   736  C  CA  . LEU A 1 104 ? 6.451   -5.279  -7.226  1.00 24.35 ? 101  LEU A CA  1 
ATOM   737  C  C   . LEU A 1 104 ? 6.343   -5.878  -8.616  1.00 31.45 ? 101  LEU A C   1 
ATOM   738  O  O   . LEU A 1 104 ? 6.722   -5.172  -9.559  1.00 29.74 ? 101  LEU A O   1 
ATOM   739  C  CB  . LEU A 1 104 ? 5.119   -4.749  -6.674  1.00 27.58 ? 101  LEU A CB  1 
ATOM   740  C  CG  . LEU A 1 104 ? 5.262   -3.994  -5.337  1.00 25.40 ? 101  LEU A CG  1 
ATOM   741  C  CD1 . LEU A 1 104 ? 3.978   -3.278  -4.956  1.00 29.90 ? 101  LEU A CD1 1 
ATOM   742  C  CD2 . LEU A 1 104 ? 5.714   -4.945  -4.230  1.00 25.86 ? 101  LEU A CD2 1 
ATOM   743  N  N   . GLN A 1 105 ? 5.877   -7.127  -8.766  1.00 38.49 ? 102  GLN A N   1 
ATOM   744  C  CA  A GLN A 1 105 ? 5.746   -7.663  -10.121 0.50 41.61 ? 102  GLN A CA  1 
ATOM   745  C  CA  B GLN A 1 105 ? 5.728   -7.667  -10.104 0.50 41.39 ? 102  GLN A CA  1 
ATOM   746  C  C   . GLN A 1 105 ? 4.666   -6.839  -10.835 1.00 42.37 ? 102  GLN A C   1 
ATOM   747  O  O   . GLN A 1 105 ? 3.547   -6.725  -10.378 1.00 43.65 ? 102  GLN A O   1 
ATOM   748  C  CB  A GLN A 1 105 ? 5.436   -9.155  -10.245 0.50 45.32 ? 102  GLN A CB  1 
ATOM   749  C  CB  B GLN A 1 105 ? 5.328   -9.148  -10.184 0.50 43.39 ? 102  GLN A CB  1 
ATOM   750  C  CG  A GLN A 1 105 ? 5.489   -9.637  -11.685 0.50 47.21 ? 102  GLN A CG  1 
ATOM   751  C  CG  B GLN A 1 105 ? 5.555   -9.623  -11.607 0.50 44.27 ? 102  GLN A CG  1 
ATOM   752  C  CD  A GLN A 1 105 ? 5.491   -11.115 -11.977 0.50 47.45 ? 102  GLN A CD  1 
ATOM   753  C  CD  B GLN A 1 105 ? 5.071   -10.967 -12.061 0.50 42.66 ? 102  GLN A CD  1 
ATOM   754  O  OE1 A GLN A 1 105 ? 5.312   -11.500 -13.144 0.50 42.45 ? 102  GLN A OE1 1 
ATOM   755  O  OE1 B GLN A 1 105 ? 5.648   -12.028 -11.793 0.50 39.34 ? 102  GLN A OE1 1 
ATOM   756  N  NE2 A GLN A 1 105 ? 5.692   -11.977 -10.985 0.50 47.87 ? 102  GLN A NE2 1 
ATOM   757  N  NE2 B GLN A 1 105 ? 3.966   -10.967 -12.806 0.50 38.35 ? 102  GLN A NE2 1 
ATOM   758  N  N   . GLY A 1 106 ? 5.051   -6.255  -11.958 1.00 44.81 ? 103  GLY A N   1 
ATOM   759  C  CA  . GLY A 1 106 ? 4.153   -5.429  -12.748 1.00 46.36 ? 103  GLY A CA  1 
ATOM   760  C  C   . GLY A 1 106 ? 4.789   -4.047  -12.898 1.00 47.04 ? 103  GLY A C   1 
ATOM   761  O  O   . GLY A 1 106 ? 4.482   -3.345  -13.859 1.00 49.27 ? 103  GLY A O   1 
ATOM   762  N  N   . GLY A 1 107 ? 5.650   -3.699  -11.949 1.00 47.45 ? 104  GLY A N   1 
ATOM   763  C  CA  . GLY A 1 107 ? 6.381   -2.450  -12.015 1.00 47.02 ? 104  GLY A CA  1 
ATOM   764  C  C   . GLY A 1 107 ? 6.084   -1.402  -10.963 1.00 43.09 ? 104  GLY A C   1 
ATOM   765  O  O   . GLY A 1 107 ? 6.708   -0.339  -10.939 1.00 44.11 ? 104  GLY A O   1 
ATOM   766  N  N   . THR A 1 108 ? 5.110   -1.610  -10.095 1.00 39.72 ? 105  THR A N   1 
ATOM   767  C  CA  . THR A 1 108 ? 4.779   -0.612  -9.073  1.00 33.38 ? 105  THR A CA  1 
ATOM   768  C  C   . THR A 1 108 ? 5.846   -0.611  -7.984  1.00 27.53 ? 105  THR A C   1 
ATOM   769  O  O   . THR A 1 108 ? 6.324   -1.701  -7.670  1.00 24.57 ? 105  THR A O   1 
ATOM   770  C  CB  . THR A 1 108 ? 3.402   -0.980  -8.527  1.00 35.74 ? 105  THR A CB  1 
ATOM   771  O  OG1 . THR A 1 108 ? 2.462   -0.760  -9.602  1.00 43.75 ? 105  THR A OG1 1 
ATOM   772  C  CG2 . THR A 1 108 ? 3.024   -0.156  -7.318  1.00 39.24 ? 105  THR A CG2 1 
ATOM   773  N  N   . GLU A 1 109 ? 6.205   0.554   -7.473  1.00 23.80 ? 106  GLU A N   1 
ATOM   774  C  CA  . GLU A 1 109 ? 7.216   0.614   -6.424  1.00 18.05 ? 106  GLU A CA  1 
ATOM   775  C  C   . GLU A 1 109 ? 6.479   0.988   -5.135  1.00 20.10 ? 106  GLU A C   1 
ATOM   776  O  O   . GLU A 1 109 ? 5.527   1.761   -5.224  1.00 20.06 ? 106  GLU A O   1 
ATOM   777  C  CB  . GLU A 1 109 ? 8.292   1.672   -6.651  1.00 21.75 ? 106  GLU A CB  1 
ATOM   778  C  CG  . GLU A 1 109 ? 9.196   1.310   -7.823  1.00 30.17 ? 106  GLU A CG  1 
ATOM   779  C  CD  . GLU A 1 109 ? 10.260  2.339   -8.131  1.00 33.28 ? 106  GLU A CD  1 
ATOM   780  O  OE1 . GLU A 1 109 ? 10.627  3.225   -7.329  1.00 35.33 ? 106  GLU A OE1 1 
ATOM   781  O  OE2 . GLU A 1 109 ? 10.775  2.292   -9.278  1.00 44.83 ? 106  GLU A OE2 1 
ATOM   782  N  N   . ILE A 1 110 ? 6.932   0.396   -4.044  1.00 16.36 ? 107  ILE A N   1 
ATOM   783  C  CA  . ILE A 1 110 ? 6.366   0.731   -2.761  1.00 13.67 ? 107  ILE A CA  1 
ATOM   784  C  C   . ILE A 1 110 ? 7.533   1.070   -1.804  1.00 15.93 ? 107  ILE A C   1 
ATOM   785  O  O   . ILE A 1 110 ? 8.517   0.355   -1.814  1.00 15.97 ? 107  ILE A O   1 
ATOM   786  C  CB  . ILE A 1 110 ? 5.493   -0.328  -2.125  1.00 20.38 ? 107  ILE A CB  1 
ATOM   787  C  CG1 . ILE A 1 110 ? 5.058   0.165   -0.727  1.00 21.17 ? 107  ILE A CG1 1 
ATOM   788  C  CG2 . ILE A 1 110 ? 6.198   -1.661  -1.941  1.00 19.71 ? 107  ILE A CG2 1 
ATOM   789  C  CD1 . ILE A 1 110 ? 3.623   -0.317  -0.418  1.00 35.63 ? 107  ILE A CD1 1 
ATOM   790  N  N   . THR A 1 111 ? 7.250   2.118   -1.028  1.00 13.43 ? 108  THR A N   1 
ATOM   791  C  CA  . THR A 1 111 ? 8.314   2.589   -0.108  1.00 8.19  ? 108  THR A CA  1 
ATOM   792  C  C   . THR A 1 111 ? 7.926   2.376   1.341   1.00 13.55 ? 108  THR A C   1 
ATOM   793  O  O   . THR A 1 111 ? 6.848   2.875   1.733   1.00 15.57 ? 108  THR A O   1 
ATOM   794  C  CB  . THR A 1 111 ? 8.674   4.055   -0.349  1.00 14.38 ? 108  THR A CB  1 
ATOM   795  O  OG1 . THR A 1 111 ? 9.320   4.152   -1.633  1.00 16.63 ? 108  THR A OG1 1 
ATOM   796  C  CG2 . THR A 1 111 ? 9.737   4.589   0.641   1.00 18.28 ? 108  THR A CG2 1 
ATOM   797  N  N   . SER A 1 112 ? 8.812   1.819   2.166   1.00 10.41 ? 109  SER A N   1 
ATOM   798  C  CA  . SER A 1 112 ? 8.583   1.593   3.580   1.00 12.82 ? 109  SER A CA  1 
ATOM   799  C  C   . SER A 1 112 ? 9.631   2.318   4.446   1.00 11.44 ? 109  SER A C   1 
ATOM   800  O  O   . SER A 1 112 ? 10.750  2.435   3.962   1.00 13.21 ? 109  SER A O   1 
ATOM   801  C  CB  . SER A 1 112 ? 8.689   0.081   3.938   1.00 13.00 ? 109  SER A CB  1 
ATOM   802  O  OG  . SER A 1 112 ? 8.631   -0.097  5.344   1.00 15.79 ? 109  SER A OG  1 
ATOM   803  N  N   . MET A 1 113 ? 9.255   2.911   5.569   1.00 10.92 ? 110  MET A N   1 
ATOM   804  C  CA  . MET A 1 113 ? 10.235  3.479   6.511   1.00 13.07 ? 110  MET A CA  1 
ATOM   805  C  C   . MET A 1 113 ? 10.354  2.503   7.689   1.00 13.16 ? 110  MET A C   1 
ATOM   806  O  O   . MET A 1 113 ? 9.281   2.132   8.225   1.00 14.13 ? 110  MET A O   1 
ATOM   807  C  CB  . MET A 1 113 ? 9.789   4.827   7.051   1.00 18.98 ? 110  MET A CB  1 
ATOM   808  C  CG  . MET A 1 113 ? 10.697  5.663   7.937   1.00 22.92 ? 110  MET A CG  1 
ATOM   809  S  SD  . MET A 1 113 ? 12.216  6.194   7.142   1.00 23.07 ? 110  MET A SD  1 
ATOM   810  C  CE  . MET A 1 113 ? 11.673  7.747   6.416   1.00 25.99 ? 110  MET A CE  1 
ATOM   811  N  N   . VAL A 1 114 ? 11.541  1.918   7.883   1.00 11.48 ? 111  VAL A N   1 
ATOM   812  C  CA  . VAL A 1 114 ? 11.698  0.951   9.006   1.00 9.97  ? 111  VAL A CA  1 
ATOM   813  C  C   . VAL A 1 114 ? 12.939  1.316   9.818   1.00 13.67 ? 111  VAL A C   1 
ATOM   814  O  O   . VAL A 1 114 ? 13.647  2.259   9.455   1.00 14.05 ? 111  VAL A O   1 
ATOM   815  C  CB  . VAL A 1 114 ? 11.803  -0.498  8.484   1.00 16.50 ? 111  VAL A CB  1 
ATOM   816  C  CG1 . VAL A 1 114 ? 10.505  -0.906  7.796   1.00 14.34 ? 111  VAL A CG1 1 
ATOM   817  C  CG2 . VAL A 1 114 ? 12.963  -0.651  7.508   1.00 15.26 ? 111  VAL A CG2 1 
ATOM   818  N  N   . THR A 1 115 ? 13.265  0.614   10.897  1.00 15.21 ? 112  THR A N   1 
ATOM   819  C  CA  . THR A 1 115 ? 14.486  1.038   11.619  1.00 16.45 ? 112  THR A CA  1 
ATOM   820  C  C   . THR A 1 115 ? 15.654  0.505   10.825  1.00 12.63 ? 112  THR A C   1 
ATOM   821  O  O   . THR A 1 115 ? 15.578  -0.526  10.126  1.00 11.62 ? 112  THR A O   1 
ATOM   822  C  CB  . THR A 1 115 ? 14.496  0.446   13.050  1.00 14.80 ? 112  THR A CB  1 
ATOM   823  O  OG1 . THR A 1 115 ? 14.354  -0.968  12.927  1.00 12.62 ? 112  THR A OG1 1 
ATOM   824  C  CG2 . THR A 1 115 ? 13.422  1.023   13.944  1.00 10.79 ? 112  THR A CG2 1 
ATOM   825  N  N   . LYS A 1 116 ? 16.865  1.096   11.000  1.00 9.74  ? 113  LYS A N   1 
ATOM   826  C  CA  . LYS A 1 116 ? 18.033  0.519   10.373  1.00 15.81 ? 113  LYS A CA  1 
ATOM   827  C  C   . LYS A 1 116 ? 18.324  -0.846  11.014  1.00 13.46 ? 113  LYS A C   1 
ATOM   828  O  O   . LYS A 1 116 ? 18.884  -1.684  10.321  1.00 15.05 ? 113  LYS A O   1 
ATOM   829  C  CB  A LYS A 1 116 ? 19.262  1.411   10.459  0.50 16.86 ? 113  LYS A CB  1 
ATOM   830  C  CB  B LYS A 1 116 ? 19.287  1.380   10.579  0.50 16.08 ? 113  LYS A CB  1 
ATOM   831  C  CG  A LYS A 1 116 ? 19.796  1.654   11.857  0.50 23.75 ? 113  LYS A CG  1 
ATOM   832  C  CG  B LYS A 1 116 ? 19.529  1.755   12.027  0.50 20.83 ? 113  LYS A CG  1 
ATOM   833  C  CD  A LYS A 1 116 ? 20.931  2.676   11.831  0.50 19.99 ? 113  LYS A CD  1 
ATOM   834  C  CD  B LYS A 1 116 ? 20.876  2.418   12.281  0.50 25.05 ? 113  LYS A CD  1 
ATOM   835  C  CE  A LYS A 1 116 ? 21.647  2.661   13.173  0.50 18.39 ? 113  LYS A CE  1 
ATOM   836  C  CE  B LYS A 1 116 ? 20.978  2.768   13.763  0.50 19.22 ? 113  LYS A CE  1 
ATOM   837  N  NZ  A LYS A 1 116 ? 22.589  3.809   13.322  0.50 12.05 ? 113  LYS A NZ  1 
ATOM   838  N  NZ  B LYS A 1 116 ? 21.182  1.548   14.605  0.50 23.87 ? 113  LYS A NZ  1 
ATOM   839  N  N   . GLU A 1 117 ? 17.891  -1.073  12.287  1.00 13.98 ? 114  GLU A N   1 
ATOM   840  C  CA  . GLU A 1 117 ? 18.117  -2.433  12.816  1.00 11.98 ? 114  GLU A CA  1 
ATOM   841  C  C   . GLU A 1 117 ? 17.304  -3.485  12.047  1.00 15.71 ? 114  GLU A C   1 
ATOM   842  O  O   . GLU A 1 117 ? 17.818  -4.594  11.838  1.00 16.12 ? 114  GLU A O   1 
ATOM   843  C  CB  . GLU A 1 117 ? 17.804  -2.583  14.307  1.00 18.52 ? 114  GLU A CB  1 
ATOM   844  C  CG  . GLU A 1 117 ? 18.747  -1.750  15.173  1.00 21.42 ? 114  GLU A CG  1 
ATOM   845  C  CD  . GLU A 1 117 ? 18.310  -0.316  15.379  1.00 31.43 ? 114  GLU A CD  1 
ATOM   846  O  OE1 . GLU A 1 117 ? 17.356  0.255   14.791  1.00 16.79 ? 114  GLU A OE1 1 
ATOM   847  O  OE2 . GLU A 1 117 ? 18.990  0.334   16.219  1.00 26.23 ? 114  GLU A OE2 1 
ATOM   848  N  N   . ALA A 1 118 ? 16.095  -3.187  11.633  1.00 13.44 ? 115  ALA A N   1 
ATOM   849  C  CA  . ALA A 1 118 ? 15.218  -4.089  10.870  1.00 14.21 ? 115  ALA A CA  1 
ATOM   850  C  C   . ALA A 1 118 ? 15.893  -4.417  9.545   1.00 14.00 ? 115  ALA A C   1 
ATOM   851  O  O   . ALA A 1 118 ? 15.824  -5.563  9.083   1.00 10.59 ? 115  ALA A O   1 
ATOM   852  C  CB  . ALA A 1 118 ? 13.841  -3.411  10.684  1.00 11.36 ? 115  ALA A CB  1 
ATOM   853  N  N   . VAL A 1 119 ? 16.505  -3.418  8.898   1.00 13.27 ? 116  VAL A N   1 
ATOM   854  C  CA  . VAL A 1 119 ? 17.147  -3.673  7.598   1.00 15.18 ? 116  VAL A CA  1 
ATOM   855  C  C   . VAL A 1 119 ? 18.249  -4.707  7.807   1.00 15.70 ? 116  VAL A C   1 
ATOM   856  O  O   . VAL A 1 119 ? 18.429  -5.675  7.076   1.00 17.46 ? 116  VAL A O   1 
ATOM   857  C  CB  . VAL A 1 119 ? 17.685  -2.356  7.018   1.00 10.77 ? 116  VAL A CB  1 
ATOM   858  C  CG1 . VAL A 1 119 ? 18.655  -2.681  5.885   1.00 17.85 ? 116  VAL A CG1 1 
ATOM   859  C  CG2 . VAL A 1 119 ? 16.565  -1.422  6.540   1.00 15.59 ? 116  VAL A CG2 1 
ATOM   860  N  N   . ALA A 1 120 ? 19.041  -4.507  8.834   1.00 12.87 ? 117  ALA A N   1 
ATOM   861  C  CA  . ALA A 1 120 ? 20.148  -5.380  9.206   1.00 19.93 ? 117  ALA A CA  1 
ATOM   862  C  C   . ALA A 1 120 ? 19.685  -6.790  9.532   1.00 16.93 ? 117  ALA A C   1 
ATOM   863  O  O   . ALA A 1 120 ? 20.120  -7.812  8.968   1.00 21.83 ? 117  ALA A O   1 
ATOM   864  C  CB  . ALA A 1 120 ? 20.845  -4.684  10.371  1.00 19.72 ? 117  ALA A CB  1 
ATOM   865  N  N   . GLU A 1 121 ? 18.729  -6.916  10.432  1.00 14.67 ? 118  GLU A N   1 
ATOM   866  C  CA  . GLU A 1 121 ? 18.184  -8.216  10.856  1.00 13.73 ? 118  GLU A CA  1 
ATOM   867  C  C   . GLU A 1 121 ? 17.532  -8.981  9.716   1.00 19.44 ? 118  GLU A C   1 
ATOM   868  O  O   . GLU A 1 121 ? 17.662  -10.214 9.663   1.00 18.90 ? 118  GLU A O   1 
ATOM   869  C  CB  . GLU A 1 121 ? 17.149  -8.047  11.962  1.00 18.63 ? 118  GLU A CB  1 
ATOM   870  C  CG  . GLU A 1 121 ? 17.744  -7.441  13.223  1.00 27.98 ? 118  GLU A CG  1 
ATOM   871  C  CD  . GLU A 1 121 ? 16.664  -6.999  14.210  1.00 36.54 ? 118  GLU A CD  1 
ATOM   872  O  OE1 . GLU A 1 121 ? 15.457  -7.207  13.945  1.00 40.31 ? 118  GLU A OE1 1 
ATOM   873  O  OE2 . GLU A 1 121 ? 17.059  -6.439  15.252  1.00 36.75 ? 118  GLU A OE2 1 
ATOM   874  N  N   . LEU A 1 122 ? 16.812  -8.287  8.838   1.00 12.62 ? 119  LEU A N   1 
ATOM   875  C  CA  . LEU A 1 122 ? 16.177  -8.930  7.692   1.00 17.29 ? 119  LEU A CA  1 
ATOM   876  C  C   . LEU A 1 122 ? 17.186  -9.273  6.588   1.00 17.31 ? 119  LEU A C   1 
ATOM   877  O  O   . LEU A 1 122 ? 16.791  -10.005 5.639   1.00 15.24 ? 119  LEU A O   1 
ATOM   878  C  CB  . LEU A 1 122 ? 15.029  -8.061  7.155   1.00 17.64 ? 119  LEU A CB  1 
ATOM   879  C  CG  . LEU A 1 122 ? 13.861  -7.893  8.141   1.00 20.92 ? 119  LEU A CG  1 
ATOM   880  C  CD1 . LEU A 1 122 ? 12.766  -7.027  7.548   1.00 14.01 ? 119  LEU A CD1 1 
ATOM   881  C  CD2 . LEU A 1 122 ? 13.259  -9.247  8.509   1.00 22.46 ? 119  LEU A CD2 1 
ATOM   882  N  N   . GLY A 1 123 ? 18.354  -8.713  6.609   1.00 15.57 ? 120  GLY A N   1 
ATOM   883  C  CA  . GLY A 1 123 ? 19.362  -9.020  5.578   1.00 18.71 ? 120  GLY A CA  1 
ATOM   884  C  C   . GLY A 1 123 ? 19.013  -8.395  4.228   1.00 20.34 ? 120  GLY A C   1 
ATOM   885  O  O   . GLY A 1 123 ? 19.511  -8.857  3.181   1.00 17.55 ? 120  GLY A O   1 
ATOM   886  N  N   . LEU A 1 124 ? 18.295  -7.275  4.297   1.00 14.25 ? 121  LEU A N   1 
ATOM   887  C  CA  . LEU A 1 124 ? 17.900  -6.647  3.055   1.00 12.06 ? 121  LEU A CA  1 
ATOM   888  C  C   . LEU A 1 124 ? 19.105  -6.092  2.270   1.00 13.49 ? 121  LEU A C   1 
ATOM   889  O  O   . LEU A 1 124 ? 20.008  -5.466  2.789   1.00 16.11 ? 121  LEU A O   1 
ATOM   890  C  CB  . LEU A 1 124 ? 16.834  -5.564  3.242   1.00 14.39 ? 121  LEU A CB  1 
ATOM   891  C  CG  . LEU A 1 124 ? 15.559  -6.013  3.968   1.00 16.54 ? 121  LEU A CG  1 
ATOM   892  C  CD1 . LEU A 1 124 ? 14.690  -4.764  4.141   1.00 19.19 ? 121  LEU A CD1 1 
ATOM   893  C  CD2 . LEU A 1 124 ? 14.746  -7.060  3.205   1.00 14.52 ? 121  LEU A CD2 1 
ATOM   894  N  N   . LYS A 1 125 ? 18.948  -6.152  0.963   1.00 15.57 ? 122  LYS A N   1 
ATOM   895  C  CA  . LYS A 1 125 ? 19.945  -5.942  -0.068  1.00 16.45 ? 122  LYS A CA  1 
ATOM   896  C  C   . LYS A 1 125 ? 19.256  -5.925  -1.425  1.00 13.06 ? 122  LYS A C   1 
ATOM   897  O  O   . LYS A 1 125 ? 18.268  -6.627  -1.637  1.00 12.23 ? 122  LYS A O   1 
ATOM   898  C  CB  . LYS A 1 125 ? 20.803  -7.174  0.173   1.00 25.57 ? 122  LYS A CB  1 
ATOM   899  C  CG  . LYS A 1 125 ? 20.738  -8.419  -0.644  1.00 26.89 ? 122  LYS A CG  1 
ATOM   900  C  CD  . LYS A 1 125 ? 21.436  -9.517  0.161   1.00 44.08 ? 122  LYS A CD  1 
ATOM   901  C  CE  . LYS A 1 125 ? 22.181  -10.510 -0.708  1.00 49.63 ? 122  LYS A CE  1 
ATOM   902  N  NZ  . LYS A 1 125 ? 23.329  -11.155 0.002   1.00 56.88 ? 122  LYS A NZ  1 
ATOM   903  N  N   . PRO A 1 126 ? 19.778  -5.165  -2.395  1.00 15.11 ? 123  PRO A N   1 
ATOM   904  C  CA  . PRO A 1 126 ? 19.182  -5.095  -3.709  1.00 13.84 ? 123  PRO A CA  1 
ATOM   905  C  C   . PRO A 1 126 ? 18.899  -6.488  -4.246  1.00 15.04 ? 123  PRO A C   1 
ATOM   906  O  O   . PRO A 1 126 ? 19.834  -7.309  -4.250  1.00 15.97 ? 123  PRO A O   1 
ATOM   907  C  CB  . PRO A 1 126 ? 20.201  -4.315  -4.531  1.00 15.80 ? 123  PRO A CB  1 
ATOM   908  C  CG  . PRO A 1 126 ? 20.988  -3.531  -3.530  1.00 15.76 ? 123  PRO A CG  1 
ATOM   909  C  CD  . PRO A 1 126 ? 21.000  -4.334  -2.248  1.00 13.98 ? 123  PRO A CD  1 
ATOM   910  N  N   . GLY A 1 127 ? 17.695  -6.794  -4.689  1.00 14.05 ? 124  GLY A N   1 
ATOM   911  C  CA  . GLY A 1 127 ? 17.396  -8.111  -5.220  1.00 15.39 ? 124  GLY A CA  1 
ATOM   912  C  C   . GLY A 1 127 ? 16.807  -9.118  -4.251  1.00 16.63 ? 124  GLY A C   1 
ATOM   913  O  O   . GLY A 1 127 ? 16.201  -10.119 -4.672  1.00 17.11 ? 124  GLY A O   1 
ATOM   914  N  N   . ALA A 1 128 ? 16.936  -8.897  -2.953  1.00 15.61 ? 125  ALA A N   1 
ATOM   915  C  CA  . ALA A 1 128 ? 16.357  -9.765  -1.954  1.00 16.98 ? 125  ALA A CA  1 
ATOM   916  C  C   . ALA A 1 128 ? 14.836  -9.721  -2.099  1.00 16.94 ? 125  ALA A C   1 
ATOM   917  O  O   . ALA A 1 128 ? 14.213  -8.682  -2.326  1.00 12.94 ? 125  ALA A O   1 
ATOM   918  C  CB  . ALA A 1 128 ? 16.719  -9.228  -0.563  1.00 18.34 ? 125  ALA A CB  1 
ATOM   919  N  N   . SER A 1 129 ? 14.212  -10.861 -1.787  1.00 13.52 ? 126  SER A N   1 
ATOM   920  C  CA  . SER A 1 129 ? 12.749  -10.869 -1.812  1.00 16.33 ? 126  SER A CA  1 
ATOM   921  C  C   . SER A 1 129 ? 12.163  -10.363 -0.497  1.00 15.48 ? 126  SER A C   1 
ATOM   922  O  O   . SER A 1 129 ? 12.741  -10.660 0.535   1.00 16.37 ? 126  SER A O   1 
ATOM   923  C  CB  . SER A 1 129 ? 12.211  -12.309 -1.979  1.00 19.39 ? 126  SER A CB  1 
ATOM   924  O  OG  . SER A 1 129 ? 12.592  -12.716 -3.288  1.00 31.51 ? 126  SER A OG  1 
ATOM   925  N  N   . ALA A 1 130 ? 11.077  -9.593  -0.582  1.00 11.70 ? 127  ALA A N   1 
ATOM   926  C  CA  . ALA A 1 130 ? 10.400  -9.241  0.676   1.00 14.90 ? 127  ALA A CA  1 
ATOM   927  C  C   . ALA A 1 130 ? 8.979   -8.797  0.377   1.00 15.73 ? 127  ALA A C   1 
ATOM   928  O  O   . ALA A 1 130 ? 8.679   -8.537  -0.778  1.00 16.33 ? 127  ALA A O   1 
ATOM   929  C  CB  . ALA A 1 130 ? 11.120  -8.064  1.331   1.00 16.88 ? 127  ALA A CB  1 
ATOM   930  N  N   . SER A 1 131 ? 8.131   -8.913  1.395   1.00 13.93 ? 128  SER A N   1 
ATOM   931  C  CA  . SER A 1 131 ? 6.761   -8.480  1.160   1.00 12.86 ? 128  SER A CA  1 
ATOM   932  C  C   . SER A 1 131 ? 6.461   -7.190  1.915   1.00 17.09 ? 128  SER A C   1 
ATOM   933  O  O   . SER A 1 131 ? 6.826   -7.108  3.097   1.00 16.21 ? 128  SER A O   1 
ATOM   934  C  CB  . SER A 1 131 ? 5.801   -9.533  1.748   1.00 15.69 ? 128  SER A CB  1 
ATOM   935  O  OG  . SER A 1 131 ? 6.047   -10.761 1.066   1.00 21.97 ? 128  SER A OG  1 
ATOM   936  N  N   . ALA A 1 132 ? 5.635   -6.336  1.375   1.00 13.08 ? 129  ALA A N   1 
ATOM   937  C  CA  . ALA A 1 132 ? 5.163   -5.135  2.036   1.00 15.08 ? 129  ALA A CA  1 
ATOM   938  C  C   . ALA A 1 132 ? 3.854   -5.577  2.705   1.00 16.43 ? 129  ALA A C   1 
ATOM   939  O  O   . ALA A 1 132 ? 2.930   -5.981  1.977   1.00 18.45 ? 129  ALA A O   1 
ATOM   940  C  CB  . ALA A 1 132 ? 4.887   -4.038  1.037   1.00 20.47 ? 129  ALA A CB  1 
ATOM   941  N  N   . VAL A 1 133 ? 3.676   -5.276  3.978   1.00 12.79 ? 130  VAL A N   1 
ATOM   942  C  CA  . VAL A 1 133 ? 2.455   -5.675  4.693   1.00 11.45 ? 130  VAL A CA  1 
ATOM   943  C  C   . VAL A 1 133 ? 1.773   -4.363  5.098   1.00 13.73 ? 130  VAL A C   1 
ATOM   944  O  O   . VAL A 1 133 ? 2.410   -3.525  5.758   1.00 14.41 ? 130  VAL A O   1 
ATOM   945  C  CB  . VAL A 1 133 ? 2.766   -6.476  5.964   1.00 11.55 ? 130  VAL A CB  1 
ATOM   946  C  CG1 . VAL A 1 133 ? 1.521   -6.858  6.776   1.00 12.89 ? 130  VAL A CG1 1 
ATOM   947  C  CG2 . VAL A 1 133 ? 3.503   -7.781  5.562   1.00 11.09 ? 130  VAL A CG2 1 
ATOM   948  N  N   . ILE A 1 134 ? 0.562   -4.172  4.590   1.00 11.83 ? 131  ILE A N   1 
ATOM   949  C  CA  . ILE A 1 134 ? -0.191  -2.963  4.875   1.00 14.46 ? 131  ILE A CA  1 
ATOM   950  C  C   . ILE A 1 134 ? -1.618  -3.271  5.302   1.00 12.58 ? 131  ILE A C   1 
ATOM   951  O  O   . ILE A 1 134 ? -2.306  -4.053  4.657   1.00 12.24 ? 131  ILE A O   1 
ATOM   952  C  CB  . ILE A 1 134 ? -0.294  -2.030  3.643   1.00 15.47 ? 131  ILE A CB  1 
ATOM   953  C  CG1 . ILE A 1 134 ? 1.093   -1.788  3.017   1.00 17.99 ? 131  ILE A CG1 1 
ATOM   954  C  CG2 . ILE A 1 134 ? -0.939  -0.714  4.068   1.00 16.51 ? 131  ILE A CG2 1 
ATOM   955  C  CD1 . ILE A 1 134 ? 1.006   -1.190  1.622   1.00 19.61 ? 131  ILE A CD1 1 
ATOM   956  N  N   . LYS A 1 135 ? -2.036  -2.764  6.481   1.00 11.62 ? 132  LYS A N   1 
ATOM   957  C  CA  . LYS A 1 135 ? -3.422  -2.907  6.887   1.00 10.07 ? 132  LYS A CA  1 
ATOM   958  C  C   . LYS A 1 135 ? -4.319  -2.141  5.926   1.00 12.18 ? 132  LYS A C   1 
ATOM   959  O  O   . LYS A 1 135 ? -3.988  -0.984  5.659   1.00 12.59 ? 132  LYS A O   1 
ATOM   960  C  CB  . LYS A 1 135 ? -3.610  -2.188  8.247   1.00 15.58 ? 132  LYS A CB  1 
ATOM   961  C  CG  . LYS A 1 135 ? -3.168  -3.081  9.421   1.00 15.85 ? 132  LYS A CG  1 
ATOM   962  C  CD  . LYS A 1 135 ? -3.649  -2.469  10.735  1.00 26.70 ? 132  LYS A CD  1 
ATOM   963  C  CE  . LYS A 1 135 ? -5.154  -2.823  10.812  1.00 21.82 ? 132  LYS A CE  1 
ATOM   964  N  NZ  . LYS A 1 135 ? -5.575  -2.721  12.233  1.00 23.22 ? 132  LYS A NZ  1 
ATOM   965  N  N   . ALA A 1 136 ? -5.489  -2.726  5.584   1.00 11.49 ? 133  ALA A N   1 
ATOM   966  C  CA  . ALA A 1 136 ? -6.331  -1.954  4.623   1.00 13.52 ? 133  ALA A CA  1 
ATOM   967  C  C   . ALA A 1 136 ? -6.858  -0.677  5.241   1.00 15.16 ? 133  ALA A C   1 
ATOM   968  O  O   . ALA A 1 136 ? -7.064  0.339   4.577   1.00 14.79 ? 133  ALA A O   1 
ATOM   969  C  CB  . ALA A 1 136 ? -7.485  -2.837  4.151   1.00 15.77 ? 133  ALA A CB  1 
ATOM   970  N  N   . SER A 1 137 ? -6.979  -0.615  6.563   1.00 14.00 ? 134  SER A N   1 
ATOM   971  C  CA  . SER A 1 137 ? -7.378  0.564   7.312   1.00 22.02 ? 134  SER A CA  1 
ATOM   972  C  C   . SER A 1 137 ? -6.306  1.637   7.360   1.00 21.74 ? 134  SER A C   1 
ATOM   973  O  O   . SER A 1 137 ? -6.524  2.757   7.841   1.00 26.82 ? 134  SER A O   1 
ATOM   974  C  CB  . SER A 1 137 ? -7.904  0.140   8.686   1.00 27.89 ? 134  SER A CB  1 
ATOM   975  O  OG  . SER A 1 137 ? -6.884  -0.190  9.618   1.00 28.54 ? 134  SER A OG  1 
ATOM   976  N  N   . ASN A 1 138 ? -5.101  1.386   6.813   1.00 18.49 ? 135  ASN A N   1 
ATOM   977  C  CA  . ASN A 1 138 ? -4.076  2.398   6.798   1.00 19.93 ? 135  ASN A CA  1 
ATOM   978  C  C   . ASN A 1 138 ? -3.933  2.930   5.365   1.00 19.92 ? 135  ASN A C   1 
ATOM   979  O  O   . ASN A 1 138 ? -2.881  3.378   4.981   1.00 20.07 ? 135  ASN A O   1 
ATOM   980  C  CB  . ASN A 1 138 ? -2.735  1.974   7.382   1.00 21.57 ? 135  ASN A CB  1 
ATOM   981  C  CG  . ASN A 1 138 ? -2.859  1.686   8.877   1.00 26.75 ? 135  ASN A CG  1 
ATOM   982  O  OD1 . ASN A 1 138 ? -3.606  2.339   9.595   1.00 35.65 ? 135  ASN A OD1 1 
ATOM   983  N  ND2 . ASN A 1 138 ? -2.106  0.683   9.267   1.00 17.84 ? 135  ASN A ND2 1 
ATOM   984  N  N   . VAL A 1 139 ? -4.949  2.670   4.532   1.00 17.15 ? 136  VAL A N   1 
ATOM   985  C  CA  . VAL A 1 139 ? -4.893  3.181   3.151   1.00 14.72 ? 136  VAL A CA  1 
ATOM   986  C  C   . VAL A 1 139 ? -5.938  4.285   3.019   1.00 15.12 ? 136  VAL A C   1 
ATOM   987  O  O   . VAL A 1 139 ? -7.099  3.996   3.267   1.00 17.25 ? 136  VAL A O   1 
ATOM   988  C  CB  . VAL A 1 139 ? -5.193  2.045   2.145   1.00 15.51 ? 136  VAL A CB  1 
ATOM   989  C  CG1 . VAL A 1 139 ? -5.080  2.586   0.719   1.00 14.97 ? 136  VAL A CG1 1 
ATOM   990  C  CG2 . VAL A 1 139 ? -4.182  0.873   2.286   1.00 12.13 ? 136  VAL A CG2 1 
ATOM   991  N  N   . ILE A 1 140 ? -5.570  5.508   2.690   1.00 13.07 ? 137  ILE A N   1 
ATOM   992  C  CA  . ILE A 1 140 ? -6.447  6.634   2.479   1.00 13.84 ? 137  ILE A CA  1 
ATOM   993  C  C   . ILE A 1 140 ? -6.792  6.696   0.985   1.00 14.34 ? 137  ILE A C   1 
ATOM   994  O  O   . ILE A 1 140 ? -5.897  6.512   0.164   1.00 15.58 ? 137  ILE A O   1 
ATOM   995  C  CB  . ILE A 1 140 ? -5.752  7.943   2.907   1.00 14.35 ? 137  ILE A CB  1 
ATOM   996  C  CG1 . ILE A 1 140 ? -5.757  8.030   4.455   1.00 15.48 ? 137  ILE A CG1 1 
ATOM   997  C  CG2 . ILE A 1 140 ? -6.489  9.204   2.461   1.00 14.82 ? 137  ILE A CG2 1 
ATOM   998  C  CD1 . ILE A 1 140 ? -4.687  9.027   4.995   1.00 15.75 ? 137  ILE A CD1 1 
ATOM   999  N  N   . LEU A 1 141 ? -8.051  6.899   0.655   1.00 11.32 ? 138  LEU A N   1 
ATOM   1000 C  CA  . LEU A 1 141 ? -8.457  7.009   -0.741  1.00 10.18 ? 138  LEU A CA  1 
ATOM   1001 C  C   . LEU A 1 141 ? -8.770  8.442   -1.133  1.00 16.65 ? 138  LEU A C   1 
ATOM   1002 O  O   . LEU A 1 141 ? -9.196  9.302   -0.358  1.00 15.01 ? 138  LEU A O   1 
ATOM   1003 C  CB  . LEU A 1 141 ? -9.769  6.194   -0.963  1.00 13.88 ? 138  LEU A CB  1 
ATOM   1004 C  CG  . LEU A 1 141 ? -9.675  4.687   -0.812  1.00 20.79 ? 138  LEU A CG  1 
ATOM   1005 C  CD1 . LEU A 1 141 ? -11.061 4.044   -0.978  1.00 20.21 ? 138  LEU A CD1 1 
ATOM   1006 C  CD2 . LEU A 1 141 ? -8.643  4.112   -1.777  1.00 20.08 ? 138  LEU A CD2 1 
ATOM   1007 N  N   . GLY A 1 142 ? -8.554  8.678   -2.438  1.00 16.64 ? 139  GLY A N   1 
ATOM   1008 C  CA  . GLY A 1 142 ? -8.821  9.957   -3.050  1.00 15.66 ? 139  GLY A CA  1 
ATOM   1009 C  C   . GLY A 1 142 ? -9.711  9.741   -4.300  1.00 17.95 ? 139  GLY A C   1 
ATOM   1010 O  O   . GLY A 1 142 ? -9.339  8.793   -5.012  1.00 17.55 ? 139  GLY A O   1 
ATOM   1011 N  N   . VAL A 1 143 ? -10.632 10.630  -4.617  1.00 17.96 ? 140  VAL A N   1 
ATOM   1012 C  CA  . VAL A 1 143 ? -11.374 10.446  -5.864  1.00 21.34 ? 140  VAL A CA  1 
ATOM   1013 C  C   . VAL A 1 143 ? -11.344 11.812  -6.568  1.00 26.50 ? 140  VAL A C   1 
ATOM   1014 O  O   . VAL A 1 143 ? -11.393 12.847  -5.879  1.00 23.54 ? 140  VAL A O   1 
ATOM   1015 C  CB  . VAL A 1 143 ? -12.813 9.965   -5.686  1.00 28.09 ? 140  VAL A CB  1 
ATOM   1016 C  CG1 . VAL A 1 143 ? -12.963 8.598   -5.031  1.00 26.75 ? 140  VAL A CG1 1 
ATOM   1017 C  CG2 . VAL A 1 143 ? -13.626 10.975  -4.878  1.00 22.64 ? 140  VAL A CG2 1 
ATOM   1018 N  N   . PRO A 1 144 ? -11.117 11.762  -7.878  1.00 28.84 ? 141  PRO A N   1 
ATOM   1019 C  CA  . PRO A 1 144 ? -11.054 12.978  -8.667  1.00 32.80 ? 141  PRO A CA  1 
ATOM   1020 C  C   . PRO A 1 144 ? -12.405 13.670  -8.601  1.00 34.66 ? 141  PRO A C   1 
ATOM   1021 O  O   . PRO A 1 144 ? -13.425 13.001  -8.442  1.00 31.89 ? 141  PRO A O   1 
ATOM   1022 C  CB  . PRO A 1 144 ? -10.670 12.503  -10.060 1.00 31.85 ? 141  PRO A CB  1 
ATOM   1023 C  CG  . PRO A 1 144 ? -10.973 11.052  -10.119 1.00 32.63 ? 141  PRO A CG  1 
ATOM   1024 C  CD  . PRO A 1 144 ? -10.975 10.541  -8.703  1.00 30.77 ? 141  PRO A CD  1 
ATOM   1025 N  N   . ALA A 1 145 ? -12.454 14.988  -8.684  1.00 40.10 ? 142  ALA A N   1 
ATOM   1026 C  CA  . ALA A 1 145 ? -13.728 15.710  -8.630  1.00 47.10 ? 142  ALA A CA  1 
ATOM   1027 C  C   . ALA A 1 145 ? -14.198 16.042  -10.046 1.00 51.09 ? 142  ALA A C   1 
ATOM   1028 O  O   . ALA A 1 145 ? -13.372 16.671  -10.755 1.00 54.81 ? 142  ALA A O   1 
ATOM   1029 C  CB  . ALA A 1 145 ? -13.610 16.967  -7.791  1.00 49.77 ? 142  ALA A CB  1 
ATOM   1030 O  OXT . ALA A 1 145 ? -15.320 15.678  -10.444 1.00 56.87 ? 142  ALA A OXT 1 
HETATM 1031 MO MO  . MOO B 2 .   ? 15.911  9.899   11.453  0.33 21.07 ? 1143 MOO A MO  1 
HETATM 1032 O  O1  . MOO B 2 .   ? 14.250  9.318   11.569  0.33 32.05 ? 1143 MOO A O1  1 
HETATM 1033 O  O2  . MOO B 2 .   ? 16.099  11.019  10.168  1.00 34.58 ? 1143 MOO A O2  1 
HETATM 1034 MO MO  . MOO C 2 .   ? 9.829   -1.032  12.396  1.00 27.00 ? 1144 MOO A MO  1 
HETATM 1035 O  O1  . MOO C 2 .   ? 8.970   -2.022  11.202  1.00 23.48 ? 1144 MOO A O1  1 
HETATM 1036 O  O2  . MOO C 2 .   ? 9.460   0.690   12.113  1.00 26.82 ? 1144 MOO A O2  1 
HETATM 1037 O  O3  . MOO C 2 .   ? 9.198   -1.313  14.060  1.00 21.64 ? 1144 MOO A O3  1 
HETATM 1038 O  O4  . MOO C 2 .   ? 11.580  -1.295  12.282  1.00 16.56 ? 1144 MOO A O4  1 
HETATM 1039 P  P   . PO4 D 3 .   ? -7.013  -4.858  7.956   1.00 23.97 ? 1145 PO4 A P   1 
HETATM 1040 O  O1  . PO4 D 3 .   ? -7.541  -3.398  7.987   1.00 20.62 ? 1145 PO4 A O1  1 
HETATM 1041 O  O2  . PO4 D 3 .   ? -6.818  -5.536  9.260   1.00 27.98 ? 1145 PO4 A O2  1 
HETATM 1042 O  O3  . PO4 D 3 .   ? -8.185  -5.688  7.256   1.00 27.04 ? 1145 PO4 A O3  1 
HETATM 1043 O  O4  . PO4 D 3 .   ? -5.907  -5.139  6.926   1.00 15.80 ? 1145 PO4 A O4  1 
HETATM 1044 P  P   . PO4 E 3 .   ? -9.089  -3.348  11.354  1.00 34.59 ? 1146 PO4 A P   1 
HETATM 1045 O  O1  . PO4 E 3 .   ? -10.365 -3.576  12.179  1.00 41.30 ? 1146 PO4 A O1  1 
HETATM 1046 O  O2  . PO4 E 3 .   ? -9.335  -3.226  9.833   1.00 32.66 ? 1146 PO4 A O2  1 
HETATM 1047 O  O3  . PO4 E 3 .   ? -8.342  -2.103  11.875  1.00 35.61 ? 1146 PO4 A O3  1 
HETATM 1048 O  O4  . PO4 E 3 .   ? -8.171  -4.601  11.564  1.00 34.54 ? 1146 PO4 A O4  1 
HETATM 1049 O  O   . HOH F 4 .   ? 5.272   16.194  -6.491  1.00 50.28 ? 2001 HOH A O   1 
HETATM 1050 O  O   . HOH F 4 .   ? -5.161  19.439  -13.485 1.00 41.77 ? 2002 HOH A O   1 
HETATM 1051 O  O   . HOH F 4 .   ? 0.530   12.245  -6.739  1.00 35.85 ? 2003 HOH A O   1 
HETATM 1052 O  O   . HOH F 4 .   ? -2.778  13.321  -9.083  1.00 40.13 ? 2004 HOH A O   1 
HETATM 1053 O  O   . HOH F 4 .   ? 1.224   22.848  -8.100  1.00 47.38 ? 2005 HOH A O   1 
HETATM 1054 O  O   . HOH F 4 .   ? 2.496   13.646  -4.234  1.00 20.92 ? 2006 HOH A O   1 
HETATM 1055 O  O   . HOH F 4 .   ? 3.868   11.651  -3.180  1.00 21.26 ? 2007 HOH A O   1 
HETATM 1056 O  O   . HOH F 4 .   ? 7.758   8.200   -3.391  1.00 30.85 ? 2008 HOH A O   1 
HETATM 1057 O  O   . HOH F 4 .   ? 5.306   4.241   -4.096  1.00 24.19 ? 2009 HOH A O   1 
HETATM 1058 O  O   . HOH F 4 .   ? 3.833   6.185   -5.445  1.00 25.75 ? 2010 HOH A O   1 
HETATM 1059 O  O   . HOH F 4 .   ? 4.095   8.679   -5.304  1.00 49.51 ? 2011 HOH A O   1 
HETATM 1060 O  O   . HOH F 4 .   ? -13.596 -2.697  -12.010 1.00 48.25 ? 2012 HOH A O   1 
HETATM 1061 O  O   . HOH F 4 .   ? -11.494 -7.754  -6.727  1.00 36.07 ? 2013 HOH A O   1 
HETATM 1062 O  O   . HOH F 4 .   ? -22.606 3.409   -2.054  1.00 24.14 ? 2014 HOH A O   1 
HETATM 1063 O  O   . HOH F 4 .   ? -20.170 -6.333  2.706   1.00 48.06 ? 2015 HOH A O   1 
HETATM 1064 O  O   . HOH F 4 .   ? -25.684 1.471   8.317   1.00 43.31 ? 2016 HOH A O   1 
HETATM 1065 O  O   . HOH F 4 .   ? -18.962 4.263   10.174  1.00 25.76 ? 2017 HOH A O   1 
HETATM 1066 O  O   . HOH F 4 .   ? -10.856 -7.930  4.792   1.00 51.22 ? 2018 HOH A O   1 
HETATM 1067 O  O   . HOH F 4 .   ? 2.325   -21.623 18.047  1.00 45.40 ? 2019 HOH A O   1 
HETATM 1068 O  O   . HOH F 4 .   ? 2.722   -14.701 3.351   1.00 38.04 ? 2020 HOH A O   1 
HETATM 1069 O  O   . HOH F 4 .   ? -16.410 9.652   7.015   1.00 34.37 ? 2021 HOH A O   1 
HETATM 1070 O  O   . HOH F 4 .   ? -19.917 6.158   8.321   1.00 22.97 ? 2022 HOH A O   1 
HETATM 1071 O  O   . HOH F 4 .   ? -14.972 11.356  3.025   1.00 36.77 ? 2023 HOH A O   1 
HETATM 1072 O  O   . HOH F 4 .   ? -25.984 4.772   4.911   1.00 38.41 ? 2024 HOH A O   1 
HETATM 1073 O  O   . HOH F 4 .   ? -21.112 12.798  -3.085  1.00 48.82 ? 2025 HOH A O   1 
HETATM 1074 O  O   . HOH F 4 .   ? -15.940 8.437   -7.477  1.00 34.22 ? 2026 HOH A O   1 
HETATM 1075 O  O   . HOH F 4 .   ? -17.545 11.589  -9.096  1.00 52.84 ? 2027 HOH A O   1 
HETATM 1076 O  O   . HOH F 4 .   ? -21.163 4.961   -3.373  1.00 20.92 ? 2028 HOH A O   1 
HETATM 1077 O  O   . HOH F 4 .   ? -14.719 4.081   -6.751  1.00 32.80 ? 2029 HOH A O   1 
HETATM 1078 O  O   . HOH F 4 .   ? -13.634 6.932   -12.817 1.00 36.26 ? 2030 HOH A O   1 
HETATM 1079 O  O   . HOH F 4 .   ? -6.573  6.904   -10.760 1.00 33.76 ? 2031 HOH A O   1 
HETATM 1080 O  O   . HOH F 4 .   ? 15.468  -12.401 6.039   1.00 26.15 ? 2032 HOH A O   1 
HETATM 1081 O  O   . HOH F 4 .   ? 1.422   -14.266 5.818   1.00 25.91 ? 2033 HOH A O   1 
HETATM 1082 O  O   . HOH F 4 .   ? 2.709   -18.983 17.603  1.00 41.83 ? 2034 HOH A O   1 
HETATM 1083 O  O   . HOH F 4 .   ? -1.578  -13.795 5.602   1.00 39.54 ? 2035 HOH A O   1 
HETATM 1084 O  O   . HOH F 4 .   ? -7.651  -8.599  6.791   1.00 24.91 ? 2036 HOH A O   1 
HETATM 1085 O  O   . HOH F 4 .   ? -5.097  -6.429  11.210  1.00 22.16 ? 2037 HOH A O   1 
HETATM 1086 O  O   . HOH F 4 .   ? -3.159  -11.523 4.985   1.00 24.90 ? 2038 HOH A O   1 
HETATM 1087 O  O   . HOH F 4 .   ? -4.015  -7.049  -1.305  1.00 28.15 ? 2039 HOH A O   1 
HETATM 1088 O  O   . HOH F 4 .   ? -2.419  -9.150  -0.614  1.00 26.20 ? 2040 HOH A O   1 
HETATM 1089 O  O   . HOH F 4 .   ? -1.147  -10.210 -2.805  1.00 49.12 ? 2041 HOH A O   1 
HETATM 1090 O  O   . HOH F 4 .   ? 4.220   -14.019 -4.711  1.00 53.65 ? 2042 HOH A O   1 
HETATM 1091 O  O   . HOH F 4 .   ? 14.932  -5.912  -7.944  1.00 49.01 ? 2043 HOH A O   1 
HETATM 1092 O  O   . HOH F 4 .   ? 14.582  3.891   -6.305  1.00 43.21 ? 2044 HOH A O   1 
HETATM 1093 O  O   . HOH F 4 .   ? 20.090  10.733  2.793   1.00 33.78 ? 2045 HOH A O   1 
HETATM 1094 O  O   . HOH F 4 .   ? 19.468  0.680   6.404   1.00 19.26 ? 2046 HOH A O   1 
HETATM 1095 O  O   . HOH F 4 .   ? 20.611  9.740   5.659   1.00 39.20 ? 2047 HOH A O   1 
HETATM 1096 O  O   . HOH F 4 .   ? 23.413  5.266   10.432  1.00 32.56 ? 2048 HOH A O   1 
HETATM 1097 O  O   . HOH F 4 .   ? 11.700  8.729   -1.016  1.00 33.38 ? 2049 HOH A O   1 
HETATM 1098 O  O   . HOH F 4 .   ? 14.577  6.595   -0.766  1.00 28.35 ? 2050 HOH A O   1 
HETATM 1099 O  O   . HOH F 4 .   ? 14.163  3.873   -0.692  1.00 19.44 ? 2051 HOH A O   1 
HETATM 1100 O  O   . HOH F 4 .   ? 9.433   4.890   -5.860  1.00 44.50 ? 2052 HOH A O   1 
HETATM 1101 O  O   . HOH F 4 .   ? 5.052   3.005   -8.566  1.00 38.74 ? 2053 HOH A O   1 
HETATM 1102 O  O   . HOH F 4 .   ? 7.687   4.371   -3.885  1.00 29.22 ? 2054 HOH A O   1 
HETATM 1103 O  O   . HOH F 4 .   ? 10.124  7.039   -2.193  1.00 36.09 ? 2055 HOH A O   1 
HETATM 1104 O  O   . HOH F 4 .   ? 20.923  -1.388  8.269   1.00 12.93 ? 2056 HOH A O   1 
HETATM 1105 O  O   . HOH F 4 .   ? 20.773  -4.584  14.148  1.00 92.97 ? 2057 HOH A O   1 
HETATM 1106 O  O   . HOH F 4 .   ? 21.040  -10.528 9.775   1.00 55.80 ? 2058 HOH A O   1 
HETATM 1107 O  O   . HOH F 4 .   ? 22.327  -7.586  6.911   1.00 24.56 ? 2059 HOH A O   1 
HETATM 1108 O  O   . HOH F 4 .   ? 13.813  -8.322  12.233  1.00 36.53 ? 2060 HOH A O   1 
HETATM 1109 O  O   . HOH F 4 .   ? 17.832  -12.886 7.794   1.00 54.12 ? 2061 HOH A O   1 
HETATM 1110 O  O   . HOH F 4 .   ? 16.735  -10.252 2.890   1.00 28.74 ? 2062 HOH A O   1 
HETATM 1111 O  O   . HOH F 4 .   ? 21.726  -10.309 3.053   1.00 40.62 ? 2063 HOH A O   1 
HETATM 1112 O  O   . HOH F 4 .   ? 18.765  -11.602 1.636   1.00 33.29 ? 2064 HOH A O   1 
HETATM 1113 O  O   . HOH F 4 .   ? 21.074  -5.543  5.299   1.00 17.78 ? 2065 HOH A O   1 
HETATM 1114 O  O   . HOH F 4 .   ? 22.558  -7.057  -4.691  1.00 16.05 ? 2066 HOH A O   1 
HETATM 1115 O  O   . HOH F 4 .   ? 15.284  -12.730 -4.330  1.00 28.21 ? 2067 HOH A O   1 
HETATM 1116 O  O   . HOH F 4 .   ? 16.029  -10.985 -7.490  1.00 32.59 ? 2068 HOH A O   1 
HETATM 1117 O  O   . HOH F 4 .   ? 15.925  -13.206 -0.852  1.00 25.43 ? 2069 HOH A O   1 
HETATM 1118 O  O   . HOH F 4 .   ? 14.847  -11.969 1.529   1.00 21.03 ? 2070 HOH A O   1 
HETATM 1119 O  O   . HOH F 4 .   ? -0.315  -0.933  8.172   1.00 19.64 ? 2071 HOH A O   1 
HETATM 1120 O  O   . HOH F 4 .   ? -3.624  5.280   8.681   1.00 31.92 ? 2072 HOH A O   1 
HETATM 1121 O  O   . HOH F 4 .   ? -8.813  4.601   5.231   1.00 21.63 ? 2073 HOH A O   1 
HETATM 1122 O  O   . HOH F 4 .   ? -14.666 10.693  -8.855  1.00 41.30 ? 2074 HOH A O   1 
HETATM 1123 O  O   . HOH F 4 .   ? 10.545  3.120   11.969  1.00 23.32 ? 2075 HOH A O   1 
HETATM 1124 O  O   . HOH F 4 .   ? -8.194  -7.714  10.249  1.00 17.07 ? 2076 HOH A O   1 
HETATM 1125 O  O   . HOH F 4 .   ? -9.808  -5.781  5.230   1.00 40.50 ? 2077 HOH A O   1 
# 
loop_
_atom_site_anisotrop.id 
_atom_site_anisotrop.type_symbol 
_atom_site_anisotrop.pdbx_label_atom_id 
_atom_site_anisotrop.pdbx_label_alt_id 
_atom_site_anisotrop.pdbx_label_comp_id 
_atom_site_anisotrop.pdbx_label_asym_id 
_atom_site_anisotrop.pdbx_label_seq_id 
_atom_site_anisotrop.pdbx_PDB_ins_code 
_atom_site_anisotrop.U[1][1] 
_atom_site_anisotrop.U[2][2] 
_atom_site_anisotrop.U[3][3] 
_atom_site_anisotrop.U[1][2] 
_atom_site_anisotrop.U[1][3] 
_atom_site_anisotrop.U[2][3] 
_atom_site_anisotrop.pdbx_auth_seq_id 
_atom_site_anisotrop.pdbx_auth_comp_id 
_atom_site_anisotrop.pdbx_auth_asym_id 
_atom_site_anisotrop.pdbx_auth_atom_id 
1031 MO MO . MOO B . ? 0.1730 0.2924 0.3353 0.0725  -0.0693 -0.1508 1143 MOO A MO 
1034 MO MO . MOO C . ? 0.2738 0.4148 0.3371 -0.0593 -0.0023 0.0298  1144 MOO A MO 
# 
